data_3RGB
#
_entry.id   3RGB
#
_cell.length_a   264.140
_cell.length_b   264.140
_cell.length_c   150.010
_cell.angle_alpha   90.00
_cell.angle_beta   90.00
_cell.angle_gamma   90.00
#
_symmetry.space_group_name_H-M   'P 42 21 2'
#
loop_
_entity.id
_entity.type
_entity.pdbx_description
1 polymer 'Methane monooxygenase subunit B2'
2 polymer 'Methane monooxygenase subunit A2'
3 polymer 'Methane monooxygenase subunit C2'
4 non-polymer 'COPPER (II) ION'
5 non-polymer 'ZINC ION'
6 non-polymer 'DINUCLEAR COPPER ION'
7 water water
#
loop_
_entity_poly.entity_id
_entity_poly.type
_entity_poly.pdbx_seq_one_letter_code
_entity_poly.pdbx_strand_id
1 'polypeptide(L)'
;MKTIKDRIAKWSAIGLLSAVAATAFYAPSASAHGEKSQAAFMRMRTIHWYDLSWSKEKVKINETVEIKGKFHVFEGWPET
VDEPDVAFLNVGMPGPVFIRKESYIGGQLVPRSVRLEIGKTYDFRVVLKARRPGDWHVHTMMNVQGGGPIIGPGKWITVE
GSMSEFRNPVTTLTGQTVDLENYNEGNTYFWHAFWFAIGVAWIGYWSRRPIFIPRLLMVDAGRADELVSATDRKVAMGFL
AATILIVVMAMSSANSKYPITIPLQAGTMRGMKPLELPAPTVSVKVEDATYRVPGRAMRMKLTITNHGNSPIRLGEFYTA
SVRFLDSDVYKDTTGYPEDLLAEDGLSVSDNSPLAPGETRTVDVTASDAAWEVYRLSDIIYDPDSRFAGLLFFFDATGNR
QVVQIDAPLIPSFM
;
A,E,I
2 'polypeptide(L)'
;MSAAQSAVRSHAEAVQVSRTIDWMALFVVFFVIVGSYHIHAMLTMGDWDFWSDWKDRRLWVTVTPIVLVTFPAAVQSYLW
ERYRLPWGATVCVLGLLLGEWINRYFNFWGWTYFPINFVFPASLVPGAIILDTVLMLSGSYLFTAIVGAMGWGLIFYPGN
WPIIAPLHVPVEYNGMLMSIADIQGYNYVRTGTPEYIRMVEKGTLRTFGKDVAPVSAFFSAFMSILIYFMWHFIGRWFSN
ERFLQST
;
B,J,F
3 'polypeptide(L)'
;MHETKQGGEKRFTGAICRCSHRYNSMEVKMAATTIGGAAAAEAPLLDKKWLTFALAIYTVFYLWVRWYEGVYGWSAGLDS
FAPEFETYWMNFLYTEIVLEIVTASILWGYLWKTRDRNLAALTPREELRRNFTHLVWLVAYAWAIYWGASYFTEQDGTWH
QTIVRDTDFTPSHIIEFYLSYPIYIITGFAAFIYAKTRLPFFAKGISLPYLVLVVGPFMILPNVGLNEWGHTFWFMEELF
VAPLHYGFVIFGWLALAVMGTLTQTFYSFAQGGLGQSLCEAVDEGLIAK
;
C,K,G
#
# COMPACT_ATOMS: atom_id res chain seq x y z
N HIS A 33 4.42 22.31 -27.34
CA HIS A 33 4.17 22.92 -26.00
C HIS A 33 4.07 21.91 -24.88
N GLY A 34 5.10 21.95 -24.03
CA GLY A 34 5.13 21.12 -22.87
C GLY A 34 6.37 20.27 -22.89
N GLU A 35 6.97 20.09 -24.06
CA GLU A 35 8.36 19.64 -24.07
C GLU A 35 9.11 20.84 -23.55
N LYS A 36 10.42 20.90 -23.63
CA LYS A 36 11.12 22.17 -23.30
C LYS A 36 11.31 22.30 -21.81
N SER A 37 10.21 22.24 -21.07
CA SER A 37 10.26 22.24 -19.64
C SER A 37 10.58 20.83 -19.12
N GLN A 38 10.34 19.77 -19.90
CA GLN A 38 10.63 18.44 -19.40
C GLN A 38 12.08 17.99 -19.66
N ALA A 39 12.60 17.23 -18.69
CA ALA A 39 14.01 16.83 -18.62
C ALA A 39 14.70 16.51 -19.97
N ALA A 40 15.81 17.19 -20.24
CA ALA A 40 16.41 17.08 -21.55
C ALA A 40 16.84 15.65 -21.94
N PHE A 41 17.18 14.83 -20.96
CA PHE A 41 17.70 13.51 -21.29
C PHE A 41 16.55 12.55 -21.50
N MET A 42 15.43 12.81 -20.81
CA MET A 42 14.16 12.04 -20.99
C MET A 42 13.75 12.15 -22.42
N ARG A 43 13.90 13.38 -22.94
CA ARG A 43 13.49 13.74 -24.28
C ARG A 43 14.47 13.15 -25.29
N MET A 44 15.73 13.00 -24.88
CA MET A 44 16.69 12.43 -25.82
C MET A 44 16.56 10.93 -25.92
N ARG A 45 16.37 10.28 -24.75
CA ARG A 45 16.43 8.82 -24.65
C ARG A 45 15.09 8.16 -24.34
N THR A 46 14.04 8.66 -24.95
CA THR A 46 12.83 7.99 -24.75
C THR A 46 12.22 7.45 -26.03
N ILE A 47 11.60 8.30 -26.84
CA ILE A 47 11.10 7.89 -28.16
C ILE A 47 11.71 8.79 -29.26
N HIS A 48 12.28 8.17 -30.29
CA HIS A 48 12.79 8.88 -31.44
C HIS A 48 11.78 8.88 -32.56
N TRP A 49 11.43 10.08 -33.03
CA TRP A 49 10.43 10.26 -34.09
C TRP A 49 11.15 10.70 -35.35
N TYR A 50 10.90 9.98 -36.44
CA TYR A 50 11.54 10.35 -37.71
C TYR A 50 10.67 9.92 -38.87
N ASP A 51 10.95 10.45 -40.07
CA ASP A 51 10.14 10.26 -41.29
C ASP A 51 8.74 10.79 -41.05
N LEU A 52 8.68 11.86 -40.26
CA LEU A 52 7.46 12.57 -40.01
C LEU A 52 6.99 13.27 -41.29
N SER A 53 5.67 13.30 -41.51
CA SER A 53 5.08 14.00 -42.68
C SER A 53 3.66 14.47 -42.41
N TRP A 54 3.30 15.63 -42.97
CA TRP A 54 2.01 16.24 -42.68
C TRP A 54 1.36 16.63 -43.99
N SER A 55 0.16 16.13 -44.26
CA SER A 55 -0.38 16.17 -45.60
C SER A 55 -0.73 17.57 -46.04
N LYS A 56 -0.91 18.46 -45.07
CA LYS A 56 -1.28 19.86 -45.35
C LYS A 56 -0.89 20.83 -44.23
N GLU A 57 -0.66 22.08 -44.59
CA GLU A 57 -0.19 23.06 -43.65
C GLU A 57 -1.31 24.05 -43.28
N LYS A 58 -2.35 24.06 -44.13
CA LYS A 58 -3.47 24.96 -44.03
C LYS A 58 -4.76 24.23 -44.46
N VAL A 59 -5.82 24.35 -43.70
CA VAL A 59 -6.94 23.45 -43.89
C VAL A 59 -8.27 24.06 -43.50
N LYS A 60 -9.32 23.71 -44.23
CA LYS A 60 -10.65 24.23 -43.94
C LYS A 60 -11.41 23.44 -42.89
N ILE A 61 -12.26 24.09 -42.10
CA ILE A 61 -13.11 23.39 -41.18
C ILE A 61 -13.62 22.14 -41.88
N ASN A 62 -13.78 21.03 -41.14
CA ASN A 62 -14.25 19.74 -41.67
C ASN A 62 -13.36 19.01 -42.63
N GLU A 63 -12.25 19.65 -43.01
CA GLU A 63 -11.23 18.98 -43.80
C GLU A 63 -10.31 18.10 -42.97
N THR A 64 -9.65 17.18 -43.65
CA THR A 64 -8.70 16.23 -43.06
C THR A 64 -7.24 16.67 -43.18
N VAL A 65 -6.43 16.34 -42.17
CA VAL A 65 -4.96 16.48 -42.27
C VAL A 65 -4.37 15.20 -41.72
N GLU A 66 -3.43 14.60 -42.43
CA GLU A 66 -2.94 13.31 -42.02
C GLU A 66 -1.47 13.36 -41.63
N ILE A 67 -1.19 12.92 -40.41
CA ILE A 67 0.16 12.85 -39.89
C ILE A 67 0.67 11.41 -40.00
N LYS A 68 1.86 11.25 -40.56
CA LYS A 68 2.51 9.95 -40.71
C LYS A 68 3.89 10.06 -40.13
N GLY A 69 4.54 8.90 -40.00
CA GLY A 69 5.90 8.84 -39.47
C GLY A 69 6.23 7.50 -38.84
N LYS A 70 7.33 7.47 -38.09
CA LYS A 70 7.90 6.28 -37.50
C LYS A 70 8.35 6.71 -36.16
N PHE A 71 8.38 5.78 -35.22
CA PHE A 71 9.01 6.06 -33.95
C PHE A 71 9.70 4.82 -33.45
N HIS A 72 10.84 5.02 -32.78
CA HIS A 72 11.63 3.95 -32.21
C HIS A 72 11.59 4.08 -30.68
N VAL A 73 11.25 3.03 -29.97
CA VAL A 73 11.42 3.12 -28.52
C VAL A 73 12.90 2.78 -28.17
N PHE A 74 13.55 3.76 -27.54
CA PHE A 74 14.98 3.70 -27.29
C PHE A 74 15.28 2.55 -26.35
N GLU A 75 16.33 1.82 -26.72
CA GLU A 75 16.70 0.59 -26.05
C GLU A 75 17.10 0.90 -24.63
N GLY A 76 17.67 2.08 -24.40
CA GLY A 76 18.14 2.45 -23.08
C GLY A 76 17.14 3.28 -22.33
N TRP A 77 15.86 3.01 -22.55
CA TRP A 77 14.74 3.63 -21.86
C TRP A 77 15.10 3.97 -20.40
N PRO A 78 14.80 5.19 -19.94
CA PRO A 78 15.22 5.54 -18.61
C PRO A 78 14.34 4.85 -17.56
N GLU A 79 14.63 5.13 -16.28
CA GLU A 79 14.37 4.17 -15.22
C GLU A 79 12.94 3.79 -14.74
N THR A 80 12.10 4.54 -14.02
CA THR A 80 11.70 5.97 -13.93
C THR A 80 10.78 6.44 -15.02
N VAL A 81 10.87 5.84 -16.19
CA VAL A 81 9.68 5.86 -17.01
C VAL A 81 9.26 4.42 -17.11
N ASP A 82 8.08 4.10 -16.60
CA ASP A 82 7.54 2.74 -16.71
C ASP A 82 7.72 2.30 -18.17
N GLU A 83 8.15 1.08 -18.41
CA GLU A 83 8.23 0.65 -19.79
C GLU A 83 6.83 0.84 -20.40
N PRO A 84 6.77 1.13 -21.71
CA PRO A 84 5.46 1.35 -22.36
C PRO A 84 4.60 0.08 -22.51
N ASP A 85 4.33 -0.59 -21.40
CA ASP A 85 3.49 -1.80 -21.40
C ASP A 85 2.04 -1.39 -21.78
N VAL A 86 1.68 -0.16 -21.38
CA VAL A 86 0.39 0.45 -21.64
C VAL A 86 0.67 1.90 -21.99
N ALA A 87 0.68 2.19 -23.29
CA ALA A 87 1.00 3.50 -23.84
C ALA A 87 -0.17 3.84 -24.70
N PHE A 88 -0.34 5.12 -25.02
CA PHE A 88 -1.43 5.56 -25.86
C PHE A 88 -0.96 6.58 -26.87
N LEU A 89 -1.36 6.38 -28.12
CA LEU A 89 -0.97 7.25 -29.23
C LEU A 89 -1.88 8.43 -29.33
N ASN A 90 -1.42 9.52 -28.73
CA ASN A 90 -2.18 10.73 -28.61
C ASN A 90 -1.81 11.80 -29.62
N VAL A 91 -2.46 12.95 -29.50
CA VAL A 91 -2.17 14.12 -30.32
C VAL A 91 -1.98 15.34 -29.40
N GLY A 92 -0.92 16.10 -29.70
CA GLY A 92 -0.56 17.28 -28.93
C GLY A 92 -1.11 18.56 -29.51
N MET A 93 -2.30 18.92 -29.04
CA MET A 93 -2.92 20.17 -29.42
C MET A 93 -3.69 20.79 -28.26
N PRO A 94 -4.01 22.11 -28.36
CA PRO A 94 -4.91 22.81 -27.42
C PRO A 94 -6.37 22.35 -27.45
N GLY A 95 -6.64 21.13 -27.01
CA GLY A 95 -7.99 20.60 -27.04
C GLY A 95 -8.43 20.17 -28.43
N PRO A 96 -9.75 20.09 -28.62
CA PRO A 96 -10.28 19.59 -29.88
C PRO A 96 -10.41 20.71 -30.89
N VAL A 97 -9.30 21.38 -31.15
CA VAL A 97 -9.20 22.20 -32.35
C VAL A 97 -9.21 21.30 -33.60
N PHE A 98 -8.81 20.06 -33.42
CA PHE A 98 -9.07 19.01 -34.40
C PHE A 98 -9.68 17.89 -33.61
N ILE A 99 -10.44 17.04 -34.27
CA ILE A 99 -10.82 15.78 -33.66
C ILE A 99 -10.04 14.69 -34.36
N ARG A 100 -9.64 13.66 -33.61
CA ARG A 100 -8.95 12.51 -34.15
C ARG A 100 -9.95 11.56 -34.71
N LYS A 101 -10.02 11.51 -36.02
CA LYS A 101 -10.91 10.60 -36.68
C LYS A 101 -10.32 9.18 -36.62
N GLU A 102 -9.03 9.04 -36.97
CA GLU A 102 -8.36 7.72 -36.99
C GLU A 102 -6.94 7.81 -36.49
N SER A 103 -6.45 6.69 -35.95
CA SER A 103 -5.03 6.57 -35.57
C SER A 103 -4.54 5.17 -35.80
N TYR A 104 -3.34 5.02 -36.33
CA TYR A 104 -2.83 3.71 -36.66
C TYR A 104 -1.39 3.49 -36.25
N ILE A 105 -1.11 2.43 -35.48
CA ILE A 105 0.28 1.98 -35.28
C ILE A 105 0.42 0.65 -35.95
N GLY A 106 1.45 0.48 -36.75
CA GLY A 106 1.47 -0.65 -37.67
C GLY A 106 0.23 -0.51 -38.54
N GLY A 107 -0.33 -1.63 -38.94
CA GLY A 107 -1.52 -1.57 -39.79
C GLY A 107 -2.82 -1.22 -39.09
N GLN A 108 -2.78 -1.37 -37.77
CA GLN A 108 -3.94 -1.55 -36.93
C GLN A 108 -4.43 -0.24 -36.39
N LEU A 109 -5.76 -0.11 -36.35
CA LEU A 109 -6.42 1.01 -35.69
C LEU A 109 -6.24 0.90 -34.18
N VAL A 110 -5.92 2.03 -33.56
CA VAL A 110 -5.44 2.08 -32.19
C VAL A 110 -6.29 2.99 -31.23
N PRO A 111 -7.61 2.70 -31.07
CA PRO A 111 -8.35 3.60 -30.20
C PRO A 111 -8.10 3.32 -28.74
N ARG A 112 -7.47 2.19 -28.43
CA ARG A 112 -7.20 1.85 -27.05
C ARG A 112 -5.77 2.22 -26.69
N SER A 113 -5.34 1.82 -25.49
CA SER A 113 -3.92 1.84 -25.21
C SER A 113 -3.26 0.63 -25.89
N VAL A 114 -1.96 0.67 -26.02
CA VAL A 114 -1.32 -0.37 -26.76
C VAL A 114 -0.01 -0.64 -26.12
N ARG A 115 0.44 -1.88 -26.24
CA ARG A 115 1.75 -2.27 -25.69
C ARG A 115 2.80 -2.24 -26.76
N LEU A 116 3.73 -1.32 -26.55
CA LEU A 116 4.87 -1.04 -27.40
C LEU A 116 6.03 -1.72 -26.77
N GLU A 117 6.99 -2.16 -27.58
CA GLU A 117 8.10 -2.92 -27.03
C GLU A 117 9.46 -2.34 -27.22
N ILE A 118 10.11 -2.07 -26.11
CA ILE A 118 11.44 -1.42 -26.11
C ILE A 118 12.39 -1.89 -27.22
N GLY A 119 13.14 -1.00 -27.86
CA GLY A 119 14.02 -1.42 -28.93
C GLY A 119 13.37 -1.37 -30.32
N LYS A 120 12.07 -1.67 -30.41
CA LYS A 120 11.36 -1.76 -31.70
C LYS A 120 11.05 -0.43 -32.36
N THR A 121 10.88 -0.44 -33.68
CA THR A 121 10.45 0.74 -34.46
C THR A 121 9.06 0.47 -35.07
N TYR A 122 8.18 1.47 -35.03
CA TYR A 122 6.83 1.33 -35.55
C TYR A 122 6.52 2.51 -36.46
N ASP A 123 5.52 2.33 -37.34
CA ASP A 123 5.01 3.40 -38.15
C ASP A 123 3.64 3.76 -37.64
N PHE A 124 3.37 5.03 -37.51
CA PHE A 124 2.07 5.47 -37.07
C PHE A 124 1.46 6.37 -38.10
N ARG A 125 0.18 6.64 -37.96
CA ARG A 125 -0.57 7.49 -38.86
C ARG A 125 -1.79 8.04 -38.06
N VAL A 126 -1.81 9.35 -37.82
CA VAL A 126 -2.94 9.98 -37.17
C VAL A 126 -3.69 10.73 -38.25
N VAL A 127 -5.03 10.71 -38.20
CA VAL A 127 -5.90 11.46 -39.14
C VAL A 127 -6.85 12.43 -38.41
N LEU A 128 -6.68 13.72 -38.69
CA LEU A 128 -7.32 14.75 -37.94
C LEU A 128 -8.29 15.48 -38.79
N LYS A 129 -9.47 15.78 -38.25
CA LYS A 129 -10.51 16.61 -38.88
C LYS A 129 -10.52 17.97 -38.16
N ALA A 130 -10.60 19.04 -38.92
CA ALA A 130 -10.44 20.33 -38.35
C ALA A 130 -11.77 20.83 -37.77
N ARG A 131 -11.70 21.55 -36.65
CA ARG A 131 -12.90 21.90 -35.93
C ARG A 131 -12.93 23.37 -35.45
N ARG A 132 -11.77 23.94 -35.16
CA ARG A 132 -11.72 25.30 -34.65
C ARG A 132 -10.75 26.19 -35.39
N PRO A 133 -11.22 27.34 -35.90
CA PRO A 133 -10.42 28.14 -36.80
C PRO A 133 -9.27 28.69 -36.02
N GLY A 134 -8.08 28.74 -36.60
CA GLY A 134 -6.92 29.23 -35.88
C GLY A 134 -5.58 28.67 -36.28
N ASP A 135 -4.59 28.93 -35.43
CA ASP A 135 -3.24 28.47 -35.65
C ASP A 135 -2.80 27.54 -34.56
N TRP A 136 -2.69 26.26 -34.91
CA TRP A 136 -2.44 25.27 -33.90
C TRP A 136 -1.07 24.62 -34.05
N HIS A 137 -0.40 24.39 -32.94
CA HIS A 137 0.88 23.71 -33.01
C HIS A 137 0.59 22.25 -32.70
N VAL A 138 0.43 21.43 -33.72
CA VAL A 138 0.06 20.06 -33.46
C VAL A 138 1.28 19.14 -33.32
N HIS A 139 1.31 18.36 -32.25
CA HIS A 139 2.38 17.42 -31.97
C HIS A 139 1.78 16.08 -32.03
N THR A 140 2.64 15.08 -32.06
CA THR A 140 2.23 13.68 -32.01
C THR A 140 2.89 13.19 -30.77
N MET A 141 2.12 12.67 -29.81
CA MET A 141 2.75 12.31 -28.58
C MET A 141 2.34 10.95 -28.17
N MET A 142 3.16 10.36 -27.30
CA MET A 142 2.91 9.09 -26.63
C MET A 142 2.52 9.32 -25.17
N ASN A 143 1.54 8.57 -24.68
CA ASN A 143 1.14 8.69 -23.30
C ASN A 143 1.52 7.43 -22.54
N VAL A 144 2.44 7.55 -21.59
CA VAL A 144 2.97 6.35 -21.00
C VAL A 144 2.58 6.15 -19.56
N GLN A 145 1.54 5.30 -19.39
CA GLN A 145 1.38 4.40 -18.21
C GLN A 145 1.86 5.03 -16.88
N GLY A 146 3.15 4.86 -16.57
CA GLY A 146 3.76 5.30 -15.30
C GLY A 146 4.67 6.48 -15.59
N GLY A 147 4.17 7.68 -15.23
CA GLY A 147 4.86 8.99 -15.43
C GLY A 147 5.30 9.35 -16.86
N GLY A 148 4.72 10.42 -17.42
CA GLY A 148 5.19 11.02 -18.69
C GLY A 148 4.18 11.03 -19.84
N PRO A 149 3.93 12.24 -20.43
CA PRO A 149 3.53 12.44 -21.84
C PRO A 149 4.83 12.67 -22.65
N ILE A 150 5.04 11.85 -23.69
CA ILE A 150 6.27 11.84 -24.47
C ILE A 150 5.96 12.58 -25.74
N ILE A 151 6.28 13.86 -25.78
CA ILE A 151 5.81 14.76 -26.83
C ILE A 151 6.77 14.85 -28.00
N GLY A 152 6.30 14.50 -29.19
CA GLY A 152 7.10 14.56 -30.42
C GLY A 152 7.30 15.97 -30.96
N PRO A 153 7.78 16.12 -32.22
CA PRO A 153 7.91 17.49 -32.73
C PRO A 153 6.52 18.05 -32.96
N GLY A 154 6.36 19.35 -32.75
CA GLY A 154 5.11 19.99 -33.12
C GLY A 154 5.23 20.83 -34.37
N LYS A 155 4.24 20.72 -35.28
CA LYS A 155 4.13 21.55 -36.48
C LYS A 155 2.89 22.47 -36.47
N TRP A 156 3.07 23.74 -36.82
CA TRP A 156 1.98 24.70 -36.92
C TRP A 156 1.02 24.41 -38.08
N ILE A 157 -0.25 24.17 -37.79
CA ILE A 157 -1.23 23.95 -38.88
C ILE A 157 -2.36 24.95 -38.71
N THR A 158 -2.82 25.55 -39.80
CA THR A 158 -3.83 26.60 -39.72
C THR A 158 -5.18 26.13 -40.21
N VAL A 159 -6.20 26.34 -39.37
CA VAL A 159 -7.58 26.05 -39.74
C VAL A 159 -8.35 27.32 -40.11
N GLU A 160 -8.90 27.37 -41.31
CA GLU A 160 -9.74 28.50 -41.75
C GLU A 160 -11.21 28.09 -41.74
N GLY A 161 -12.11 29.00 -41.44
CA GLY A 161 -13.55 28.68 -41.54
C GLY A 161 -14.34 29.03 -40.30
N SER A 162 -15.51 28.41 -40.14
CA SER A 162 -16.36 28.68 -38.94
C SER A 162 -16.66 27.46 -38.09
N MET A 163 -16.55 27.57 -36.78
CA MET A 163 -16.82 26.37 -35.97
C MET A 163 -18.25 25.88 -36.17
N SER A 164 -19.13 26.80 -36.46
CA SER A 164 -20.49 26.45 -36.79
C SER A 164 -20.60 25.54 -38.05
N GLU A 165 -19.54 25.40 -38.81
CA GLU A 165 -19.58 24.54 -39.98
C GLU A 165 -19.32 23.08 -39.61
N PHE A 166 -18.62 22.84 -38.50
CA PHE A 166 -18.14 21.51 -38.15
C PHE A 166 -19.27 20.51 -37.97
N ARG A 167 -19.12 19.36 -38.59
CA ARG A 167 -19.97 18.21 -38.34
C ARG A 167 -19.13 16.99 -37.91
N ASN A 168 -19.66 16.18 -36.99
CA ASN A 168 -19.05 14.89 -36.64
C ASN A 168 -20.10 13.80 -36.69
N PRO A 169 -20.43 13.36 -37.91
CA PRO A 169 -21.46 12.37 -38.14
C PRO A 169 -20.91 10.99 -37.89
N VAL A 170 -21.75 10.14 -37.31
CA VAL A 170 -21.41 8.74 -37.14
C VAL A 170 -22.65 7.85 -37.26
N THR A 171 -22.53 6.78 -38.06
CA THR A 171 -23.63 5.83 -38.27
C THR A 171 -23.52 4.63 -37.33
N THR A 172 -24.56 4.33 -36.56
CA THR A 172 -24.50 3.24 -35.58
C THR A 172 -24.82 1.90 -36.23
N LEU A 173 -24.47 0.82 -35.57
CA LEU A 173 -24.96 -0.51 -35.96
C LEU A 173 -26.45 -0.68 -35.67
N THR A 174 -27.07 0.42 -35.29
CA THR A 174 -28.46 0.41 -34.91
C THR A 174 -29.37 1.10 -35.95
N GLY A 175 -28.80 1.48 -37.08
CA GLY A 175 -29.57 2.19 -38.10
C GLY A 175 -29.26 3.67 -38.10
N GLN A 176 -29.52 4.35 -36.98
CA GLN A 176 -29.39 5.81 -36.94
C GLN A 176 -27.98 6.41 -37.17
N THR A 177 -27.96 7.60 -37.81
CA THR A 177 -26.77 8.41 -38.10
C THR A 177 -26.88 9.69 -37.29
N VAL A 178 -25.91 9.95 -36.42
CA VAL A 178 -26.02 11.06 -35.49
C VAL A 178 -24.83 12.00 -35.58
N ASP A 179 -24.97 13.18 -34.99
CA ASP A 179 -23.87 14.12 -35.03
C ASP A 179 -23.32 14.18 -33.64
N LEU A 180 -22.07 13.78 -33.50
CA LEU A 180 -21.46 13.66 -32.21
C LEU A 180 -21.28 14.98 -31.51
N GLU A 181 -21.28 16.05 -32.30
CA GLU A 181 -21.17 17.39 -31.78
C GLU A 181 -22.27 17.69 -30.81
N ASN A 182 -23.47 17.19 -31.11
CA ASN A 182 -24.65 17.56 -30.35
C ASN A 182 -25.52 16.41 -29.91
N TYR A 183 -25.19 15.19 -30.38
CA TYR A 183 -25.94 13.98 -30.00
C TYR A 183 -26.19 13.95 -28.50
N ASN A 184 -27.44 13.63 -28.16
CA ASN A 184 -27.86 13.37 -26.81
C ASN A 184 -27.72 14.63 -25.90
N GLU A 185 -27.56 15.80 -26.50
CA GLU A 185 -27.25 16.98 -25.71
C GLU A 185 -28.46 17.38 -24.91
N GLY A 186 -29.61 17.41 -25.60
CA GLY A 186 -30.87 17.90 -25.03
C GLY A 186 -31.31 16.96 -23.95
N ASN A 187 -31.11 15.68 -24.19
CA ASN A 187 -31.44 14.69 -23.20
C ASN A 187 -30.72 14.95 -21.89
N THR A 188 -29.39 15.09 -22.01
CA THR A 188 -28.50 15.30 -20.88
C THR A 188 -29.04 16.44 -20.08
N TYR A 189 -29.26 17.55 -20.79
CA TYR A 189 -29.77 18.74 -20.17
C TYR A 189 -31.10 18.56 -19.41
N PHE A 190 -32.07 17.94 -20.09
CA PHE A 190 -33.38 17.73 -19.50
C PHE A 190 -33.29 17.11 -18.13
N TRP A 191 -32.67 15.92 -18.11
CA TRP A 191 -32.57 15.09 -16.93
C TRP A 191 -31.85 15.77 -15.81
N HIS A 192 -30.87 16.62 -16.15
CA HIS A 192 -30.17 17.38 -15.12
C HIS A 192 -31.04 18.50 -14.58
N ALA A 193 -31.67 19.27 -15.48
CA ALA A 193 -32.62 20.28 -15.05
C ALA A 193 -33.74 19.69 -14.16
N PHE A 194 -34.34 18.60 -14.63
CA PHE A 194 -35.49 17.98 -13.99
C PHE A 194 -35.15 17.63 -12.56
N TRP A 195 -34.06 16.91 -12.41
CA TRP A 195 -33.60 16.49 -11.09
C TRP A 195 -33.18 17.70 -10.30
N PHE A 196 -32.55 18.67 -10.97
CA PHE A 196 -32.08 19.84 -10.26
C PHE A 196 -33.28 20.56 -9.71
N ALA A 197 -34.33 20.65 -10.53
CA ALA A 197 -35.49 21.39 -10.13
C ALA A 197 -36.07 20.75 -8.87
N ILE A 198 -36.21 19.41 -8.90
CA ILE A 198 -36.73 18.63 -7.77
C ILE A 198 -35.94 18.82 -6.49
N GLY A 199 -34.63 18.95 -6.61
CA GLY A 199 -33.82 19.31 -5.48
C GLY A 199 -34.24 20.66 -4.95
N VAL A 200 -34.47 21.61 -5.85
CA VAL A 200 -34.88 22.96 -5.46
C VAL A 200 -36.25 22.86 -4.86
N ALA A 201 -37.19 22.25 -5.60
CA ALA A 201 -38.54 21.98 -5.11
C ALA A 201 -38.56 21.52 -3.65
N TRP A 202 -37.64 20.62 -3.27
CA TRP A 202 -37.60 20.12 -1.90
C TRP A 202 -37.15 21.19 -0.91
N ILE A 203 -36.06 21.89 -1.19
CA ILE A 203 -35.63 22.94 -0.28
C ILE A 203 -36.63 24.08 -0.33
N GLY A 204 -37.16 24.34 -1.52
CA GLY A 204 -38.22 25.32 -1.72
C GLY A 204 -39.38 25.07 -0.79
N TYR A 205 -39.87 23.84 -0.75
CA TYR A 205 -41.04 23.51 0.07
C TYR A 205 -40.79 23.86 1.54
N TRP A 206 -39.59 23.57 2.03
CA TRP A 206 -39.27 23.85 3.41
C TRP A 206 -38.96 25.32 3.64
N SER A 207 -38.61 26.04 2.60
CA SER A 207 -38.16 27.39 2.81
C SER A 207 -39.24 28.45 2.63
N ARG A 208 -40.46 28.01 2.32
CA ARG A 208 -41.65 28.87 2.44
C ARG A 208 -41.70 29.36 3.88
N ARG A 209 -41.42 28.44 4.82
CA ARG A 209 -41.32 28.75 6.24
C ARG A 209 -39.99 29.42 6.58
N PRO A 210 -39.89 30.04 7.79
CA PRO A 210 -38.60 30.59 8.18
C PRO A 210 -37.60 29.47 8.46
N ILE A 211 -36.34 29.74 8.16
CA ILE A 211 -35.34 28.70 8.08
C ILE A 211 -34.48 28.57 9.33
N PHE A 212 -33.84 29.64 9.78
CA PHE A 212 -32.88 29.49 10.86
C PHE A 212 -33.28 29.90 12.27
N ILE A 213 -33.16 31.18 12.59
CA ILE A 213 -33.13 31.57 14.01
C ILE A 213 -34.34 31.21 14.91
N PRO A 214 -35.56 31.09 14.34
CA PRO A 214 -36.69 30.53 15.08
C PRO A 214 -36.64 29.02 15.24
N ARG A 215 -36.35 28.30 14.16
CA ARG A 215 -36.22 26.85 14.21
C ARG A 215 -35.08 26.37 15.10
N LEU A 216 -33.98 27.12 15.10
CA LEU A 216 -32.87 26.86 16.01
C LEU A 216 -33.28 26.94 17.48
N LEU A 217 -34.05 27.96 17.83
CA LEU A 217 -34.36 28.23 19.22
C LEU A 217 -35.42 27.29 19.75
N MET A 218 -36.35 26.96 18.87
CA MET A 218 -37.39 26.00 19.19
C MET A 218 -36.74 24.67 19.64
N VAL A 219 -35.81 24.15 18.84
CA VAL A 219 -35.01 22.98 19.20
C VAL A 219 -34.36 23.16 20.57
N ASP A 220 -33.82 24.35 20.83
CA ASP A 220 -33.08 24.61 22.06
C ASP A 220 -33.96 24.44 23.29
N ALA A 221 -34.38 25.54 23.91
CA ALA A 221 -35.35 25.42 25.02
C ALA A 221 -36.53 24.62 24.46
N GLY A 222 -36.95 23.59 25.20
CA GLY A 222 -38.05 22.72 24.77
C GLY A 222 -37.81 21.94 23.48
N ARG A 223 -38.75 21.05 23.17
CA ARG A 223 -38.64 20.14 22.06
C ARG A 223 -38.95 20.83 20.73
N ALA A 224 -38.35 20.26 19.68
CA ALA A 224 -38.57 20.59 18.26
C ALA A 224 -39.94 20.10 17.81
N ASP A 225 -39.95 18.96 17.08
CA ASP A 225 -41.16 18.19 16.73
C ASP A 225 -42.53 18.92 16.54
N GLU A 226 -42.60 20.20 16.90
CA GLU A 226 -43.70 21.04 16.46
C GLU A 226 -43.30 21.60 15.09
N LEU A 227 -42.00 21.55 14.80
CA LEU A 227 -41.45 22.07 13.55
C LEU A 227 -41.83 21.28 12.29
N VAL A 228 -42.09 20.00 12.47
CA VAL A 228 -42.46 19.10 11.38
C VAL A 228 -43.71 18.28 11.76
N SER A 229 -44.67 18.21 10.85
CA SER A 229 -45.66 17.15 10.95
C SER A 229 -46.51 17.10 9.70
N ALA A 230 -46.81 15.87 9.26
CA ALA A 230 -47.72 15.61 8.15
C ALA A 230 -48.79 16.63 8.36
N THR A 231 -49.12 17.43 7.34
CA THR A 231 -48.74 17.24 5.94
C THR A 231 -47.23 17.31 5.55
N ASP A 232 -46.35 17.67 6.47
CA ASP A 232 -44.93 17.63 6.14
C ASP A 232 -44.54 16.22 5.79
N ARG A 233 -44.75 15.28 6.69
CA ARG A 233 -44.30 13.92 6.44
C ARG A 233 -45.06 13.15 5.35
N LYS A 234 -46.20 13.66 4.90
CA LYS A 234 -46.84 13.13 3.71
C LYS A 234 -45.98 13.52 2.48
N VAL A 235 -45.67 14.82 2.35
CA VAL A 235 -44.77 15.35 1.29
C VAL A 235 -43.42 14.63 1.30
N ALA A 236 -42.91 14.33 2.50
CA ALA A 236 -41.63 13.66 2.61
C ALA A 236 -41.69 12.39 1.83
N MET A 237 -42.70 11.56 2.09
CA MET A 237 -42.80 10.27 1.40
C MET A 237 -43.37 10.40 0.00
N GLY A 238 -44.01 11.52 -0.24
CA GLY A 238 -44.44 11.85 -1.57
C GLY A 238 -43.19 11.87 -2.42
N PHE A 239 -42.25 12.73 -2.01
CA PHE A 239 -40.98 12.88 -2.68
C PHE A 239 -40.28 11.53 -2.78
N LEU A 240 -40.06 10.89 -1.64
CA LEU A 240 -39.36 9.60 -1.57
C LEU A 240 -39.94 8.58 -2.55
N ALA A 241 -41.24 8.34 -2.51
CA ALA A 241 -41.86 7.42 -3.46
C ALA A 241 -41.77 7.97 -4.89
N ALA A 242 -42.17 9.22 -5.11
CA ALA A 242 -42.06 9.82 -6.43
C ALA A 242 -40.67 9.60 -7.07
N THR A 243 -39.62 9.70 -6.27
CA THR A 243 -38.23 9.65 -6.76
C THR A 243 -37.86 8.27 -7.26
N ILE A 244 -38.07 7.26 -6.42
CA ILE A 244 -37.82 5.86 -6.77
C ILE A 244 -38.66 5.55 -7.98
N LEU A 245 -39.94 5.90 -7.90
CA LEU A 245 -40.81 5.71 -9.05
C LEU A 245 -40.21 6.27 -10.38
N ILE A 246 -39.95 7.58 -10.43
CA ILE A 246 -39.43 8.24 -11.64
C ILE A 246 -38.09 7.64 -12.10
N VAL A 247 -37.19 7.34 -11.17
CA VAL A 247 -35.96 6.67 -11.58
C VAL A 247 -36.23 5.39 -12.38
N VAL A 248 -37.03 4.47 -11.82
CA VAL A 248 -37.25 3.14 -12.45
C VAL A 248 -38.08 3.22 -13.75
N MET A 249 -39.09 4.08 -13.73
CA MET A 249 -39.89 4.38 -14.90
C MET A 249 -38.96 4.86 -16.01
N ALA A 250 -38.13 5.85 -15.68
CA ALA A 250 -37.19 6.50 -16.60
C ALA A 250 -36.20 5.54 -17.15
N MET A 251 -35.71 4.67 -16.28
CA MET A 251 -34.70 3.73 -16.66
C MET A 251 -35.23 2.73 -17.68
N SER A 252 -36.33 2.07 -17.34
CA SER A 252 -36.88 1.08 -18.27
C SER A 252 -37.64 1.77 -19.43
N SER A 253 -37.67 3.08 -19.40
CA SER A 253 -38.17 3.84 -20.51
C SER A 253 -36.98 4.14 -21.42
N ALA A 254 -35.85 4.42 -20.79
CA ALA A 254 -34.60 4.57 -21.50
C ALA A 254 -34.15 3.23 -22.07
N ASN A 255 -34.58 2.14 -21.44
CA ASN A 255 -34.31 0.82 -21.99
C ASN A 255 -35.20 0.43 -23.15
N SER A 256 -36.35 1.08 -23.25
CA SER A 256 -37.32 0.77 -24.30
C SER A 256 -36.89 1.39 -25.64
N LYS A 257 -36.68 2.71 -25.64
CA LYS A 257 -35.86 3.34 -26.65
C LYS A 257 -34.43 2.96 -26.29
N TYR A 258 -33.57 2.73 -27.28
CA TYR A 258 -32.19 2.23 -27.01
C TYR A 258 -32.17 0.81 -26.37
N PRO A 259 -32.80 -0.18 -27.03
CA PRO A 259 -32.73 -1.50 -26.43
C PRO A 259 -31.42 -2.20 -26.77
N ILE A 260 -30.67 -1.70 -27.75
CA ILE A 260 -29.40 -2.29 -28.06
C ILE A 260 -28.33 -1.38 -27.56
N THR A 261 -27.58 -1.85 -26.56
CA THR A 261 -26.43 -1.13 -25.96
C THR A 261 -25.25 -2.04 -25.52
N ILE A 262 -24.02 -1.57 -25.72
CA ILE A 262 -22.82 -2.28 -25.30
C ILE A 262 -22.12 -1.57 -24.13
N PRO A 263 -21.23 -2.28 -23.39
CA PRO A 263 -20.39 -1.56 -22.45
C PRO A 263 -19.22 -0.81 -23.12
N LEU A 264 -18.67 0.18 -22.41
CA LEU A 264 -17.49 0.92 -22.88
C LEU A 264 -16.49 -0.10 -23.30
N GLN A 265 -16.09 -0.04 -24.54
CA GLN A 265 -15.05 -0.90 -25.03
C GLN A 265 -13.73 -0.36 -24.50
N ALA A 266 -12.90 -1.22 -23.91
CA ALA A 266 -11.60 -0.82 -23.33
C ALA A 266 -10.62 -1.98 -23.27
N GLY A 267 -9.37 -1.66 -22.98
CA GLY A 267 -8.38 -2.71 -22.77
C GLY A 267 -7.25 -2.70 -23.78
N THR A 268 -6.04 -2.67 -23.23
CA THR A 268 -4.81 -2.50 -23.97
C THR A 268 -4.67 -3.49 -25.10
N MET A 269 -4.41 -2.99 -26.30
CA MET A 269 -4.14 -3.87 -27.43
C MET A 269 -2.71 -4.34 -27.40
N ARG A 270 -2.54 -5.66 -27.38
CA ARG A 270 -1.20 -6.25 -27.50
C ARG A 270 -0.89 -6.55 -28.96
N GLY A 271 0.23 -7.23 -29.21
CA GLY A 271 0.55 -7.65 -30.56
C GLY A 271 0.65 -6.54 -31.60
N MET A 272 1.18 -5.38 -31.22
CA MET A 272 1.48 -4.32 -32.19
C MET A 272 2.56 -4.77 -33.12
N LYS A 273 2.26 -4.69 -34.42
CA LYS A 273 3.17 -5.07 -35.49
C LYS A 273 4.33 -4.06 -35.59
N PRO A 274 5.57 -4.46 -35.24
CA PRO A 274 6.69 -3.55 -35.39
C PRO A 274 7.24 -3.60 -36.79
N LEU A 275 8.06 -2.63 -37.12
CA LEU A 275 8.60 -2.49 -38.48
C LEU A 275 9.85 -3.34 -38.65
N GLU A 276 9.96 -4.07 -39.76
CA GLU A 276 11.11 -4.96 -39.99
C GLU A 276 12.23 -4.21 -40.69
N LEU A 277 13.21 -3.79 -39.90
CA LEU A 277 14.32 -2.99 -40.40
C LEU A 277 15.52 -3.84 -40.81
N PRO A 278 16.13 -3.51 -41.97
CA PRO A 278 17.33 -4.21 -42.42
C PRO A 278 18.48 -3.84 -41.50
N ALA A 279 19.31 -4.81 -41.16
CA ALA A 279 20.47 -4.52 -40.34
C ALA A 279 21.31 -3.38 -40.97
N PRO A 280 21.69 -2.36 -40.15
CA PRO A 280 22.44 -1.24 -40.77
C PRO A 280 23.86 -1.64 -41.21
N THR A 281 24.35 -0.92 -42.18
CA THR A 281 25.55 -1.33 -42.87
C THR A 281 26.73 -0.56 -42.33
N VAL A 282 26.42 0.55 -41.68
CA VAL A 282 27.40 1.36 -40.99
C VAL A 282 27.30 1.04 -39.50
N SER A 283 28.43 1.09 -38.80
CA SER A 283 28.41 1.04 -37.33
C SER A 283 29.24 2.19 -36.80
N VAL A 284 28.73 2.90 -35.80
CA VAL A 284 29.51 4.00 -35.18
C VAL A 284 29.80 3.81 -33.70
N LYS A 285 30.86 4.45 -33.24
CA LYS A 285 31.34 4.29 -31.89
C LYS A 285 31.52 5.69 -31.30
N VAL A 286 30.86 6.00 -30.20
CA VAL A 286 30.98 7.35 -29.68
C VAL A 286 32.09 7.48 -28.62
N GLU A 287 33.25 8.02 -28.97
CA GLU A 287 34.30 8.24 -27.99
C GLU A 287 34.20 9.67 -27.47
N ASP A 288 33.99 9.90 -26.18
CA ASP A 288 33.66 11.28 -25.67
C ASP A 288 32.62 12.08 -26.52
N ALA A 289 31.81 12.85 -25.81
CA ALA A 289 30.81 13.72 -26.40
C ALA A 289 30.58 14.82 -25.37
N THR A 290 30.75 16.06 -25.80
CA THR A 290 30.82 17.18 -24.88
C THR A 290 29.90 18.31 -25.30
N TYR A 291 29.50 19.14 -24.35
CA TYR A 291 28.83 20.35 -24.74
C TYR A 291 29.35 21.53 -23.98
N ARG A 292 29.32 22.71 -24.62
CA ARG A 292 29.79 23.92 -23.96
C ARG A 292 28.69 24.48 -23.07
N VAL A 293 29.07 24.93 -21.88
CA VAL A 293 28.15 25.62 -20.97
C VAL A 293 28.67 27.03 -20.65
N PRO A 294 27.88 28.08 -21.03
CA PRO A 294 26.67 27.94 -21.86
C PRO A 294 27.03 27.91 -23.33
N GLY A 295 26.08 27.50 -24.18
CA GLY A 295 26.38 27.24 -25.59
C GLY A 295 25.16 26.79 -26.34
N ARG A 296 25.39 26.37 -27.59
CA ARG A 296 24.31 26.03 -28.53
C ARG A 296 24.75 24.86 -29.39
N ALA A 297 25.72 24.10 -28.87
CA ALA A 297 26.35 23.08 -29.66
C ALA A 297 26.93 21.99 -28.81
N MET A 298 26.84 20.79 -29.37
CA MET A 298 27.31 19.51 -28.81
C MET A 298 28.33 18.91 -29.78
N ARG A 299 29.54 18.60 -29.31
CA ARG A 299 30.57 17.98 -30.17
C ARG A 299 30.59 16.52 -29.82
N MET A 300 30.88 15.65 -30.77
CA MET A 300 31.11 14.24 -30.43
C MET A 300 32.14 13.62 -31.35
N LYS A 301 32.96 12.74 -30.84
CA LYS A 301 34.02 12.19 -31.66
C LYS A 301 33.61 10.79 -32.09
N LEU A 302 33.16 10.62 -33.33
CA LEU A 302 32.68 9.32 -33.78
C LEU A 302 33.72 8.58 -34.61
N THR A 303 33.81 7.26 -34.42
CA THR A 303 34.50 6.38 -35.38
C THR A 303 33.42 5.70 -36.24
N ILE A 304 33.16 6.31 -37.39
CA ILE A 304 32.30 5.74 -38.38
C ILE A 304 33.08 4.68 -39.16
N THR A 305 32.47 3.54 -39.38
CA THR A 305 33.16 2.49 -40.11
C THR A 305 32.19 1.78 -41.04
N ASN A 306 32.42 1.95 -42.33
CA ASN A 306 31.44 1.60 -43.36
C ASN A 306 31.63 0.19 -43.87
N HIS A 307 30.89 -0.77 -43.28
CA HIS A 307 30.70 -2.12 -43.83
C HIS A 307 29.72 -1.97 -45.01
N GLY A 308 29.31 -3.04 -45.69
CA GLY A 308 28.45 -2.85 -46.91
C GLY A 308 29.11 -1.99 -48.01
N ASN A 309 28.53 -1.92 -49.20
CA ASN A 309 29.36 -1.61 -50.40
C ASN A 309 28.94 -0.48 -51.32
N SER A 310 29.06 0.74 -50.81
CA SER A 310 28.83 1.99 -51.55
C SER A 310 29.35 3.14 -50.65
N PRO A 311 30.14 4.06 -51.23
CA PRO A 311 30.74 5.15 -50.46
C PRO A 311 29.67 5.96 -49.75
N ILE A 312 29.82 6.08 -48.44
CA ILE A 312 28.80 6.60 -47.55
C ILE A 312 29.18 7.97 -46.99
N ARG A 313 28.18 8.84 -46.85
CA ARG A 313 28.37 10.10 -46.10
C ARG A 313 27.32 10.37 -45.05
N LEU A 314 27.68 11.17 -44.04
CA LEU A 314 26.77 11.45 -42.93
C LEU A 314 25.99 12.66 -43.28
N GLY A 315 24.66 12.57 -43.10
CA GLY A 315 23.72 13.61 -43.54
C GLY A 315 22.84 14.22 -42.47
N GLU A 316 22.71 13.56 -41.33
CA GLU A 316 21.85 14.07 -40.27
C GLU A 316 22.10 13.46 -38.92
N PHE A 317 21.98 14.27 -37.87
CA PHE A 317 21.92 13.75 -36.51
C PHE A 317 20.62 14.27 -35.93
N TYR A 318 19.78 13.35 -35.49
CA TYR A 318 18.50 13.69 -34.90
C TYR A 318 18.69 13.45 -33.44
N THR A 319 18.19 14.34 -32.59
CA THR A 319 18.46 14.15 -31.18
C THR A 319 17.26 14.23 -30.30
N ALA A 320 16.59 15.37 -30.27
CA ALA A 320 15.46 15.43 -29.35
C ALA A 320 14.39 16.16 -30.03
N SER A 321 13.90 15.58 -31.13
CA SER A 321 13.04 16.29 -32.10
C SER A 321 13.87 17.24 -32.99
N VAL A 322 14.97 17.80 -32.46
CA VAL A 322 15.83 18.71 -33.21
C VAL A 322 16.64 17.94 -34.28
N ARG A 323 16.58 18.35 -35.53
CA ARG A 323 17.30 17.63 -36.58
C ARG A 323 18.45 18.44 -37.10
N PHE A 324 19.69 17.96 -36.98
CA PHE A 324 20.84 18.72 -37.50
C PHE A 324 21.32 18.10 -38.79
N LEU A 325 21.34 18.87 -39.87
CA LEU A 325 21.78 18.34 -41.18
C LEU A 325 23.09 18.93 -41.70
N ASP A 326 23.86 18.11 -42.44
CA ASP A 326 24.88 18.61 -43.34
C ASP A 326 24.24 18.83 -44.70
N SER A 327 24.10 20.09 -45.09
CA SER A 327 23.43 20.44 -46.33
C SER A 327 24.35 20.22 -47.56
N ASP A 328 25.62 19.99 -47.29
CA ASP A 328 26.50 19.49 -48.32
C ASP A 328 26.05 18.05 -48.70
N VAL A 329 25.31 17.40 -47.81
CA VAL A 329 24.89 15.99 -47.94
C VAL A 329 23.39 15.70 -48.04
N TYR A 330 22.59 16.39 -47.23
CA TYR A 330 21.13 16.17 -47.23
C TYR A 330 20.26 17.43 -47.02
N LYS A 331 19.09 17.39 -47.62
CA LYS A 331 18.17 18.53 -47.61
C LYS A 331 16.74 18.04 -47.27
N ASP A 332 16.17 18.55 -46.18
CA ASP A 332 14.78 18.21 -45.86
C ASP A 332 13.83 18.71 -46.93
N THR A 333 12.85 17.92 -47.35
CA THR A 333 11.80 18.48 -48.17
C THR A 333 10.41 18.44 -47.49
N THR A 334 10.30 17.64 -46.43
CA THR A 334 9.00 17.38 -45.79
C THR A 334 8.36 18.59 -45.07
N GLY A 335 9.03 19.73 -45.10
CA GLY A 335 8.61 20.90 -44.34
C GLY A 335 8.66 20.72 -42.83
N TYR A 336 9.65 19.97 -42.34
CA TYR A 336 9.87 19.79 -40.89
C TYR A 336 9.81 21.15 -40.18
N PRO A 337 9.17 21.24 -39.01
CA PRO A 337 9.01 22.52 -38.31
C PRO A 337 10.26 23.37 -38.39
N GLU A 338 10.11 24.66 -38.69
CA GLU A 338 11.27 25.52 -39.01
C GLU A 338 12.17 25.76 -37.79
N ASP A 339 11.59 25.71 -36.58
CA ASP A 339 12.39 25.93 -35.35
C ASP A 339 13.19 24.73 -34.86
N LEU A 340 12.94 23.58 -35.48
CA LEU A 340 13.60 22.33 -35.13
C LEU A 340 14.55 21.81 -36.24
N LEU A 341 14.53 22.46 -37.40
CA LEU A 341 15.36 22.01 -38.49
C LEU A 341 16.60 22.88 -38.61
N ALA A 342 17.77 22.34 -38.34
CA ALA A 342 18.99 23.08 -38.50
C ALA A 342 19.63 22.76 -39.86
N GLU A 343 19.29 23.58 -40.83
CA GLU A 343 19.59 23.34 -42.23
C GLU A 343 21.05 22.91 -42.50
N ASP A 344 22.04 23.63 -42.00
CA ASP A 344 23.45 23.17 -42.05
C ASP A 344 23.98 23.15 -40.63
N GLY A 345 23.15 22.70 -39.71
CA GLY A 345 23.53 22.64 -38.32
C GLY A 345 24.67 21.68 -38.03
N LEU A 346 24.85 20.66 -38.88
CA LEU A 346 25.74 19.54 -38.56
C LEU A 346 27.01 19.67 -39.36
N SER A 347 28.14 19.80 -38.66
CA SER A 347 29.45 19.81 -39.34
C SER A 347 30.40 18.71 -38.88
N VAL A 348 30.87 17.99 -39.88
CA VAL A 348 31.79 16.87 -39.76
C VAL A 348 33.18 17.40 -40.09
N SER A 349 34.17 17.13 -39.23
CA SER A 349 35.58 17.46 -39.54
C SER A 349 36.03 16.96 -40.93
N ASP A 350 35.59 15.76 -41.34
CA ASP A 350 35.81 15.25 -42.70
C ASP A 350 34.58 14.49 -43.24
N ASN A 351 33.79 15.14 -44.09
CA ASN A 351 32.62 14.46 -44.61
C ASN A 351 32.72 14.09 -46.10
N SER A 352 33.91 13.64 -46.50
CA SER A 352 34.11 13.09 -47.81
C SER A 352 33.48 11.70 -47.82
N PRO A 353 33.24 11.12 -49.00
CA PRO A 353 32.72 9.77 -48.99
C PRO A 353 33.60 8.82 -48.16
N LEU A 354 32.99 8.06 -47.27
CA LEU A 354 33.68 7.00 -46.57
C LEU A 354 33.57 5.69 -47.34
N ALA A 355 34.67 5.30 -47.99
CA ALA A 355 34.73 4.14 -48.89
C ALA A 355 34.26 2.85 -48.18
N PRO A 356 33.72 1.86 -48.93
CA PRO A 356 33.36 0.62 -48.22
C PRO A 356 34.61 -0.11 -47.70
N GLY A 357 34.49 -0.74 -46.53
CA GLY A 357 35.64 -1.35 -45.88
C GLY A 357 36.46 -0.37 -45.03
N GLU A 358 36.46 0.88 -45.44
CA GLU A 358 37.13 1.91 -44.67
C GLU A 358 36.41 2.34 -43.39
N THR A 359 37.21 2.84 -42.47
CA THR A 359 36.72 3.18 -41.15
C THR A 359 37.51 4.38 -40.65
N ARG A 360 36.84 5.45 -40.22
CA ARG A 360 37.56 6.64 -39.74
C ARG A 360 36.97 7.30 -38.52
N THR A 361 37.81 8.06 -37.82
CA THR A 361 37.36 8.79 -36.66
C THR A 361 37.20 10.20 -37.13
N VAL A 362 36.15 10.85 -36.66
CA VAL A 362 35.74 12.12 -37.21
C VAL A 362 35.21 12.95 -36.06
N ASP A 363 35.39 14.27 -36.10
CA ASP A 363 34.80 15.13 -35.07
C ASP A 363 33.53 15.78 -35.60
N VAL A 364 32.41 15.58 -34.91
CA VAL A 364 31.13 16.08 -35.41
C VAL A 364 30.54 17.13 -34.47
N THR A 365 30.01 18.22 -35.03
CA THR A 365 29.40 19.22 -34.20
C THR A 365 27.99 19.57 -34.63
N ALA A 366 27.03 19.30 -33.72
CA ALA A 366 25.62 19.69 -33.90
C ALA A 366 25.39 20.99 -33.17
N SER A 367 24.92 21.97 -33.93
CA SER A 367 24.99 23.35 -33.54
C SER A 367 23.72 24.01 -34.09
N ASP A 368 22.97 24.70 -33.24
CA ASP A 368 21.84 25.49 -33.73
C ASP A 368 21.07 26.12 -32.60
N ALA A 369 20.38 27.22 -32.85
CA ALA A 369 19.80 27.90 -31.72
C ALA A 369 18.84 26.95 -31.01
N ALA A 370 18.30 25.99 -31.76
CA ALA A 370 17.26 25.09 -31.25
C ALA A 370 17.72 24.33 -30.02
N TRP A 371 19.04 24.25 -29.88
CA TRP A 371 19.71 23.53 -28.79
C TRP A 371 19.55 24.27 -27.49
N GLU A 372 19.45 25.56 -27.60
CA GLU A 372 19.16 26.39 -26.46
C GLU A 372 17.67 26.73 -26.39
N VAL A 373 16.97 26.70 -27.51
CA VAL A 373 15.59 27.18 -27.51
C VAL A 373 14.66 26.13 -26.96
N TYR A 374 15.01 24.87 -27.23
CA TYR A 374 14.24 23.71 -26.78
C TYR A 374 14.92 23.07 -25.59
N ARG A 375 15.93 23.79 -25.09
CA ARG A 375 16.55 23.57 -23.78
C ARG A 375 17.33 22.25 -23.63
N LEU A 376 17.74 21.63 -24.72
CA LEU A 376 18.61 20.47 -24.62
C LEU A 376 19.81 20.89 -23.75
N SER A 377 20.26 22.12 -23.92
CA SER A 377 21.18 22.73 -22.95
C SER A 377 20.80 22.58 -21.44
N ASP A 378 19.51 22.30 -21.17
CA ASP A 378 19.09 22.04 -19.81
C ASP A 378 19.41 20.62 -19.32
N ILE A 379 20.29 19.96 -20.07
CA ILE A 379 20.79 18.67 -19.62
C ILE A 379 21.70 18.86 -18.40
N ILE A 380 22.20 20.06 -18.21
CA ILE A 380 23.11 20.28 -17.11
C ILE A 380 22.40 20.20 -15.76
N TYR A 381 21.07 20.12 -15.77
CA TYR A 381 20.35 20.03 -14.51
C TYR A 381 19.83 18.63 -14.29
N ASP A 382 20.17 17.75 -15.22
CA ASP A 382 19.57 16.43 -15.21
C ASP A 382 20.48 15.54 -14.41
N PRO A 383 19.90 14.55 -13.72
CA PRO A 383 20.68 13.57 -12.96
C PRO A 383 21.33 12.46 -13.77
N ASP A 384 21.32 12.55 -15.09
CA ASP A 384 21.82 11.50 -15.96
C ASP A 384 22.29 12.11 -17.27
N SER A 385 23.52 12.65 -17.26
CA SER A 385 24.10 13.29 -18.45
C SER A 385 24.46 12.28 -19.53
N ARG A 386 23.45 11.65 -20.09
CA ARG A 386 23.66 10.79 -21.24
C ARG A 386 22.69 11.15 -22.38
N PHE A 387 23.21 11.22 -23.60
CA PHE A 387 22.38 11.56 -24.75
C PHE A 387 22.09 10.32 -25.59
N ALA A 388 21.30 10.52 -26.61
CA ALA A 388 20.88 9.45 -27.47
C ALA A 388 20.33 10.11 -28.72
N GLY A 389 20.73 9.61 -29.88
CA GLY A 389 20.16 10.13 -31.12
C GLY A 389 20.09 9.11 -32.23
N LEU A 390 19.77 9.57 -33.43
CA LEU A 390 19.85 8.80 -34.65
C LEU A 390 20.76 9.52 -35.62
N LEU A 391 21.72 8.81 -36.20
CA LEU A 391 22.50 9.31 -37.30
C LEU A 391 21.94 8.70 -38.58
N PHE A 392 21.92 9.51 -39.66
CA PHE A 392 21.46 9.08 -40.97
C PHE A 392 22.57 9.20 -42.01
N PHE A 393 22.90 8.07 -42.62
CA PHE A 393 23.99 8.04 -43.59
C PHE A 393 23.41 7.85 -44.97
N PHE A 394 24.05 8.45 -45.97
CA PHE A 394 23.59 8.32 -47.34
C PHE A 394 24.70 7.96 -48.28
N ASP A 395 24.40 6.95 -49.09
CA ASP A 395 25.32 6.53 -50.10
C ASP A 395 25.21 7.42 -51.34
N ALA A 396 25.95 7.06 -52.39
CA ALA A 396 26.04 7.85 -53.64
C ALA A 396 24.67 8.04 -54.38
N THR A 397 23.94 6.95 -54.57
CA THR A 397 22.63 6.96 -55.22
C THR A 397 21.51 7.35 -54.26
N GLY A 398 21.88 7.81 -53.07
CA GLY A 398 20.91 8.40 -52.12
C GLY A 398 19.98 7.49 -51.31
N ASN A 399 20.34 6.21 -51.14
CA ASN A 399 19.62 5.39 -50.14
C ASN A 399 20.37 5.28 -48.79
N ARG A 400 19.57 5.21 -47.72
CA ARG A 400 20.02 5.63 -46.39
C ARG A 400 20.12 4.52 -45.34
N GLN A 401 20.99 4.76 -44.37
CA GLN A 401 21.23 3.82 -43.30
C GLN A 401 21.03 4.61 -42.03
N VAL A 402 20.31 4.02 -41.07
CA VAL A 402 20.06 4.68 -39.80
C VAL A 402 20.81 3.93 -38.69
N VAL A 403 21.80 4.57 -38.07
CA VAL A 403 22.37 3.99 -36.87
C VAL A 403 21.98 4.87 -35.73
N GLN A 404 21.85 4.26 -34.56
CA GLN A 404 21.50 4.97 -33.35
C GLN A 404 22.68 5.05 -32.44
N ILE A 405 22.90 6.21 -31.87
CA ILE A 405 23.99 6.34 -30.95
C ILE A 405 23.44 6.78 -29.63
N ASP A 406 24.11 6.31 -28.58
CA ASP A 406 23.97 6.91 -27.28
C ASP A 406 25.26 6.76 -26.51
N ALA A 407 25.46 7.66 -25.55
CA ALA A 407 26.70 7.78 -24.83
C ALA A 407 26.54 8.80 -23.74
N PRO A 408 27.51 8.82 -22.80
CA PRO A 408 27.46 9.90 -21.85
C PRO A 408 27.85 11.18 -22.58
N LEU A 409 27.19 12.29 -22.24
CA LEU A 409 27.52 13.61 -22.75
C LEU A 409 28.05 14.46 -21.60
N ILE A 410 29.28 14.92 -21.73
CA ILE A 410 29.95 15.62 -20.63
C ILE A 410 30.07 17.14 -20.86
N PRO A 411 29.76 17.97 -19.83
CA PRO A 411 29.93 19.40 -19.95
C PRO A 411 31.38 19.83 -19.98
N SER A 412 31.64 20.97 -20.63
CA SER A 412 32.91 21.68 -20.48
C SER A 412 32.63 23.17 -20.29
N PHE A 413 33.23 23.74 -19.26
CA PHE A 413 32.94 25.10 -18.83
C PHE A 413 34.12 26.02 -19.07
N MET A 414 35.30 25.51 -18.72
CA MET A 414 36.53 26.27 -18.86
C MET A 414 37.21 26.04 -20.24
N ALA B 7 -33.37 47.41 21.13
CA ALA B 7 -33.61 46.59 19.90
C ALA B 7 -34.04 45.19 20.28
N VAL B 8 -35.00 44.61 19.52
CA VAL B 8 -35.65 45.30 18.41
C VAL B 8 -37.13 45.75 18.62
N ARG B 9 -37.54 46.80 17.89
CA ARG B 9 -38.80 47.53 18.08
C ARG B 9 -40.07 46.66 18.26
N SER B 10 -40.56 46.07 17.18
CA SER B 10 -41.70 45.18 17.26
C SER B 10 -41.33 43.76 16.87
N HIS B 11 -42.11 42.81 17.38
CA HIS B 11 -42.05 41.38 17.01
C HIS B 11 -42.53 41.15 15.58
N ALA B 12 -42.55 42.20 14.77
CA ALA B 12 -42.96 42.08 13.38
C ALA B 12 -41.77 42.45 12.55
N GLU B 13 -40.96 43.35 13.10
CA GLU B 13 -39.68 43.71 12.50
C GLU B 13 -38.71 42.60 12.80
N ALA B 14 -38.96 41.95 13.94
CA ALA B 14 -38.20 40.80 14.36
C ALA B 14 -38.36 39.67 13.37
N VAL B 15 -39.55 39.56 12.80
CA VAL B 15 -39.77 38.61 11.72
C VAL B 15 -38.94 38.98 10.48
N GLN B 16 -38.84 40.28 10.21
CA GLN B 16 -38.13 40.78 9.04
C GLN B 16 -36.64 40.59 9.11
N VAL B 17 -36.09 40.67 10.32
CA VAL B 17 -34.65 40.49 10.46
C VAL B 17 -34.32 39.00 10.28
N SER B 18 -35.04 38.15 11.01
CA SER B 18 -34.87 36.68 10.91
C SER B 18 -35.06 36.20 9.48
N ARG B 19 -35.85 36.91 8.69
CA ARG B 19 -36.03 36.56 7.31
C ARG B 19 -34.82 37.01 6.49
N THR B 20 -34.50 38.30 6.53
CA THR B 20 -33.32 38.78 5.80
C THR B 20 -32.04 38.12 6.31
N ILE B 21 -32.10 37.49 7.48
CA ILE B 21 -31.01 36.65 7.91
C ILE B 21 -31.09 35.34 7.16
N ASP B 22 -32.23 34.67 7.18
CA ASP B 22 -32.39 33.39 6.49
C ASP B 22 -31.74 33.43 5.12
N TRP B 23 -32.07 34.43 4.31
CA TRP B 23 -31.49 34.53 2.98
C TRP B 23 -29.98 34.65 3.06
N MET B 24 -29.46 35.63 3.79
CA MET B 24 -28.00 35.81 3.85
C MET B 24 -27.24 34.54 4.27
N ALA B 25 -27.72 33.89 5.35
CA ALA B 25 -27.13 32.65 5.89
C ALA B 25 -27.13 31.55 4.87
N LEU B 26 -28.29 31.36 4.24
CA LEU B 26 -28.44 30.36 3.17
C LEU B 26 -27.38 30.55 2.10
N PHE B 27 -27.14 31.78 1.71
CA PHE B 27 -26.15 32.07 0.71
C PHE B 27 -24.80 31.62 1.19
N VAL B 28 -24.48 31.91 2.46
CA VAL B 28 -23.18 31.53 3.04
C VAL B 28 -23.07 30.02 3.03
N VAL B 29 -23.91 29.39 3.84
CA VAL B 29 -23.98 27.95 3.90
C VAL B 29 -23.84 27.32 2.52
N PHE B 30 -24.48 27.90 1.50
CA PHE B 30 -24.61 27.24 0.22
C PHE B 30 -23.36 27.35 -0.54
N PHE B 31 -22.77 28.54 -0.62
CA PHE B 31 -21.57 28.66 -1.41
C PHE B 31 -20.35 28.13 -0.71
N VAL B 32 -20.33 28.19 0.61
CA VAL B 32 -19.23 27.59 1.37
C VAL B 32 -19.24 26.08 1.19
N ILE B 33 -20.43 25.50 1.06
CA ILE B 33 -20.55 24.11 0.64
C ILE B 33 -20.05 23.95 -0.78
N VAL B 34 -20.62 24.69 -1.73
CA VAL B 34 -20.23 24.59 -3.13
C VAL B 34 -18.73 24.60 -3.24
N GLY B 35 -18.08 25.45 -2.45
CA GLY B 35 -16.65 25.62 -2.50
C GLY B 35 -15.91 24.44 -1.96
N SER B 36 -16.18 24.09 -0.71
CA SER B 36 -15.45 23.01 -0.08
C SER B 36 -15.88 21.64 -0.59
N TYR B 37 -17.13 21.49 -0.99
CA TYR B 37 -17.58 20.19 -1.44
C TYR B 37 -16.98 19.91 -2.77
N HIS B 38 -16.84 20.94 -3.60
CA HIS B 38 -16.27 20.75 -4.93
C HIS B 38 -14.79 20.34 -4.87
N ILE B 39 -14.00 21.07 -4.08
CA ILE B 39 -12.61 20.72 -3.78
C ILE B 39 -12.48 19.24 -3.39
N HIS B 40 -13.49 18.72 -2.71
CA HIS B 40 -13.44 17.36 -2.20
C HIS B 40 -13.69 16.37 -3.32
N ALA B 41 -14.66 16.65 -4.18
CA ALA B 41 -14.92 15.79 -5.31
C ALA B 41 -13.67 15.73 -6.12
N MET B 42 -13.21 16.90 -6.56
CA MET B 42 -11.94 17.12 -7.28
C MET B 42 -10.81 16.26 -6.77
N LEU B 43 -10.34 16.67 -5.59
CA LEU B 43 -9.12 16.18 -4.98
C LEU B 43 -9.13 14.65 -4.89
N THR B 44 -10.25 14.10 -4.42
CA THR B 44 -10.44 12.65 -4.29
C THR B 44 -11.16 12.07 -5.52
N MET B 45 -10.48 12.21 -6.66
CA MET B 45 -10.78 11.64 -7.99
C MET B 45 -10.24 12.52 -9.17
N GLY B 46 -9.05 12.15 -9.69
CA GLY B 46 -8.52 12.61 -11.00
C GLY B 46 -9.41 11.89 -12.01
N ASP B 47 -10.33 12.64 -12.65
CA ASP B 47 -11.76 12.24 -12.67
C ASP B 47 -12.51 11.45 -13.75
N TRP B 48 -13.47 10.69 -13.24
CA TRP B 48 -14.50 9.99 -14.00
C TRP B 48 -15.63 10.91 -14.39
N ASP B 49 -15.82 11.97 -13.60
CA ASP B 49 -16.96 12.88 -13.76
C ASP B 49 -16.78 13.76 -14.98
N PHE B 50 -15.52 14.01 -15.32
CA PHE B 50 -15.18 14.85 -16.45
C PHE B 50 -15.60 14.23 -17.79
N TRP B 51 -15.46 12.92 -17.96
CA TRP B 51 -15.61 12.32 -19.29
C TRP B 51 -16.69 11.27 -19.40
N SER B 52 -17.52 11.43 -20.44
CA SER B 52 -18.55 10.45 -20.75
C SER B 52 -18.00 9.02 -20.91
N ASP B 53 -16.76 8.90 -21.36
CA ASP B 53 -16.14 7.57 -21.50
C ASP B 53 -15.30 7.13 -20.29
N TRP B 54 -15.64 7.67 -19.12
CA TRP B 54 -15.10 7.17 -17.84
C TRP B 54 -16.29 6.86 -16.94
N LYS B 55 -17.49 7.17 -17.41
CA LYS B 55 -18.69 6.73 -16.73
C LYS B 55 -18.91 5.24 -17.04
N ASP B 56 -18.13 4.37 -16.39
CA ASP B 56 -18.17 2.92 -16.64
C ASP B 56 -19.03 2.16 -15.62
N ARG B 57 -19.07 0.83 -15.72
CA ARG B 57 -19.91 0.04 -14.80
C ARG B 57 -19.24 -0.34 -13.49
N ARG B 58 -17.92 -0.49 -13.46
CA ARG B 58 -17.24 -0.82 -12.21
C ARG B 58 -16.84 0.43 -11.42
N LEU B 59 -15.80 1.12 -11.87
CA LEU B 59 -15.19 2.19 -11.07
C LEU B 59 -16.05 3.40 -10.81
N TRP B 60 -16.74 3.88 -11.83
CA TRP B 60 -17.59 5.05 -11.68
C TRP B 60 -18.71 4.73 -10.69
N VAL B 61 -19.50 3.71 -11.00
CA VAL B 61 -20.58 3.22 -10.17
C VAL B 61 -20.20 2.95 -8.69
N THR B 62 -18.94 2.63 -8.46
CA THR B 62 -18.50 2.28 -7.10
C THR B 62 -17.99 3.45 -6.30
N VAL B 63 -16.98 4.14 -6.81
CA VAL B 63 -16.35 5.22 -6.05
C VAL B 63 -17.27 6.43 -5.85
N THR B 64 -17.97 6.83 -6.90
CA THR B 64 -18.74 8.07 -6.87
C THR B 64 -19.73 8.17 -5.68
N PRO B 65 -20.70 7.25 -5.55
CA PRO B 65 -21.59 7.43 -4.40
C PRO B 65 -20.80 7.43 -3.10
N ILE B 66 -19.86 6.50 -2.92
CA ILE B 66 -19.04 6.40 -1.69
C ILE B 66 -18.34 7.72 -1.31
N VAL B 67 -17.53 8.23 -2.22
CA VAL B 67 -16.74 9.42 -1.95
C VAL B 67 -17.64 10.65 -1.72
N LEU B 68 -18.87 10.57 -2.17
CA LEU B 68 -19.72 11.73 -2.11
C LEU B 68 -20.69 11.75 -0.95
N VAL B 69 -20.87 10.65 -0.23
CA VAL B 69 -21.84 10.62 0.89
C VAL B 69 -21.40 11.55 1.97
N THR B 70 -20.10 11.82 2.00
CA THR B 70 -19.40 12.48 3.10
C THR B 70 -20.03 13.75 3.60
N PHE B 71 -20.11 14.74 2.72
CA PHE B 71 -20.66 16.04 3.11
C PHE B 71 -22.11 15.91 3.51
N PRO B 72 -22.97 15.42 2.59
CA PRO B 72 -24.36 15.18 2.94
C PRO B 72 -24.46 14.64 4.35
N ALA B 73 -23.80 13.52 4.61
CA ALA B 73 -23.79 12.91 5.92
C ALA B 73 -23.43 13.88 7.05
N ALA B 74 -22.43 14.72 6.79
CA ALA B 74 -21.93 15.63 7.79
C ALA B 74 -22.90 16.76 8.01
N VAL B 75 -23.39 17.37 6.94
CA VAL B 75 -24.31 18.51 7.12
C VAL B 75 -25.73 18.05 7.50
N GLN B 76 -26.05 16.81 7.16
CA GLN B 76 -27.26 16.19 7.67
C GLN B 76 -27.24 16.16 9.22
N SER B 77 -26.07 15.88 9.79
CA SER B 77 -25.87 15.70 11.23
C SER B 77 -25.93 17.03 11.95
N TYR B 78 -26.16 18.10 11.20
CA TYR B 78 -26.19 19.42 11.79
C TYR B 78 -27.54 20.09 11.56
N LEU B 79 -27.89 20.29 10.30
CA LEU B 79 -29.13 20.94 9.93
C LEU B 79 -30.36 20.21 10.44
N TRP B 80 -30.29 18.90 10.61
CA TRP B 80 -31.42 18.21 11.18
C TRP B 80 -31.33 18.23 12.69
N GLU B 81 -30.14 17.96 13.22
CA GLU B 81 -30.01 17.84 14.65
C GLU B 81 -30.34 19.20 15.29
N ARG B 82 -29.88 20.29 14.68
CA ARG B 82 -29.98 21.61 15.30
C ARG B 82 -31.07 22.52 14.77
N TYR B 83 -31.72 22.16 13.67
CA TYR B 83 -32.77 23.01 13.10
C TYR B 83 -33.98 22.24 12.61
N ARG B 84 -33.90 20.92 12.69
CA ARG B 84 -34.85 20.05 12.03
C ARG B 84 -35.09 20.51 10.59
N LEU B 85 -34.01 20.83 9.88
CA LEU B 85 -34.04 21.21 8.48
C LEU B 85 -33.58 20.03 7.64
N PRO B 86 -34.51 19.38 6.94
CA PRO B 86 -34.22 18.08 6.36
C PRO B 86 -33.80 18.15 4.90
N TRP B 87 -33.03 19.16 4.54
CA TRP B 87 -32.53 19.26 3.19
C TRP B 87 -31.02 19.26 3.18
N GLY B 88 -30.44 18.79 4.29
CA GLY B 88 -28.98 18.68 4.45
C GLY B 88 -28.29 18.08 3.24
N ALA B 89 -28.70 16.87 2.87
CA ALA B 89 -28.09 16.14 1.77
C ALA B 89 -28.31 16.85 0.45
N THR B 90 -29.52 17.34 0.21
CA THR B 90 -29.81 17.82 -1.12
C THR B 90 -29.19 19.19 -1.33
N VAL B 91 -28.99 19.96 -0.27
CA VAL B 91 -28.25 21.22 -0.47
C VAL B 91 -26.81 20.94 -0.98
N CYS B 92 -26.15 19.98 -0.34
CA CYS B 92 -24.79 19.64 -0.71
C CYS B 92 -24.72 19.32 -2.20
N VAL B 93 -25.55 18.36 -2.58
CA VAL B 93 -25.58 17.81 -3.90
C VAL B 93 -25.79 18.93 -4.93
N LEU B 94 -26.74 19.82 -4.66
CA LEU B 94 -27.03 20.96 -5.55
C LEU B 94 -25.83 21.91 -5.68
N GLY B 95 -25.13 22.08 -4.57
CA GLY B 95 -23.93 22.88 -4.58
C GLY B 95 -22.88 22.35 -5.53
N LEU B 96 -22.61 21.07 -5.43
CA LEU B 96 -21.63 20.43 -6.29
C LEU B 96 -22.02 20.53 -7.73
N LEU B 97 -23.28 20.23 -8.02
CA LEU B 97 -23.83 20.27 -9.37
C LEU B 97 -23.79 21.65 -10.05
N LEU B 98 -24.24 22.68 -9.34
CA LEU B 98 -24.15 24.03 -9.85
C LEU B 98 -22.70 24.32 -10.09
N GLY B 99 -21.90 24.24 -9.03
CA GLY B 99 -20.45 24.45 -9.16
C GLY B 99 -19.80 23.81 -10.37
N GLU B 100 -20.23 22.60 -10.70
CA GLU B 100 -19.65 21.84 -11.80
C GLU B 100 -20.20 22.27 -13.09
N TRP B 101 -21.51 22.41 -13.19
CA TRP B 101 -22.11 22.88 -14.43
C TRP B 101 -21.55 24.23 -14.86
N ILE B 102 -21.47 25.18 -13.91
CA ILE B 102 -20.96 26.51 -14.26
C ILE B 102 -19.57 26.41 -14.88
N ASN B 103 -18.73 25.56 -14.28
CA ASN B 103 -17.43 25.19 -14.81
C ASN B 103 -17.42 24.43 -16.15
N ARG B 104 -18.24 23.39 -16.26
CA ARG B 104 -18.30 22.60 -17.49
C ARG B 104 -18.80 23.42 -18.65
N TYR B 105 -19.72 24.34 -18.39
CA TYR B 105 -20.26 25.16 -19.46
C TYR B 105 -19.34 26.30 -19.89
N PHE B 106 -18.90 27.10 -18.94
CA PHE B 106 -18.10 28.28 -19.24
C PHE B 106 -16.63 27.95 -19.45
N ASN B 107 -16.17 26.80 -18.93
CA ASN B 107 -14.75 26.43 -19.09
C ASN B 107 -14.50 25.24 -20.00
N PHE B 108 -15.07 24.09 -19.65
CA PHE B 108 -14.85 22.88 -20.44
C PHE B 108 -15.34 23.03 -21.85
N TRP B 109 -16.36 23.87 -22.01
CA TRP B 109 -16.90 24.23 -23.31
C TRP B 109 -16.46 25.66 -23.72
N GLY B 110 -16.77 26.67 -22.91
CA GLY B 110 -16.47 28.05 -23.24
C GLY B 110 -15.00 28.35 -23.42
N TRP B 111 -14.19 28.02 -22.42
CA TRP B 111 -12.73 28.21 -22.39
C TRP B 111 -12.10 27.33 -23.49
N THR B 112 -12.00 26.02 -23.26
CA THR B 112 -11.47 25.00 -24.20
C THR B 112 -12.64 24.24 -24.80
N TYR B 113 -12.60 23.82 -26.04
CA TYR B 113 -13.91 23.54 -26.63
C TYR B 113 -14.48 22.11 -26.63
N PHE B 114 -14.61 21.47 -25.46
CA PHE B 114 -15.21 20.11 -25.35
C PHE B 114 -16.75 20.12 -25.39
N PRO B 115 -17.34 19.32 -26.28
CA PRO B 115 -18.81 19.22 -26.39
C PRO B 115 -19.46 19.10 -25.02
N ILE B 116 -20.71 19.52 -24.87
CA ILE B 116 -21.29 19.27 -23.58
C ILE B 116 -21.65 17.81 -23.45
N ASN B 117 -22.10 17.21 -24.54
CA ASN B 117 -22.53 15.80 -24.51
C ASN B 117 -21.40 14.90 -24.13
N PHE B 118 -20.22 15.49 -23.97
CA PHE B 118 -19.03 14.74 -23.57
C PHE B 118 -18.62 14.96 -22.11
N VAL B 119 -18.52 16.21 -21.70
CA VAL B 119 -18.05 16.49 -20.36
C VAL B 119 -19.12 16.77 -19.30
N PHE B 120 -20.38 16.39 -19.52
CA PHE B 120 -21.44 16.64 -18.56
C PHE B 120 -21.12 15.86 -17.28
N PRO B 121 -21.53 16.39 -16.12
CA PRO B 121 -21.37 15.70 -14.85
C PRO B 121 -22.41 14.60 -14.60
N ALA B 122 -22.16 13.80 -13.56
CA ALA B 122 -23.09 12.77 -13.11
C ALA B 122 -24.20 13.40 -12.31
N SER B 123 -25.41 12.84 -12.46
CA SER B 123 -26.64 13.29 -11.80
C SER B 123 -26.70 12.70 -10.39
N LEU B 124 -26.97 13.57 -9.40
CA LEU B 124 -26.82 13.28 -7.95
C LEU B 124 -28.04 13.42 -7.02
N VAL B 125 -29.06 14.15 -7.47
CA VAL B 125 -30.23 14.51 -6.65
C VAL B 125 -31.01 13.32 -6.08
N PRO B 126 -31.39 12.34 -6.93
CA PRO B 126 -32.19 11.23 -6.44
C PRO B 126 -31.73 10.72 -5.10
N GLY B 127 -30.49 10.23 -5.05
CA GLY B 127 -29.86 9.84 -3.79
C GLY B 127 -30.05 10.81 -2.63
N ALA B 128 -29.74 12.07 -2.83
CA ALA B 128 -29.78 13.02 -1.72
C ALA B 128 -31.19 13.19 -1.19
N ILE B 129 -32.16 12.96 -2.08
CA ILE B 129 -33.56 13.01 -1.67
C ILE B 129 -33.84 11.84 -0.78
N ILE B 130 -33.38 10.65 -1.19
CA ILE B 130 -33.53 9.44 -0.38
C ILE B 130 -32.89 9.65 1.00
N LEU B 131 -31.66 10.13 1.03
CA LEU B 131 -31.00 10.46 2.27
C LEU B 131 -31.81 11.44 3.12
N ASP B 132 -32.19 12.54 2.51
CA ASP B 132 -32.87 13.56 3.24
C ASP B 132 -34.19 13.09 3.81
N THR B 133 -34.97 12.38 2.99
CA THR B 133 -36.30 11.97 3.40
C THR B 133 -36.23 10.84 4.42
N VAL B 134 -35.31 9.90 4.21
CA VAL B 134 -35.21 8.74 5.10
C VAL B 134 -34.79 9.15 6.51
N LEU B 135 -33.97 10.17 6.61
CA LEU B 135 -33.58 10.72 7.88
C LEU B 135 -34.72 11.51 8.51
N MET B 136 -35.57 12.10 7.69
CA MET B 136 -36.66 12.95 8.18
C MET B 136 -37.78 12.12 8.76
N LEU B 137 -38.33 11.22 7.95
CA LEU B 137 -39.18 10.16 8.45
C LEU B 137 -38.27 9.33 9.32
N SER B 138 -38.80 8.77 10.40
CA SER B 138 -37.98 8.00 11.37
C SER B 138 -36.62 8.68 11.59
N GLY B 139 -36.66 9.69 12.45
CA GLY B 139 -35.52 10.55 12.72
C GLY B 139 -34.44 9.84 13.49
N SER B 140 -33.99 8.70 12.95
CA SER B 140 -32.81 8.01 13.48
C SER B 140 -31.68 8.04 12.47
N TYR B 141 -30.56 8.61 12.89
CA TYR B 141 -29.34 8.62 12.07
C TYR B 141 -28.84 7.22 11.77
N LEU B 142 -28.83 6.34 12.77
CA LEU B 142 -28.44 4.97 12.54
C LEU B 142 -29.28 4.39 11.40
N PHE B 143 -30.57 4.72 11.37
CA PHE B 143 -31.48 4.20 10.34
C PHE B 143 -31.08 4.72 8.96
N THR B 144 -30.80 6.01 8.89
CA THR B 144 -30.36 6.65 7.66
C THR B 144 -29.05 6.04 7.16
N ALA B 145 -28.09 5.87 8.08
CA ALA B 145 -26.79 5.33 7.74
C ALA B 145 -26.93 3.96 7.06
N ILE B 146 -27.94 3.19 7.47
CA ILE B 146 -28.10 1.86 6.91
C ILE B 146 -28.94 1.81 5.63
N VAL B 147 -30.22 2.16 5.70
CA VAL B 147 -31.05 2.14 4.50
C VAL B 147 -30.92 3.45 3.70
N GLY B 148 -30.55 4.53 4.38
CA GLY B 148 -30.41 5.81 3.73
C GLY B 148 -29.22 5.76 2.82
N ALA B 149 -28.07 5.39 3.37
CA ALA B 149 -26.87 5.28 2.57
C ALA B 149 -27.02 4.13 1.55
N MET B 150 -27.74 3.10 1.94
CA MET B 150 -28.04 2.02 1.03
C MET B 150 -28.65 2.61 -0.20
N GLY B 151 -29.73 3.37 -0.03
CA GLY B 151 -30.44 3.94 -1.17
C GLY B 151 -29.54 4.83 -2.01
N TRP B 152 -28.80 5.68 -1.33
CA TRP B 152 -27.95 6.63 -1.99
C TRP B 152 -27.01 5.93 -2.94
N GLY B 153 -26.45 4.83 -2.49
CA GLY B 153 -25.55 4.06 -3.30
C GLY B 153 -26.27 3.44 -4.47
N LEU B 154 -27.33 2.69 -4.17
CA LEU B 154 -27.99 1.88 -5.17
C LEU B 154 -28.55 2.74 -6.29
N ILE B 155 -29.36 3.73 -5.91
CA ILE B 155 -30.08 4.57 -6.87
C ILE B 155 -29.20 5.23 -7.91
N PHE B 156 -27.94 5.50 -7.55
CA PHE B 156 -27.00 6.29 -8.36
C PHE B 156 -26.91 5.90 -9.84
N TYR B 157 -26.58 4.65 -10.13
CA TYR B 157 -26.44 4.29 -11.53
C TYR B 157 -27.74 4.33 -12.36
N PRO B 158 -28.80 3.64 -11.90
CA PRO B 158 -30.09 3.81 -12.53
C PRO B 158 -30.49 5.28 -12.63
N GLY B 159 -30.00 6.09 -11.70
CA GLY B 159 -30.28 7.52 -11.68
C GLY B 159 -29.62 8.29 -12.81
N ASN B 160 -28.56 7.70 -13.37
CA ASN B 160 -27.81 8.28 -14.47
C ASN B 160 -28.13 7.60 -15.78
N TRP B 161 -28.80 6.48 -15.69
CA TRP B 161 -29.00 5.67 -16.86
C TRP B 161 -29.74 6.40 -18.01
N PRO B 162 -30.70 7.29 -17.68
CA PRO B 162 -31.39 7.88 -18.83
C PRO B 162 -30.52 8.84 -19.60
N ILE B 163 -29.58 9.46 -18.92
CA ILE B 163 -28.62 10.36 -19.55
C ILE B 163 -27.56 9.54 -20.31
N ILE B 164 -27.06 8.50 -19.67
CA ILE B 164 -25.95 7.70 -20.16
C ILE B 164 -26.33 6.82 -21.35
N ALA B 165 -27.51 6.19 -21.31
CA ALA B 165 -27.81 5.09 -22.22
C ALA B 165 -27.60 5.47 -23.69
N PRO B 166 -28.20 6.58 -24.13
CA PRO B 166 -27.95 6.84 -25.54
C PRO B 166 -26.46 6.80 -25.91
N LEU B 167 -25.54 6.92 -24.95
CA LEU B 167 -24.10 7.05 -25.29
C LEU B 167 -23.46 5.68 -25.50
N HIS B 168 -24.24 4.65 -25.26
CA HIS B 168 -23.78 3.28 -25.29
C HIS B 168 -24.35 2.53 -26.46
N VAL B 169 -24.83 3.22 -27.49
CA VAL B 169 -25.21 2.45 -28.69
C VAL B 169 -23.95 1.94 -29.43
N PRO B 170 -23.98 0.68 -29.88
CA PRO B 170 -22.81 0.12 -30.58
C PRO B 170 -22.58 0.71 -31.96
N VAL B 171 -21.32 0.92 -32.30
CA VAL B 171 -20.92 1.44 -33.57
C VAL B 171 -19.76 0.58 -33.98
N GLU B 172 -19.73 0.20 -35.25
CA GLU B 172 -18.53 -0.34 -35.83
C GLU B 172 -17.76 0.85 -36.38
N TYR B 173 -16.78 1.30 -35.61
CA TYR B 173 -15.92 2.41 -35.98
C TYR B 173 -14.63 1.86 -36.53
N ASN B 174 -14.47 1.99 -37.83
CA ASN B 174 -13.25 1.56 -38.51
C ASN B 174 -12.81 0.13 -38.16
N GLY B 175 -13.81 -0.74 -38.00
CA GLY B 175 -13.52 -2.17 -37.92
C GLY B 175 -13.56 -2.72 -36.54
N MET B 176 -13.75 -1.82 -35.59
CA MET B 176 -13.72 -2.15 -34.19
C MET B 176 -15.05 -1.79 -33.53
N LEU B 177 -15.63 -2.69 -32.75
CA LEU B 177 -16.76 -2.26 -31.96
C LEU B 177 -16.38 -1.12 -31.02
N MET B 178 -17.16 -0.04 -30.98
CA MET B 178 -17.02 0.99 -29.94
C MET B 178 -18.36 1.58 -29.59
N SER B 179 -18.57 1.94 -28.34
CA SER B 179 -19.79 2.68 -28.00
C SER B 179 -19.61 4.15 -28.36
N ILE B 180 -20.73 4.84 -28.58
CA ILE B 180 -20.68 6.27 -28.95
C ILE B 180 -19.69 6.93 -27.98
N ALA B 181 -19.87 6.65 -26.68
CA ALA B 181 -19.10 7.28 -25.62
C ALA B 181 -17.61 7.15 -25.86
N ASP B 182 -17.20 5.95 -26.24
CA ASP B 182 -15.83 5.66 -26.64
C ASP B 182 -15.38 6.56 -27.79
N ILE B 183 -16.19 6.61 -28.83
CA ILE B 183 -15.84 7.40 -29.98
C ILE B 183 -15.63 8.86 -29.58
N GLN B 184 -16.46 9.33 -28.67
CA GLN B 184 -16.38 10.67 -28.13
C GLN B 184 -15.03 10.94 -27.49
N GLY B 185 -14.60 10.05 -26.64
CA GLY B 185 -13.34 10.28 -25.98
C GLY B 185 -12.19 10.15 -26.94
N TYR B 186 -12.45 9.44 -28.04
CA TYR B 186 -11.43 9.11 -28.98
C TYR B 186 -11.27 10.29 -29.87
N ASN B 187 -12.40 10.93 -30.19
CA ASN B 187 -12.45 12.02 -31.13
C ASN B 187 -11.98 13.30 -30.52
N TYR B 188 -12.57 13.66 -29.39
CA TYR B 188 -12.31 14.95 -28.74
C TYR B 188 -11.13 14.85 -27.81
N VAL B 189 -9.98 15.22 -28.34
CA VAL B 189 -8.67 14.91 -27.80
C VAL B 189 -8.28 15.65 -26.52
N ARG B 190 -8.20 14.89 -25.43
CA ARG B 190 -7.55 15.35 -24.17
C ARG B 190 -6.03 15.00 -24.15
N THR B 191 -5.36 15.13 -23.00
CA THR B 191 -3.90 14.89 -22.94
C THR B 191 -3.37 13.81 -21.93
N ALA B 213 -21.52 -6.23 -12.22
CA ALA B 213 -21.60 -4.85 -12.70
C ALA B 213 -22.75 -3.91 -12.09
N PRO B 214 -23.80 -4.50 -11.43
CA PRO B 214 -24.53 -3.80 -10.35
C PRO B 214 -24.25 -4.50 -8.99
N VAL B 215 -23.29 -5.44 -8.96
CA VAL B 215 -22.61 -5.81 -7.73
C VAL B 215 -21.83 -4.58 -7.29
N SER B 216 -21.26 -3.89 -8.29
CA SER B 216 -20.65 -2.56 -8.12
C SER B 216 -21.56 -1.62 -7.34
N ALA B 217 -22.83 -1.62 -7.70
CA ALA B 217 -23.79 -0.80 -6.99
C ALA B 217 -23.87 -1.21 -5.53
N PHE B 218 -24.05 -2.51 -5.31
CA PHE B 218 -24.26 -3.01 -3.96
C PHE B 218 -23.05 -2.71 -3.10
N PHE B 219 -21.87 -3.03 -3.61
CA PHE B 219 -20.61 -2.69 -2.98
C PHE B 219 -20.70 -1.26 -2.50
N SER B 220 -20.97 -0.36 -3.43
CA SER B 220 -20.96 1.08 -3.16
C SER B 220 -21.98 1.50 -2.09
N ALA B 221 -23.10 0.78 -2.01
CA ALA B 221 -24.10 1.02 -1.00
C ALA B 221 -23.57 0.52 0.30
N PHE B 222 -23.12 -0.72 0.29
CA PHE B 222 -22.56 -1.31 1.49
C PHE B 222 -21.45 -0.41 2.05
N MET B 223 -20.74 0.27 1.18
CA MET B 223 -19.60 1.08 1.61
C MET B 223 -19.99 2.45 2.17
N SER B 224 -20.86 3.13 1.43
CA SER B 224 -21.52 4.36 1.86
C SER B 224 -22.01 4.36 3.29
N ILE B 225 -22.25 3.16 3.82
CA ILE B 225 -22.85 3.02 5.11
C ILE B 225 -21.77 3.43 6.11
N LEU B 226 -20.59 2.81 5.99
CA LEU B 226 -19.47 3.10 6.91
C LEU B 226 -19.03 4.53 6.72
N ILE B 227 -19.22 5.06 5.53
CA ILE B 227 -18.79 6.43 5.25
C ILE B 227 -19.80 7.45 5.81
N TYR B 228 -21.07 7.25 5.51
CA TYR B 228 -22.11 8.06 6.14
C TYR B 228 -21.83 8.05 7.61
N PHE B 229 -21.62 6.85 8.15
CA PHE B 229 -21.46 6.66 9.60
C PHE B 229 -20.27 7.45 10.18
N MET B 230 -19.09 7.23 9.59
CA MET B 230 -17.86 7.89 10.01
C MET B 230 -18.06 9.39 9.89
N TRP B 231 -18.71 9.82 8.85
CA TRP B 231 -18.87 11.25 8.62
C TRP B 231 -19.98 11.87 9.45
N HIS B 232 -20.85 11.04 10.02
CA HIS B 232 -21.88 11.56 10.91
C HIS B 232 -21.19 12.17 12.12
N PHE B 233 -20.18 11.46 12.61
CA PHE B 233 -19.40 11.92 13.75
C PHE B 233 -18.41 13.02 13.43
N ILE B 234 -17.78 12.96 12.25
CA ILE B 234 -16.94 14.05 11.80
C ILE B 234 -17.74 15.36 11.86
N GLY B 235 -19.01 15.30 11.43
CA GLY B 235 -19.92 16.46 11.44
C GLY B 235 -20.28 16.98 12.83
N ARG B 236 -20.24 16.10 13.83
CA ARG B 236 -20.45 16.49 15.22
C ARG B 236 -19.39 17.47 15.59
N TRP B 237 -18.15 17.19 15.16
CA TRP B 237 -17.04 18.09 15.47
C TRP B 237 -17.10 19.46 14.79
N PHE B 238 -17.52 19.49 13.52
CA PHE B 238 -17.67 20.76 12.77
C PHE B 238 -18.86 21.59 13.23
N SER B 239 -19.77 20.96 13.96
CA SER B 239 -20.86 21.65 14.65
C SER B 239 -20.40 22.26 15.99
N ASN B 240 -19.24 21.79 16.46
CA ASN B 240 -18.68 22.17 17.76
C ASN B 240 -18.71 23.68 17.98
N GLU B 241 -19.08 24.12 19.18
CA GLU B 241 -19.28 25.56 19.45
C GLU B 241 -18.31 26.23 20.45
N ARG B 242 -17.18 25.59 20.75
CA ARG B 242 -16.26 26.07 21.81
C ARG B 242 -15.61 27.43 21.54
N PHE B 243 -15.00 28.02 22.58
CA PHE B 243 -14.07 29.14 22.44
C PHE B 243 -12.71 28.77 23.04
N LEU B 244 -11.67 29.58 22.81
CA LEU B 244 -10.30 29.10 23.07
C LEU B 244 -9.41 29.74 24.16
N GLN B 245 -8.68 30.81 23.82
CA GLN B 245 -7.54 31.42 24.60
C GLN B 245 -6.12 31.33 23.95
N LEU C 45 -29.44 53.08 8.33
CA LEU C 45 -30.21 52.38 9.38
C LEU C 45 -30.38 50.89 9.03
N LEU C 46 -29.83 50.02 9.90
CA LEU C 46 -30.12 48.54 10.02
C LEU C 46 -29.18 47.51 9.36
N ASP C 47 -29.07 47.58 8.04
CA ASP C 47 -28.20 46.73 7.23
C ASP C 47 -28.30 47.30 5.81
N LYS C 48 -27.21 47.84 5.26
CA LYS C 48 -27.33 48.55 3.98
C LYS C 48 -26.94 47.73 2.79
N LYS C 49 -27.17 48.23 1.58
CA LYS C 49 -26.45 47.72 0.40
C LYS C 49 -25.00 48.32 0.33
N TRP C 50 -24.27 48.07 1.40
CA TRP C 50 -22.82 48.08 1.49
C TRP C 50 -22.46 46.62 1.13
N LEU C 51 -23.49 45.78 1.26
CA LEU C 51 -23.55 44.40 0.79
C LEU C 51 -23.40 44.28 -0.74
N THR C 52 -24.12 45.10 -1.49
CA THR C 52 -24.04 45.06 -2.95
C THR C 52 -22.62 45.25 -3.40
N PHE C 53 -21.84 46.03 -2.64
CA PHE C 53 -20.41 46.11 -2.90
C PHE C 53 -19.83 44.69 -2.85
N ALA C 54 -19.91 44.08 -1.67
CA ALA C 54 -19.34 42.76 -1.42
C ALA C 54 -19.61 41.72 -2.53
N LEU C 55 -20.82 41.68 -3.07
CA LEU C 55 -21.17 40.76 -4.15
C LEU C 55 -20.63 41.15 -5.52
N ALA C 56 -20.62 42.43 -5.81
CA ALA C 56 -20.23 42.85 -7.15
C ALA C 56 -18.71 43.07 -7.25
N ILE C 57 -18.07 43.29 -6.12
CA ILE C 57 -16.65 43.61 -6.10
C ILE C 57 -15.83 42.44 -6.59
N TYR C 58 -16.22 41.22 -6.21
CA TYR C 58 -15.59 40.01 -6.70
C TYR C 58 -16.06 39.76 -8.10
N THR C 59 -17.37 39.73 -8.26
CA THR C 59 -17.99 39.47 -9.55
C THR C 59 -17.32 40.29 -10.64
N VAL C 60 -17.29 41.62 -10.49
CA VAL C 60 -16.63 42.45 -11.52
C VAL C 60 -15.15 42.04 -11.66
N PHE C 61 -14.41 42.07 -10.55
CA PHE C 61 -12.98 41.77 -10.60
C PHE C 61 -12.68 40.45 -11.32
N TYR C 62 -13.37 39.39 -10.92
CA TYR C 62 -13.13 38.06 -11.45
C TYR C 62 -13.67 37.89 -12.85
N LEU C 63 -14.70 38.66 -13.21
CA LEU C 63 -15.18 38.65 -14.60
C LEU C 63 -14.22 39.39 -15.53
N TRP C 64 -13.59 40.44 -15.02
CA TRP C 64 -12.47 41.06 -15.74
C TRP C 64 -11.34 40.04 -15.95
N VAL C 65 -11.02 39.28 -14.90
CA VAL C 65 -9.98 38.25 -14.95
C VAL C 65 -10.31 37.21 -16.01
N ARG C 66 -11.49 36.60 -15.90
CA ARG C 66 -11.95 35.61 -16.89
C ARG C 66 -11.88 36.16 -18.32
N TRP C 67 -12.23 37.44 -18.53
CA TRP C 67 -11.96 38.05 -19.84
C TRP C 67 -10.46 38.04 -20.10
N TYR C 68 -9.69 38.56 -19.15
CA TYR C 68 -8.26 38.80 -19.31
C TYR C 68 -7.48 37.55 -19.72
N GLU C 69 -7.72 36.44 -19.04
CA GLU C 69 -7.14 35.16 -19.44
C GLU C 69 -7.79 34.71 -20.75
N GLY C 70 -9.11 34.92 -20.85
CA GLY C 70 -9.89 34.56 -22.04
C GLY C 70 -9.25 34.98 -23.35
N VAL C 71 -8.63 36.16 -23.34
CA VAL C 71 -7.92 36.68 -24.50
C VAL C 71 -6.43 36.29 -24.51
N TYR C 72 -5.81 36.12 -23.34
CA TYR C 72 -4.36 35.79 -23.27
C TYR C 72 -4.06 34.36 -22.85
N GLY C 73 -5.12 33.55 -22.72
CA GLY C 73 -5.00 32.12 -22.50
C GLY C 73 -4.26 31.61 -23.70
N TRP C 74 -4.90 31.77 -24.86
CA TRP C 74 -4.23 31.68 -26.15
C TRP C 74 -3.71 33.09 -26.48
N SER C 75 -2.45 33.19 -26.92
CA SER C 75 -1.66 34.45 -26.98
C SER C 75 -0.89 34.65 -25.67
N ALA C 76 0.40 34.30 -25.69
CA ALA C 76 1.30 34.44 -24.53
C ALA C 76 1.21 33.27 -23.55
N GLY C 77 -0.01 32.94 -23.12
CA GLY C 77 -0.22 31.92 -22.09
C GLY C 77 -0.03 30.45 -22.46
N LEU C 78 0.36 30.20 -23.71
CA LEU C 78 0.60 28.83 -24.17
C LEU C 78 2.07 28.45 -23.98
N ASP C 79 2.98 29.23 -24.57
CA ASP C 79 4.42 28.99 -24.42
C ASP C 79 4.98 29.96 -23.39
N SER C 80 5.39 29.41 -22.25
CA SER C 80 5.88 30.18 -21.11
C SER C 80 7.28 30.72 -21.35
N PHE C 81 8.06 30.05 -22.21
CA PHE C 81 9.42 30.48 -22.59
C PHE C 81 9.47 31.61 -23.63
N ALA C 82 8.31 32.10 -24.05
CA ALA C 82 8.18 33.31 -24.89
C ALA C 82 8.17 34.56 -23.99
N PRO C 83 8.74 35.69 -24.48
CA PRO C 83 8.84 36.88 -23.61
C PRO C 83 7.49 37.58 -23.28
N GLU C 84 6.44 37.27 -24.05
CA GLU C 84 5.07 37.78 -23.84
C GLU C 84 4.38 37.13 -22.63
N PHE C 85 5.03 36.11 -22.07
CA PHE C 85 4.56 35.44 -20.89
C PHE C 85 5.13 36.17 -19.68
N GLU C 86 6.42 36.54 -19.77
CA GLU C 86 7.11 37.26 -18.69
C GLU C 86 6.58 38.68 -18.46
N THR C 87 5.68 39.13 -19.36
CA THR C 87 5.05 40.46 -19.26
C THR C 87 3.52 40.38 -18.95
N TYR C 88 2.76 39.67 -19.78
CA TYR C 88 1.32 39.53 -19.60
C TYR C 88 0.93 38.59 -18.46
N TRP C 89 1.87 37.75 -18.00
CA TRP C 89 1.52 36.68 -17.06
C TRP C 89 2.39 36.59 -15.83
N MET C 90 3.70 36.76 -16.01
CA MET C 90 4.61 36.71 -14.87
C MET C 90 4.52 38.00 -14.07
N ASN C 91 4.61 39.12 -14.75
CA ASN C 91 4.42 40.41 -14.10
C ASN C 91 3.09 40.48 -13.34
N PHE C 92 2.06 39.88 -13.92
CA PHE C 92 0.77 39.75 -13.28
C PHE C 92 0.92 39.11 -11.90
N LEU C 93 1.73 38.06 -11.82
CA LEU C 93 2.00 37.38 -10.57
C LEU C 93 2.60 38.31 -9.54
N TYR C 94 3.84 38.77 -9.78
CA TYR C 94 4.52 39.71 -8.87
C TYR C 94 3.62 40.89 -8.39
N THR C 95 2.85 41.46 -9.32
CA THR C 95 1.87 42.51 -9.03
C THR C 95 0.90 42.03 -7.94
N GLU C 96 0.28 40.86 -8.15
CA GLU C 96 -0.76 40.43 -7.22
C GLU C 96 -0.22 40.09 -5.83
N ILE C 97 0.91 39.38 -5.77
CA ILE C 97 1.47 38.96 -4.48
C ILE C 97 1.68 40.21 -3.64
N VAL C 98 2.31 41.21 -4.25
CA VAL C 98 2.60 42.48 -3.58
C VAL C 98 1.30 43.15 -3.12
N LEU C 99 0.30 43.19 -4.01
CA LEU C 99 -1.00 43.82 -3.72
C LEU C 99 -1.74 43.13 -2.61
N GLU C 100 -1.54 41.82 -2.53
CA GLU C 100 -2.17 41.02 -1.50
C GLU C 100 -1.55 41.22 -0.11
N ILE C 101 -0.21 41.17 -0.01
CA ILE C 101 0.48 41.46 1.26
C ILE C 101 0.06 42.81 1.79
N VAL C 102 0.13 43.81 0.91
CA VAL C 102 -0.32 45.16 1.20
C VAL C 102 -1.77 45.21 1.67
N THR C 103 -2.75 44.96 0.79
CA THR C 103 -4.15 45.02 1.21
C THR C 103 -4.43 44.17 2.44
N ALA C 104 -3.80 43.00 2.56
CA ALA C 104 -3.98 42.21 3.78
C ALA C 104 -3.52 43.00 5.01
N SER C 105 -2.33 43.60 4.94
CA SER C 105 -1.77 44.38 6.05
C SER C 105 -2.64 45.60 6.37
N ILE C 106 -3.14 46.26 5.33
CA ILE C 106 -4.05 47.40 5.48
C ILE C 106 -5.42 46.98 6.02
N LEU C 107 -5.99 45.90 5.48
CA LEU C 107 -7.33 45.48 5.83
C LEU C 107 -7.39 44.93 7.24
N TRP C 108 -6.47 44.03 7.59
CA TRP C 108 -6.43 43.53 8.96
C TRP C 108 -5.96 44.64 9.90
N GLY C 109 -4.91 45.35 9.49
CA GLY C 109 -4.34 46.48 10.24
C GLY C 109 -5.43 47.46 10.64
N TYR C 110 -6.17 47.95 9.66
CA TYR C 110 -7.32 48.83 9.88
C TYR C 110 -8.19 48.33 11.05
N LEU C 111 -8.81 47.17 10.85
CA LEU C 111 -9.84 46.65 11.74
C LEU C 111 -9.35 46.37 13.13
N TRP C 112 -8.13 45.87 13.26
CA TRP C 112 -7.57 45.56 14.59
C TRP C 112 -7.36 46.83 15.40
N LYS C 113 -7.01 47.92 14.74
CA LYS C 113 -6.87 49.16 15.46
C LYS C 113 -8.19 49.84 15.75
N THR C 114 -9.10 49.85 14.78
CA THR C 114 -10.46 50.34 15.04
C THR C 114 -11.31 49.31 15.86
N ARG C 115 -10.63 48.39 16.53
CA ARG C 115 -11.28 47.46 17.46
C ARG C 115 -12.02 48.27 18.51
N ASP C 116 -13.27 47.92 18.75
CA ASP C 116 -14.06 48.66 19.73
C ASP C 116 -13.54 48.37 21.14
N ARG C 117 -12.83 49.35 21.72
CA ARG C 117 -12.28 49.24 23.07
C ARG C 117 -13.35 49.20 24.15
N ASN C 118 -14.24 50.19 24.13
CA ASN C 118 -15.37 50.23 25.06
C ASN C 118 -16.54 49.42 24.49
N LEU C 119 -16.36 48.10 24.50
CA LEU C 119 -17.37 47.17 24.02
C LEU C 119 -18.37 46.87 25.12
N ALA C 120 -17.87 46.88 26.36
CA ALA C 120 -18.61 46.54 27.58
C ALA C 120 -20.06 47.06 27.62
N ALA C 121 -20.25 48.33 27.22
CA ALA C 121 -21.58 48.92 27.20
C ALA C 121 -21.87 49.63 25.86
N LEU C 122 -22.39 48.89 24.89
CA LEU C 122 -22.99 49.47 23.68
C LEU C 122 -24.28 48.73 23.32
N THR C 123 -25.26 49.49 22.83
CA THR C 123 -26.66 49.05 22.75
C THR C 123 -26.91 47.80 21.95
N PRO C 124 -27.96 47.03 22.31
CA PRO C 124 -28.55 45.99 21.44
C PRO C 124 -28.96 46.53 20.06
N ARG C 125 -29.32 47.80 20.01
CA ARG C 125 -29.66 48.47 18.74
C ARG C 125 -28.51 48.34 17.75
N GLU C 126 -27.28 48.56 18.19
CA GLU C 126 -26.12 48.39 17.32
C GLU C 126 -25.55 46.99 17.34
N GLU C 127 -25.77 46.27 18.45
CA GLU C 127 -25.33 44.86 18.54
C GLU C 127 -26.07 44.08 17.48
N LEU C 128 -27.06 44.71 16.83
CA LEU C 128 -27.69 44.15 15.66
C LEU C 128 -27.06 44.64 14.35
N ARG C 129 -27.06 45.95 14.13
CA ARG C 129 -26.38 46.56 12.98
C ARG C 129 -25.02 45.93 12.69
N ARG C 130 -24.23 45.77 13.75
CA ARG C 130 -22.92 45.18 13.64
C ARG C 130 -23.02 43.71 13.27
N ASN C 131 -23.89 42.98 13.96
CA ASN C 131 -24.15 41.56 13.67
C ASN C 131 -24.48 41.31 12.22
N PHE C 132 -25.25 42.23 11.65
CA PHE C 132 -25.59 42.21 10.25
C PHE C 132 -24.40 42.45 9.31
N THR C 133 -23.56 43.44 9.65
CA THR C 133 -22.39 43.76 8.83
C THR C 133 -21.45 42.57 8.86
N HIS C 134 -21.30 41.99 10.05
CA HIS C 134 -20.58 40.74 10.19
C HIS C 134 -21.08 39.71 9.17
N LEU C 135 -22.40 39.59 9.06
CA LEU C 135 -23.00 38.62 8.15
C LEU C 135 -22.66 38.97 6.69
N VAL C 136 -22.52 40.25 6.40
CA VAL C 136 -22.05 40.67 5.09
C VAL C 136 -20.62 40.18 4.85
N TRP C 137 -19.76 40.33 5.85
CA TRP C 137 -18.42 39.78 5.75
C TRP C 137 -18.43 38.31 5.41
N LEU C 138 -19.34 37.55 6.03
CA LEU C 138 -19.47 36.12 5.76
C LEU C 138 -20.00 35.85 4.37
N VAL C 139 -20.87 36.71 3.87
CA VAL C 139 -21.36 36.53 2.51
C VAL C 139 -20.21 36.76 1.54
N ALA C 140 -19.35 37.73 1.88
CA ALA C 140 -18.16 38.05 1.11
C ALA C 140 -17.16 36.92 1.15
N TYR C 141 -16.97 36.34 2.31
CA TYR C 141 -16.15 35.14 2.40
C TYR C 141 -16.67 34.02 1.51
N ALA C 142 -17.86 33.51 1.80
CA ALA C 142 -18.51 32.49 1.00
C ALA C 142 -18.47 32.75 -0.50
N TRP C 143 -18.76 33.99 -0.91
CA TRP C 143 -18.65 34.34 -2.33
C TRP C 143 -17.19 34.17 -2.80
N ALA C 144 -16.25 34.68 -2.02
CA ALA C 144 -14.81 34.57 -2.33
C ALA C 144 -14.32 33.14 -2.45
N ILE C 145 -14.86 32.28 -1.59
CA ILE C 145 -14.54 30.88 -1.60
C ILE C 145 -15.13 30.29 -2.84
N TYR C 146 -16.35 30.69 -3.20
CA TYR C 146 -16.96 30.09 -4.37
C TYR C 146 -15.97 30.21 -5.53
N TRP C 147 -15.54 31.43 -5.80
CA TRP C 147 -14.68 31.70 -6.89
C TRP C 147 -13.40 30.88 -6.82
N GLY C 148 -12.77 30.85 -5.64
CA GLY C 148 -11.51 30.12 -5.46
C GLY C 148 -11.63 28.61 -5.54
N ALA C 149 -12.39 28.05 -4.61
CA ALA C 149 -12.54 26.63 -4.47
C ALA C 149 -13.43 25.96 -5.55
N SER C 150 -14.44 26.63 -6.07
CA SER C 150 -15.19 26.00 -7.15
C SER C 150 -14.73 26.49 -8.50
N TYR C 151 -14.90 27.79 -8.75
CA TYR C 151 -14.69 28.30 -10.11
C TYR C 151 -13.29 27.99 -10.64
N PHE C 152 -12.31 28.73 -10.16
CA PHE C 152 -10.96 28.70 -10.70
C PHE C 152 -10.26 27.36 -10.51
N THR C 153 -10.75 26.61 -9.53
CA THR C 153 -10.22 25.30 -9.26
C THR C 153 -10.57 24.36 -10.40
N GLU C 154 -11.87 24.07 -10.61
CA GLU C 154 -12.23 23.12 -11.67
C GLU C 154 -11.91 23.71 -13.05
N GLN C 155 -11.58 25.00 -13.13
CA GLN C 155 -11.14 25.59 -14.39
C GLN C 155 -9.75 25.11 -14.70
N ASP C 156 -8.86 25.29 -13.74
CA ASP C 156 -7.52 24.73 -13.79
C ASP C 156 -7.63 23.24 -14.16
N GLY C 157 -8.71 22.60 -13.70
CA GLY C 157 -8.96 21.20 -13.98
C GLY C 157 -9.06 20.96 -15.46
N THR C 158 -9.76 21.84 -16.15
CA THR C 158 -9.95 21.73 -17.60
C THR C 158 -8.66 22.07 -18.34
N TRP C 159 -7.96 23.07 -17.82
CA TRP C 159 -6.74 23.58 -18.44
C TRP C 159 -5.67 22.48 -18.55
N HIS C 160 -5.60 21.63 -17.53
CA HIS C 160 -4.62 20.58 -17.46
C HIS C 160 -4.95 19.59 -18.52
N GLN C 161 -6.23 19.36 -18.78
CA GLN C 161 -6.62 18.38 -19.80
C GLN C 161 -6.26 18.75 -21.22
N THR C 162 -6.04 20.04 -21.44
CA THR C 162 -5.88 20.60 -22.80
C THR C 162 -4.49 21.09 -23.13
N ILE C 163 -3.66 21.40 -22.13
CA ILE C 163 -2.23 21.58 -22.44
C ILE C 163 -1.31 21.02 -21.38
N VAL C 164 -0.26 20.37 -21.85
CA VAL C 164 0.79 19.92 -20.97
C VAL C 164 1.56 21.13 -20.44
N ARG C 165 1.60 21.26 -19.11
CA ARG C 165 2.14 22.42 -18.38
C ARG C 165 3.62 22.67 -18.63
N ASP C 166 3.97 23.93 -18.88
CA ASP C 166 5.35 24.34 -19.11
C ASP C 166 6.02 24.79 -17.79
N THR C 167 5.20 25.18 -16.82
CA THR C 167 5.63 25.70 -15.52
C THR C 167 4.67 25.25 -14.40
N ASP C 168 5.09 25.47 -13.16
CA ASP C 168 4.17 25.36 -12.03
C ASP C 168 3.38 26.69 -12.00
N PHE C 169 3.62 27.53 -13.01
CA PHE C 169 3.05 28.88 -13.13
C PHE C 169 2.23 29.15 -14.41
N THR C 170 1.34 28.22 -14.76
CA THR C 170 0.42 28.44 -15.88
C THR C 170 -0.45 29.65 -15.60
N PRO C 171 -1.07 30.24 -16.64
CA PRO C 171 -2.08 31.25 -16.37
C PRO C 171 -3.03 30.83 -15.23
N SER C 172 -3.73 29.71 -15.39
CA SER C 172 -4.72 29.29 -14.40
C SER C 172 -4.12 28.97 -13.04
N HIS C 173 -2.81 28.82 -12.99
CA HIS C 173 -2.11 28.67 -11.72
C HIS C 173 -1.88 30.04 -11.10
N ILE C 174 -1.47 31.01 -11.93
CA ILE C 174 -1.28 32.38 -11.47
C ILE C 174 -2.58 32.87 -10.88
N ILE C 175 -3.69 32.46 -11.49
CA ILE C 175 -5.01 32.91 -11.05
C ILE C 175 -5.59 32.01 -9.94
N GLU C 176 -5.56 30.68 -10.13
CA GLU C 176 -6.14 29.77 -9.15
C GLU C 176 -5.45 29.82 -7.79
N PHE C 177 -4.13 29.68 -7.78
CA PHE C 177 -3.38 29.57 -6.53
C PHE C 177 -3.00 30.89 -5.91
N TYR C 178 -2.43 31.79 -6.71
CA TYR C 178 -1.83 32.98 -6.17
C TYR C 178 -2.66 34.27 -6.32
N LEU C 179 -3.86 34.16 -6.85
CA LEU C 179 -4.80 35.28 -6.83
C LEU C 179 -6.07 34.90 -6.08
N SER C 180 -6.70 33.85 -6.55
CA SER C 180 -7.94 33.37 -6.02
C SER C 180 -7.87 33.00 -4.53
N TYR C 181 -6.88 32.22 -4.13
CA TYR C 181 -6.77 31.72 -2.75
C TYR C 181 -6.41 32.78 -1.73
N PRO C 182 -5.35 33.58 -2.00
CA PRO C 182 -5.03 34.66 -1.09
C PRO C 182 -6.27 35.56 -0.85
N ILE C 183 -7.00 35.89 -1.92
CA ILE C 183 -8.18 36.73 -1.78
C ILE C 183 -9.19 36.14 -0.78
N TYR C 184 -9.60 34.88 -0.95
CA TYR C 184 -10.59 34.38 -0.02
C TYR C 184 -10.07 34.14 1.39
N ILE C 185 -8.78 33.87 1.52
CA ILE C 185 -8.16 33.85 2.82
C ILE C 185 -8.18 35.26 3.46
N ILE C 186 -7.85 36.30 2.69
CA ILE C 186 -7.86 37.64 3.26
C ILE C 186 -9.28 37.99 3.71
N THR C 187 -10.26 37.74 2.84
CA THR C 187 -11.66 37.90 3.20
C THR C 187 -11.97 37.11 4.47
N GLY C 188 -11.56 35.85 4.49
CA GLY C 188 -11.73 35.03 5.68
C GLY C 188 -11.29 35.73 6.94
N PHE C 189 -10.01 36.09 6.99
CA PHE C 189 -9.46 36.72 8.17
C PHE C 189 -10.27 37.94 8.53
N ALA C 190 -10.47 38.83 7.56
CA ALA C 190 -11.24 40.06 7.78
C ALA C 190 -12.46 39.77 8.64
N ALA C 191 -13.30 38.86 8.15
CA ALA C 191 -14.54 38.50 8.83
C ALA C 191 -14.23 38.11 10.26
N PHE C 192 -13.36 37.12 10.43
CA PHE C 192 -13.01 36.65 11.75
C PHE C 192 -12.72 37.83 12.66
N ILE C 193 -11.80 38.69 12.24
CA ILE C 193 -11.31 39.80 13.03
C ILE C 193 -12.46 40.74 13.32
N TYR C 194 -13.24 41.06 12.29
CA TYR C 194 -14.42 41.93 12.48
C TYR C 194 -15.25 41.46 13.66
N ALA C 195 -15.61 40.18 13.63
CA ALA C 195 -16.39 39.56 14.69
C ALA C 195 -15.74 39.67 16.07
N LYS C 196 -14.44 39.36 16.14
CA LYS C 196 -13.67 39.36 17.38
C LYS C 196 -13.60 40.77 17.99
N THR C 197 -13.55 41.77 17.12
CA THR C 197 -13.25 43.14 17.52
C THR C 197 -14.49 43.99 17.62
N ARG C 198 -15.57 43.53 16.99
CA ARG C 198 -16.80 44.33 16.89
C ARG C 198 -17.98 43.79 17.71
N LEU C 199 -18.02 42.47 17.97
CA LEU C 199 -19.16 41.83 18.66
C LEU C 199 -18.77 41.12 19.95
N PRO C 200 -19.48 41.40 21.07
CA PRO C 200 -19.26 40.59 22.29
C PRO C 200 -19.74 39.19 21.96
N PHE C 201 -19.52 38.21 22.84
CA PHE C 201 -19.78 36.82 22.46
C PHE C 201 -18.54 36.31 21.70
N PHE C 202 -18.20 36.94 20.57
CA PHE C 202 -16.97 36.66 19.81
C PHE C 202 -15.68 37.21 20.44
N ALA C 203 -15.74 38.41 20.99
CA ALA C 203 -14.62 38.93 21.76
C ALA C 203 -14.60 38.16 23.07
N LYS C 204 -13.41 38.11 23.68
CA LYS C 204 -13.13 37.21 24.80
C LYS C 204 -13.52 35.82 24.35
N GLY C 205 -12.55 35.17 23.70
CA GLY C 205 -12.79 33.91 23.04
C GLY C 205 -11.72 33.40 22.08
N ILE C 206 -11.87 33.78 20.80
CA ILE C 206 -11.37 33.00 19.64
C ILE C 206 -12.22 31.73 19.51
N SER C 207 -13.25 31.84 18.70
CA SER C 207 -14.11 30.71 18.42
C SER C 207 -13.28 29.60 17.79
N LEU C 208 -13.51 28.37 18.24
CA LEU C 208 -12.84 27.22 17.60
C LEU C 208 -13.31 27.07 16.15
N PRO C 209 -14.60 26.76 15.95
CA PRO C 209 -15.05 26.53 14.59
C PRO C 209 -14.67 27.65 13.63
N TYR C 210 -14.61 28.87 14.13
CA TYR C 210 -14.37 30.03 13.29
C TYR C 210 -12.91 30.10 12.90
N LEU C 211 -12.04 29.87 13.89
CA LEU C 211 -10.60 29.77 13.66
C LEU C 211 -10.35 28.69 12.63
N VAL C 212 -10.78 27.47 12.94
CA VAL C 212 -10.77 26.35 12.01
C VAL C 212 -11.30 26.75 10.62
N LEU C 213 -12.40 27.50 10.56
CA LEU C 213 -12.95 27.89 9.26
C LEU C 213 -11.98 28.74 8.45
N VAL C 214 -11.45 29.76 9.12
CA VAL C 214 -10.58 30.75 8.51
C VAL C 214 -9.17 30.27 8.14
N VAL C 215 -8.53 29.48 9.00
CA VAL C 215 -7.14 29.01 8.75
C VAL C 215 -7.09 27.68 8.04
N GLY C 216 -8.26 27.05 7.93
CA GLY C 216 -8.41 25.73 7.30
C GLY C 216 -7.74 25.63 5.94
N PRO C 217 -8.07 26.57 5.04
CA PRO C 217 -7.41 26.68 3.75
C PRO C 217 -5.88 26.56 3.75
N PHE C 218 -5.22 27.03 4.81
CA PHE C 218 -3.78 26.80 4.95
C PHE C 218 -3.35 25.34 5.05
N MET C 219 -4.29 24.43 5.24
CA MET C 219 -3.98 23.01 5.20
C MET C 219 -4.82 22.35 4.08
N ILE C 220 -4.85 23.02 2.92
CA ILE C 220 -5.39 22.50 1.61
C ILE C 220 -4.51 22.83 0.36
N LEU C 221 -3.82 21.79 -0.12
CA LEU C 221 -2.75 21.87 -1.12
C LEU C 221 -2.76 20.58 -1.97
N PRO C 222 -2.56 20.70 -3.32
CA PRO C 222 -2.57 19.58 -4.32
C PRO C 222 -1.26 18.83 -4.83
N ASN C 223 -1.36 18.29 -6.06
CA ASN C 223 -0.52 17.19 -6.60
C ASN C 223 0.04 17.49 -8.02
N VAL C 224 1.17 16.87 -8.41
CA VAL C 224 2.01 15.90 -7.63
C VAL C 224 3.45 16.41 -7.35
N LEU C 254 -11.16 21.17 7.73
CA LEU C 254 -12.15 21.14 6.63
C LEU C 254 -13.37 22.10 6.77
N ALA C 255 -13.40 23.12 5.91
CA ALA C 255 -14.41 24.22 5.87
C ALA C 255 -15.88 23.98 6.34
N LEU C 256 -16.24 22.75 6.72
CA LEU C 256 -17.58 22.51 7.27
C LEU C 256 -17.79 23.17 8.61
N ALA C 257 -16.65 23.47 9.25
CA ALA C 257 -16.57 24.34 10.42
C ALA C 257 -17.54 25.50 10.32
N VAL C 258 -17.77 25.99 9.10
CA VAL C 258 -18.72 27.07 8.83
C VAL C 258 -20.02 26.91 9.62
N MET C 259 -20.48 25.67 9.77
CA MET C 259 -21.70 25.39 10.51
C MET C 259 -21.59 25.87 11.95
N GLY C 260 -20.74 25.20 12.72
CA GLY C 260 -20.38 25.65 14.06
C GLY C 260 -20.37 27.17 14.13
N THR C 261 -19.67 27.80 13.19
CA THR C 261 -19.53 29.26 13.22
C THR C 261 -20.82 30.05 12.86
N LEU C 262 -21.75 29.42 12.14
CA LEU C 262 -23.06 30.03 11.95
C LEU C 262 -23.89 29.88 13.18
N THR C 263 -24.03 28.64 13.65
CA THR C 263 -24.82 28.38 14.87
C THR C 263 -24.35 29.33 16.01
N GLN C 264 -23.10 29.76 15.92
CA GLN C 264 -22.59 30.83 16.75
C GLN C 264 -23.17 32.19 16.35
N THR C 265 -22.85 32.65 15.15
CA THR C 265 -23.34 33.95 14.69
C THR C 265 -24.84 34.04 14.85
N PHE C 266 -25.56 32.92 14.81
CA PHE C 266 -26.98 32.96 15.07
C PHE C 266 -27.27 33.38 16.50
N TYR C 267 -26.64 32.71 17.47
CA TYR C 267 -26.77 33.09 18.89
C TYR C 267 -26.37 34.53 19.10
N SER C 268 -25.30 34.93 18.43
CA SER C 268 -24.83 36.30 18.48
C SER C 268 -25.91 37.29 18.08
N PHE C 269 -26.72 36.94 17.09
CA PHE C 269 -27.82 37.80 16.66
C PHE C 269 -28.88 37.91 17.77
N ALA C 270 -29.16 36.81 18.46
CA ALA C 270 -30.22 36.76 19.47
C ALA C 270 -29.75 36.96 20.93
N GLN C 271 -29.35 38.18 21.29
CA GLN C 271 -29.04 38.52 22.69
C GLN C 271 -30.19 39.38 23.23
N GLY C 272 -30.36 40.58 22.67
CA GLY C 272 -31.61 41.31 22.80
C GLY C 272 -32.65 40.83 21.79
N GLY C 273 -32.18 40.49 20.57
CA GLY C 273 -33.03 40.04 19.45
C GLY C 273 -33.65 38.66 19.50
N LEU C 274 -33.50 37.99 20.65
CA LEU C 274 -34.32 36.85 21.09
C LEU C 274 -35.79 37.25 20.95
N GLY C 275 -36.13 38.42 21.48
CA GLY C 275 -37.48 39.03 21.41
C GLY C 275 -37.91 39.45 20.03
N GLN C 276 -38.51 38.55 19.25
CA GLN C 276 -39.34 37.49 19.73
C GLN C 276 -40.69 38.03 19.29
N SER C 277 -41.29 37.53 18.21
CA SER C 277 -40.74 36.53 17.27
C SER C 277 -40.21 35.33 17.98
N LEU C 278 -39.10 34.85 17.47
CA LEU C 278 -38.05 34.19 18.21
C LEU C 278 -38.47 33.74 19.65
N CYS C 279 -39.75 33.34 19.74
CA CYS C 279 -40.40 32.68 20.87
C CYS C 279 -41.70 33.37 21.33
N GLU C 280 -41.81 34.68 21.11
CA GLU C 280 -43.05 35.41 21.37
C GLU C 280 -43.96 35.31 20.17
N ALA C 281 -43.60 36.06 19.12
CA ALA C 281 -44.41 36.14 17.92
C ALA C 281 -44.33 34.88 17.09
N VAL C 282 -43.95 33.78 17.73
CA VAL C 282 -44.24 32.47 17.22
C VAL C 282 -45.55 31.99 17.84
N ASP C 283 -45.64 32.06 19.17
CA ASP C 283 -46.87 31.72 19.89
C ASP C 283 -48.08 32.57 19.50
N GLU C 284 -47.94 33.35 18.44
CA GLU C 284 -49.03 34.12 17.88
C GLU C 284 -48.95 34.05 16.37
N GLY C 285 -48.92 35.21 15.74
CA GLY C 285 -48.88 35.35 14.29
C GLY C 285 -47.69 34.67 13.65
N LEU C 286 -46.59 35.42 13.52
CA LEU C 286 -45.39 35.00 12.77
C LEU C 286 -45.48 35.52 11.33
N HIS D 33 32.52 -13.95 3.45
CA HIS D 33 31.84 -13.71 4.76
C HIS D 33 30.46 -13.14 4.53
N GLY D 34 29.48 -13.98 4.75
CA GLY D 34 28.11 -13.59 4.60
C GLY D 34 27.40 -14.68 3.86
N GLU D 35 28.11 -15.31 2.90
CA GLU D 35 27.61 -16.52 2.26
C GLU D 35 27.67 -17.51 3.39
N LYS D 36 27.24 -18.75 3.19
CA LYS D 36 27.47 -19.78 4.22
C LYS D 36 26.31 -19.80 5.11
N SER D 37 25.84 -18.62 5.47
CA SER D 37 24.70 -18.57 6.34
C SER D 37 23.52 -18.32 5.47
N GLN D 38 23.76 -18.01 4.22
CA GLN D 38 22.61 -17.90 3.33
C GLN D 38 22.18 -19.20 2.63
N ALA D 39 20.87 -19.35 2.44
CA ALA D 39 20.27 -20.56 1.87
C ALA D 39 21.11 -21.20 0.73
N ALA D 40 21.43 -22.47 0.89
CA ALA D 40 22.39 -23.09 -0.04
C ALA D 40 21.84 -23.26 -1.45
N PHE D 41 20.53 -23.36 -1.58
CA PHE D 41 20.02 -23.44 -2.91
C PHE D 41 20.05 -22.09 -3.63
N MET D 42 19.85 -20.96 -2.93
CA MET D 42 20.02 -19.60 -3.56
C MET D 42 21.44 -19.54 -4.04
N ARG D 43 22.40 -19.93 -3.18
CA ARG D 43 23.77 -19.86 -3.57
C ARG D 43 24.00 -20.74 -4.79
N MET D 44 23.21 -21.79 -4.91
CA MET D 44 23.42 -22.65 -6.07
C MET D 44 22.81 -22.05 -7.32
N ARG D 45 21.58 -21.56 -7.22
CA ARG D 45 20.71 -21.22 -8.38
C ARG D 45 20.47 -19.70 -8.62
N THR D 46 21.51 -18.91 -8.42
CA THR D 46 21.34 -17.51 -8.54
C THR D 46 22.34 -16.92 -9.56
N ILE D 47 23.60 -16.87 -9.22
CA ILE D 47 24.59 -16.45 -10.20
C ILE D 47 25.74 -17.42 -10.12
N HIS D 48 26.36 -17.76 -11.25
CA HIS D 48 27.54 -18.60 -11.19
C HIS D 48 28.73 -17.76 -11.60
N TRP D 49 29.81 -17.82 -10.83
CA TRP D 49 31.01 -17.09 -11.14
C TRP D 49 32.12 -18.03 -11.63
N TYR D 50 32.64 -17.82 -12.83
CA TYR D 50 33.78 -18.57 -13.30
C TYR D 50 34.74 -17.81 -14.17
N ASP D 51 35.84 -18.45 -14.51
CA ASP D 51 36.97 -17.77 -15.08
C ASP D 51 37.46 -16.61 -14.25
N LEU D 52 37.41 -16.76 -12.93
CA LEU D 52 37.86 -15.69 -12.06
C LEU D 52 39.36 -15.57 -12.16
N SER D 53 39.85 -14.34 -11.95
CA SER D 53 41.29 -14.10 -11.80
C SER D 53 41.57 -12.86 -10.93
N TRP D 54 42.62 -12.97 -10.13
CA TRP D 54 43.12 -11.82 -9.41
C TRP D 54 44.56 -11.54 -9.83
N SER D 55 44.82 -10.32 -10.27
CA SER D 55 46.14 -9.91 -10.72
C SER D 55 47.18 -10.05 -9.64
N LYS D 56 46.78 -9.85 -8.37
CA LYS D 56 47.73 -9.88 -7.26
C LYS D 56 47.23 -10.54 -5.98
N GLU D 57 48.17 -11.02 -5.17
CA GLU D 57 47.85 -11.66 -3.89
C GLU D 57 48.29 -10.78 -2.69
N LYS D 58 49.39 -10.06 -2.88
CA LYS D 58 49.96 -9.17 -1.89
C LYS D 58 50.13 -7.83 -2.58
N VAL D 59 49.74 -6.76 -1.91
CA VAL D 59 49.68 -5.43 -2.53
C VAL D 59 50.10 -4.32 -1.54
N LYS D 60 50.84 -3.32 -2.03
CA LYS D 60 51.26 -2.18 -1.21
C LYS D 60 50.18 -1.11 -1.16
N ILE D 61 50.20 -0.26 -0.12
CA ILE D 61 49.20 0.81 -0.06
C ILE D 61 49.32 1.66 -1.29
N ASN D 62 48.17 2.00 -1.86
CA ASN D 62 48.09 2.84 -3.06
C ASN D 62 48.25 2.06 -4.32
N GLU D 63 48.59 0.78 -4.22
CA GLU D 63 48.69 -0.03 -5.40
C GLU D 63 47.35 -0.62 -5.85
N THR D 64 47.44 -1.20 -7.04
CA THR D 64 46.30 -1.72 -7.76
C THR D 64 46.21 -3.26 -7.71
N VAL D 65 45.00 -3.75 -7.49
CA VAL D 65 44.73 -5.14 -7.76
C VAL D 65 43.47 -5.17 -8.61
N GLU D 66 43.44 -6.12 -9.53
CA GLU D 66 42.43 -6.19 -10.56
C GLU D 66 41.73 -7.57 -10.57
N ILE D 67 40.42 -7.58 -10.35
CA ILE D 67 39.66 -8.81 -10.32
C ILE D 67 38.92 -8.93 -11.64
N LYS D 68 38.91 -10.09 -12.25
CA LYS D 68 38.19 -10.27 -13.51
C LYS D 68 37.42 -11.58 -13.46
N GLY D 69 36.55 -11.83 -14.42
CA GLY D 69 35.88 -13.12 -14.50
C GLY D 69 34.68 -13.10 -15.41
N LYS D 70 33.87 -14.16 -15.36
CA LYS D 70 32.57 -14.14 -15.99
C LYS D 70 31.51 -14.47 -14.95
N PHE D 71 30.29 -14.05 -15.14
CA PHE D 71 29.24 -14.62 -14.34
C PHE D 71 28.02 -14.98 -15.18
N HIS D 72 27.30 -16.00 -14.77
CA HIS D 72 26.08 -16.39 -15.45
C HIS D 72 24.84 -16.18 -14.57
N VAL D 73 23.86 -15.43 -15.04
CA VAL D 73 22.60 -15.42 -14.28
C VAL D 73 21.80 -16.66 -14.63
N PHE D 74 21.49 -17.43 -13.59
CA PHE D 74 20.94 -18.75 -13.79
C PHE D 74 19.57 -18.59 -14.39
N GLU D 75 19.28 -19.42 -15.38
CA GLU D 75 18.00 -19.38 -16.08
C GLU D 75 16.89 -19.70 -15.12
N GLY D 76 17.20 -20.44 -14.07
CA GLY D 76 16.17 -20.91 -13.13
C GLY D 76 16.16 -20.15 -11.83
N TRP D 77 16.55 -18.88 -11.94
CA TRP D 77 16.47 -17.87 -10.88
C TRP D 77 15.28 -18.10 -9.95
N PRO D 78 15.53 -18.06 -8.63
CA PRO D 78 14.48 -18.35 -7.66
C PRO D 78 13.43 -17.23 -7.52
N GLU D 79 12.43 -17.46 -6.70
CA GLU D 79 11.15 -16.81 -6.87
C GLU D 79 10.95 -15.32 -6.61
N THR D 80 10.85 -14.73 -5.41
CA THR D 80 11.69 -14.74 -4.16
C THR D 80 13.10 -14.14 -4.20
N VAL D 81 13.69 -14.04 -5.38
CA VAL D 81 14.73 -13.04 -5.60
C VAL D 81 14.25 -12.26 -6.80
N ASP D 82 14.04 -10.97 -6.61
CA ASP D 82 13.49 -10.12 -7.66
C ASP D 82 14.40 -10.29 -8.85
N GLU D 83 13.84 -10.41 -10.05
CA GLU D 83 14.68 -10.51 -11.23
C GLU D 83 15.69 -9.35 -11.17
N PRO D 84 16.96 -9.55 -11.62
CA PRO D 84 17.99 -8.50 -11.49
C PRO D 84 17.80 -7.35 -12.52
N ASP D 85 16.67 -6.66 -12.40
CA ASP D 85 16.34 -5.58 -13.29
C ASP D 85 17.18 -4.39 -12.84
N VAL D 86 17.45 -4.31 -11.54
CA VAL D 86 18.29 -3.26 -10.96
C VAL D 86 19.33 -3.91 -10.06
N ALA D 87 20.46 -4.29 -10.64
CA ALA D 87 21.53 -5.02 -9.93
C ALA D 87 22.75 -4.14 -9.77
N PHE D 88 23.52 -4.36 -8.73
CA PHE D 88 24.71 -3.57 -8.56
C PHE D 88 25.98 -4.39 -8.36
N LEU D 89 26.94 -4.22 -9.24
CA LEU D 89 28.17 -4.95 -9.15
C LEU D 89 29.05 -4.41 -8.03
N ASN D 90 29.01 -5.09 -6.89
CA ASN D 90 29.73 -4.68 -5.69
C ASN D 90 31.03 -5.44 -5.45
N VAL D 91 31.61 -5.18 -4.28
CA VAL D 91 32.77 -5.89 -3.78
C VAL D 91 32.48 -6.27 -2.33
N GLY D 92 32.74 -7.54 -2.01
CA GLY D 92 32.72 -7.97 -0.63
C GLY D 92 34.04 -7.77 0.11
N MET D 93 34.07 -6.84 1.06
CA MET D 93 35.20 -6.67 1.97
C MET D 93 34.70 -5.91 3.19
N PRO D 94 35.54 -5.82 4.24
CA PRO D 94 35.16 -5.12 5.48
C PRO D 94 35.35 -3.62 5.34
N GLY D 95 34.46 -2.98 4.60
CA GLY D 95 34.60 -1.56 4.30
C GLY D 95 35.75 -1.24 3.35
N PRO D 96 36.13 0.03 3.30
CA PRO D 96 37.11 0.58 2.39
C PRO D 96 38.50 0.15 2.74
N VAL D 97 38.73 -1.16 2.82
CA VAL D 97 40.10 -1.60 2.98
C VAL D 97 40.77 -1.48 1.60
N PHE D 98 39.96 -1.62 0.57
CA PHE D 98 40.32 -1.12 -0.73
C PHE D 98 39.30 -0.06 -1.10
N ILE D 99 39.63 0.79 -2.07
CA ILE D 99 38.59 1.57 -2.70
C ILE D 99 38.39 1.07 -4.10
N ARG D 100 37.17 1.19 -4.60
CA ARG D 100 36.85 0.79 -5.96
C ARG D 100 37.22 1.92 -6.87
N LYS D 101 38.26 1.70 -7.66
CA LYS D 101 38.66 2.72 -8.58
C LYS D 101 37.80 2.63 -9.84
N GLU D 102 37.52 1.43 -10.34
CA GLU D 102 36.73 1.22 -11.58
C GLU D 102 36.08 -0.15 -11.57
N SER D 103 35.06 -0.34 -12.38
CA SER D 103 34.39 -1.61 -12.47
C SER D 103 33.67 -1.67 -13.80
N TYR D 104 33.64 -2.85 -14.42
CA TYR D 104 33.20 -3.00 -15.80
C TYR D 104 32.42 -4.26 -16.00
N ILE D 105 31.21 -4.13 -16.54
CA ILE D 105 30.42 -5.26 -17.03
C ILE D 105 30.36 -5.09 -18.51
N GLY D 106 30.68 -6.13 -19.25
CA GLY D 106 30.88 -5.94 -20.70
C GLY D 106 32.13 -5.10 -20.78
N GLY D 107 32.17 -4.18 -21.72
CA GLY D 107 33.26 -3.21 -21.76
C GLY D 107 33.00 -2.01 -20.84
N GLN D 108 31.75 -1.88 -20.40
CA GLN D 108 31.18 -0.61 -19.97
C GLN D 108 31.52 -0.31 -18.52
N LEU D 109 31.88 0.92 -18.19
CA LEU D 109 32.07 1.27 -16.78
C LEU D 109 30.71 1.39 -16.16
N VAL D 110 30.62 1.00 -14.90
CA VAL D 110 29.35 0.70 -14.27
C VAL D 110 29.19 1.29 -12.87
N PRO D 111 29.25 2.62 -12.75
CA PRO D 111 29.17 3.19 -11.42
C PRO D 111 27.76 3.39 -10.95
N ARG D 112 26.80 2.98 -11.77
CA ARG D 112 25.41 2.95 -11.35
C ARG D 112 24.99 1.51 -11.20
N SER D 113 23.69 1.29 -10.99
CA SER D 113 23.13 -0.06 -11.00
C SER D 113 22.82 -0.38 -12.43
N VAL D 114 22.82 -1.66 -12.78
CA VAL D 114 22.68 -2.08 -14.17
C VAL D 114 21.59 -3.08 -14.23
N ARG D 115 20.98 -3.25 -15.38
CA ARG D 115 19.99 -4.28 -15.58
C ARG D 115 20.76 -5.40 -16.18
N LEU D 116 20.68 -6.56 -15.54
CA LEU D 116 21.20 -7.84 -16.04
C LEU D 116 20.05 -8.72 -16.45
N GLU D 117 20.28 -9.55 -17.48
CA GLU D 117 19.22 -10.43 -17.97
C GLU D 117 19.42 -11.92 -17.74
N ILE D 118 18.41 -12.52 -17.10
CA ILE D 118 18.37 -13.93 -16.79
C ILE D 118 18.70 -14.76 -18.04
N GLY D 119 19.73 -15.55 -17.94
CA GLY D 119 20.04 -16.45 -19.01
C GLY D 119 21.40 -16.09 -19.49
N LYS D 120 21.71 -14.81 -19.47
CA LYS D 120 22.93 -14.30 -20.09
C LYS D 120 24.23 -14.47 -19.29
N THR D 121 25.35 -14.62 -20.01
CA THR D 121 26.66 -14.60 -19.36
C THR D 121 27.33 -13.26 -19.63
N TYR D 122 28.05 -12.72 -18.65
CA TYR D 122 28.73 -11.46 -18.82
C TYR D 122 30.16 -11.56 -18.33
N ASP D 123 31.03 -10.66 -18.78
CA ASP D 123 32.35 -10.58 -18.20
C ASP D 123 32.51 -9.32 -17.33
N PHE D 124 33.11 -9.45 -16.16
CA PHE D 124 33.34 -8.27 -15.38
C PHE D 124 34.79 -8.06 -15.14
N ARG D 125 35.08 -6.90 -14.56
CA ARG D 125 36.42 -6.48 -14.17
C ARG D 125 36.40 -5.41 -13.08
N VAL D 126 36.66 -5.76 -11.84
CA VAL D 126 36.77 -4.76 -10.78
C VAL D 126 38.23 -4.29 -10.56
N VAL D 127 38.43 -3.01 -10.29
CA VAL D 127 39.75 -2.49 -10.07
C VAL D 127 39.86 -1.84 -8.70
N LEU D 128 40.58 -2.49 -7.80
CA LEU D 128 40.76 -1.96 -6.45
C LEU D 128 42.10 -1.23 -6.23
N LYS D 129 42.01 -0.15 -5.48
CA LYS D 129 43.18 0.47 -4.90
C LYS D 129 43.26 0.13 -3.40
N ALA D 130 44.43 -0.33 -2.95
CA ALA D 130 44.64 -0.72 -1.55
C ALA D 130 44.74 0.48 -0.59
N ARG D 131 44.04 0.41 0.55
CA ARG D 131 43.89 1.58 1.41
C ARG D 131 44.26 1.32 2.85
N ARG D 132 43.89 0.13 3.34
CA ARG D 132 44.17 -0.27 4.72
C ARG D 132 45.09 -1.50 4.86
N PRO D 133 46.09 -1.42 5.75
CA PRO D 133 47.00 -2.54 5.80
C PRO D 133 46.32 -3.72 6.49
N GLY D 134 46.54 -4.92 5.97
CA GLY D 134 45.97 -6.10 6.59
C GLY D 134 45.70 -7.27 5.68
N ASP D 135 44.90 -8.20 6.19
CA ASP D 135 44.53 -9.41 5.44
C ASP D 135 43.05 -9.42 5.15
N TRP D 136 42.71 -9.24 3.89
CA TRP D 136 41.33 -9.05 3.52
C TRP D 136 40.82 -10.15 2.61
N HIS D 137 39.64 -10.63 2.95
CA HIS D 137 38.98 -11.60 2.16
C HIS D 137 38.10 -10.83 1.27
N VAL D 138 38.54 -10.62 0.04
CA VAL D 138 37.79 -9.84 -0.90
C VAL D 138 36.94 -10.70 -1.78
N HIS D 139 35.65 -10.45 -1.80
CA HIS D 139 34.73 -11.14 -2.68
C HIS D 139 34.27 -10.28 -3.82
N THR D 140 33.60 -10.90 -4.76
CA THR D 140 32.94 -10.15 -5.80
C THR D 140 31.50 -10.48 -5.59
N MET D 141 30.65 -9.49 -5.35
CA MET D 141 29.23 -9.77 -5.15
C MET D 141 28.34 -8.95 -6.04
N MET D 142 27.16 -9.47 -6.33
CA MET D 142 26.11 -8.72 -7.03
C MET D 142 25.07 -8.26 -6.00
N ASN D 143 24.57 -7.04 -6.09
CA ASN D 143 23.54 -6.60 -5.16
C ASN D 143 22.22 -6.56 -5.86
N VAL D 144 21.21 -7.24 -5.33
CA VAL D 144 19.96 -7.27 -6.05
C VAL D 144 18.79 -6.63 -5.34
N GLN D 145 18.43 -5.49 -5.92
CA GLN D 145 17.06 -4.94 -6.01
C GLN D 145 16.11 -5.36 -4.92
N GLY D 146 15.47 -6.53 -5.13
CA GLY D 146 14.53 -7.10 -4.19
C GLY D 146 15.16 -8.32 -3.53
N GLY D 147 15.49 -8.17 -2.23
CA GLY D 147 16.07 -9.25 -1.42
C GLY D 147 17.35 -9.88 -1.99
N GLY D 148 18.46 -9.64 -1.30
CA GLY D 148 19.72 -10.43 -1.48
C GLY D 148 21.00 -9.66 -1.85
N PRO D 149 22.11 -9.89 -1.09
CA PRO D 149 23.44 -9.68 -1.65
C PRO D 149 23.86 -11.02 -2.25
N ILE D 150 24.33 -11.04 -3.48
CA ILE D 150 24.69 -12.30 -4.06
C ILE D 150 26.20 -12.48 -4.11
N ILE D 151 26.75 -13.19 -3.11
CA ILE D 151 28.21 -13.18 -2.82
C ILE D 151 29.04 -14.24 -3.53
N GLY D 152 29.86 -13.83 -4.50
CA GLY D 152 30.81 -14.69 -5.20
C GLY D 152 31.93 -15.21 -4.31
N PRO D 153 32.92 -15.95 -4.88
CA PRO D 153 33.99 -16.56 -4.11
C PRO D 153 34.85 -15.51 -3.45
N GLY D 154 35.36 -15.79 -2.26
CA GLY D 154 36.30 -14.88 -1.69
C GLY D 154 37.75 -15.34 -1.76
N LYS D 155 38.64 -14.46 -2.25
CA LYS D 155 40.07 -14.66 -2.13
C LYS D 155 40.70 -13.70 -1.14
N TRP D 156 41.66 -14.22 -0.35
CA TRP D 156 42.45 -13.42 0.59
C TRP D 156 43.49 -12.61 -0.16
N ILE D 157 43.50 -11.30 0.12
CA ILE D 157 44.55 -10.40 -0.37
C ILE D 157 45.15 -9.62 0.79
N THR D 158 46.46 -9.41 0.73
CA THR D 158 47.17 -8.76 1.81
C THR D 158 47.66 -7.40 1.40
N VAL D 159 47.33 -6.39 2.18
CA VAL D 159 47.84 -5.04 1.98
C VAL D 159 48.96 -4.73 2.97
N GLU D 160 50.14 -4.36 2.45
CA GLU D 160 51.26 -3.92 3.28
C GLU D 160 51.47 -2.40 3.18
N GLY D 161 51.87 -1.76 4.27
CA GLY D 161 52.11 -0.31 4.26
C GLY D 161 51.41 0.46 5.36
N SER D 162 51.28 1.77 5.19
CA SER D 162 50.58 2.60 6.16
C SER D 162 49.35 3.26 5.56
N MET D 163 48.29 3.38 6.34
CA MET D 163 47.12 4.08 5.84
C MET D 163 47.43 5.56 5.55
N SER D 164 48.40 6.12 6.29
CA SER D 164 48.81 7.52 6.09
C SER D 164 49.57 7.71 4.78
N GLU D 165 49.69 6.63 4.01
CA GLU D 165 50.30 6.75 2.70
C GLU D 165 49.25 6.92 1.61
N PHE D 166 47.99 6.61 1.92
CA PHE D 166 46.94 6.56 0.90
C PHE D 166 46.46 7.93 0.41
N ARG D 167 46.38 8.05 -0.91
CA ARG D 167 45.89 9.25 -1.61
C ARG D 167 44.83 8.86 -2.62
N ASN D 168 43.74 9.61 -2.62
CA ASN D 168 42.68 9.42 -3.60
C ASN D 168 42.52 10.70 -4.37
N PRO D 169 43.40 10.91 -5.36
CA PRO D 169 43.35 12.10 -6.18
C PRO D 169 42.29 11.99 -7.26
N VAL D 170 41.63 13.13 -7.52
CA VAL D 170 40.65 13.24 -8.59
C VAL D 170 40.66 14.67 -9.14
N THR D 171 40.76 14.78 -10.47
CA THR D 171 40.75 16.08 -11.17
C THR D 171 39.33 16.43 -11.70
N THR D 172 38.81 17.59 -11.32
CA THR D 172 37.46 17.97 -11.72
C THR D 172 37.43 18.63 -13.13
N LEU D 173 36.24 18.64 -13.76
CA LEU D 173 36.04 19.43 -15.00
C LEU D 173 36.12 20.93 -14.74
N THR D 174 36.49 21.25 -13.51
CA THR D 174 36.55 22.61 -13.01
C THR D 174 37.98 23.06 -12.79
N GLY D 175 38.96 22.29 -13.30
CA GLY D 175 40.36 22.62 -13.16
C GLY D 175 41.07 22.02 -11.96
N GLN D 176 40.56 22.24 -10.74
CA GLN D 176 41.22 21.75 -9.50
C GLN D 176 41.41 20.20 -9.35
N THR D 177 42.52 19.81 -8.72
CA THR D 177 42.80 18.40 -8.36
C THR D 177 42.85 18.26 -6.82
N VAL D 178 41.95 17.43 -6.31
CA VAL D 178 41.68 17.33 -4.86
C VAL D 178 41.93 15.91 -4.36
N ASP D 179 42.10 15.76 -3.05
CA ASP D 179 42.22 14.42 -2.47
C ASP D 179 40.95 14.03 -1.73
N LEU D 180 40.25 13.03 -2.27
CA LEU D 180 38.93 12.61 -1.80
C LEU D 180 38.92 12.02 -0.42
N GLU D 181 40.13 11.74 0.08
CA GLU D 181 40.34 11.33 1.47
C GLU D 181 40.06 12.45 2.48
N ASN D 182 40.18 13.69 2.05
CA ASN D 182 40.03 14.80 2.96
C ASN D 182 39.33 15.99 2.35
N TYR D 183 39.00 15.90 1.04
CA TYR D 183 38.32 16.99 0.33
C TYR D 183 37.11 17.40 1.11
N ASN D 184 36.92 18.70 1.21
CA ASN D 184 35.77 19.28 1.88
C ASN D 184 35.64 18.92 3.38
N GLU D 185 36.70 18.38 3.99
CA GLU D 185 36.59 17.91 5.38
C GLU D 185 36.34 19.08 6.32
N GLY D 186 37.27 20.02 6.30
CA GLY D 186 37.28 21.14 7.22
C GLY D 186 36.07 22.04 7.08
N ASN D 187 35.63 22.22 5.84
CA ASN D 187 34.40 22.94 5.55
C ASN D 187 33.27 22.24 6.29
N THR D 188 33.22 20.90 6.19
CA THR D 188 32.14 20.15 6.75
C THR D 188 32.11 20.45 8.22
N TYR D 189 33.25 20.22 8.85
CA TYR D 189 33.43 20.56 10.27
C TYR D 189 32.98 21.98 10.69
N PHE D 190 33.54 23.00 10.06
CA PHE D 190 33.20 24.38 10.38
C PHE D 190 31.70 24.61 10.46
N TRP D 191 30.99 24.36 9.37
CA TRP D 191 29.55 24.62 9.32
C TRP D 191 28.81 23.89 10.40
N HIS D 192 29.25 22.66 10.71
CA HIS D 192 28.65 21.93 11.80
C HIS D 192 28.96 22.51 13.18
N ALA D 193 30.21 22.86 13.43
CA ALA D 193 30.59 23.48 14.69
C ALA D 193 29.89 24.82 14.84
N PHE D 194 29.90 25.62 13.77
CA PHE D 194 29.31 26.95 13.78
C PHE D 194 27.85 26.87 14.17
N TRP D 195 27.09 26.06 13.44
CA TRP D 195 25.68 25.87 13.74
C TRP D 195 25.40 25.18 15.07
N PHE D 196 26.25 24.23 15.46
CA PHE D 196 26.16 23.65 16.81
C PHE D 196 26.38 24.69 17.90
N ALA D 197 27.40 25.56 17.71
CA ALA D 197 27.76 26.57 18.69
C ALA D 197 26.55 27.45 18.92
N ILE D 198 25.99 27.96 17.83
CA ILE D 198 24.74 28.75 17.90
C ILE D 198 23.60 28.03 18.67
N GLY D 199 23.40 26.75 18.38
CA GLY D 199 22.50 25.90 19.18
C GLY D 199 22.79 26.11 20.65
N VAL D 200 24.04 25.88 21.04
CA VAL D 200 24.43 26.02 22.43
C VAL D 200 24.21 27.45 22.85
N ALA D 201 24.72 28.40 22.06
CA ALA D 201 24.55 29.82 22.39
C ALA D 201 23.11 30.12 22.78
N TRP D 202 22.14 29.58 22.04
CA TRP D 202 20.74 29.84 22.34
C TRP D 202 20.27 29.19 23.63
N ILE D 203 20.64 27.94 23.91
CA ILE D 203 20.29 27.37 25.21
C ILE D 203 21.14 28.02 26.32
N GLY D 204 22.39 28.33 26.00
CA GLY D 204 23.30 29.03 26.90
C GLY D 204 22.74 30.36 27.37
N TYR D 205 22.15 31.12 26.46
CA TYR D 205 21.52 32.40 26.81
C TYR D 205 20.39 32.21 27.81
N TRP D 206 19.60 31.17 27.64
CA TRP D 206 18.45 30.95 28.51
C TRP D 206 18.82 30.26 29.80
N SER D 207 20.03 29.72 29.86
CA SER D 207 20.41 28.94 31.02
C SER D 207 21.33 29.69 32.00
N ARG D 208 21.66 30.94 31.66
CA ARG D 208 22.29 31.86 32.62
C ARG D 208 21.36 31.93 33.82
N ARG D 209 20.05 32.01 33.51
CA ARG D 209 18.97 32.04 34.49
C ARG D 209 18.67 30.65 35.05
N PRO D 210 17.87 30.57 36.14
CA PRO D 210 17.50 29.24 36.61
C PRO D 210 16.44 28.60 35.72
N ILE D 211 16.61 27.30 35.50
CA ILE D 211 15.94 26.60 34.41
C ILE D 211 14.59 26.01 34.81
N PHE D 212 14.55 25.17 35.84
CA PHE D 212 13.35 24.40 36.08
C PHE D 212 12.43 24.84 37.23
N ILE D 213 12.73 24.39 38.45
CA ILE D 213 11.72 24.40 39.52
C ILE D 213 11.10 25.78 39.85
N PRO D 214 11.89 26.87 39.78
CA PRO D 214 11.28 28.21 39.90
C PRO D 214 10.36 28.56 38.74
N ARG D 215 10.83 28.37 37.51
CA ARG D 215 10.06 28.66 36.30
C ARG D 215 8.79 27.82 36.23
N LEU D 216 8.88 26.53 36.61
CA LEU D 216 7.72 25.66 36.65
C LEU D 216 6.62 26.18 37.55
N LEU D 217 7.01 26.66 38.73
CA LEU D 217 6.05 27.12 39.74
C LEU D 217 5.46 28.49 39.46
N MET D 218 6.26 29.37 38.86
CA MET D 218 5.76 30.66 38.39
C MET D 218 4.60 30.46 37.39
N VAL D 219 4.78 29.56 36.42
CA VAL D 219 3.70 29.21 35.47
C VAL D 219 2.46 28.73 36.22
N ASP D 220 2.67 27.91 37.26
CA ASP D 220 1.60 27.25 38.01
C ASP D 220 0.68 28.25 38.66
N ALA D 221 0.76 28.40 39.98
CA ALA D 221 0.02 29.49 40.63
C ALA D 221 0.41 30.75 39.86
N GLY D 222 -0.60 31.48 39.39
CA GLY D 222 -0.39 32.75 38.69
C GLY D 222 0.25 32.60 37.31
N ARG D 223 0.35 33.72 36.60
CA ARG D 223 0.83 33.75 35.22
C ARG D 223 2.37 33.67 35.09
N ALA D 224 2.79 33.12 33.94
CA ALA D 224 4.18 33.07 33.49
C ALA D 224 4.65 34.46 33.11
N ASP D 225 4.76 34.71 31.80
CA ASP D 225 5.02 36.04 31.19
C ASP D 225 5.87 37.12 31.93
N GLU D 226 6.19 36.91 33.21
CA GLU D 226 7.25 37.66 33.92
C GLU D 226 8.58 36.96 33.61
N LEU D 227 8.49 35.71 33.17
CA LEU D 227 9.63 34.86 32.89
C LEU D 227 10.36 35.26 31.61
N VAL D 228 9.65 35.97 30.74
CA VAL D 228 10.22 36.41 29.48
C VAL D 228 9.81 37.87 29.20
N SER D 229 10.78 38.68 28.79
CA SER D 229 10.46 39.97 28.19
C SER D 229 11.70 40.64 27.64
N ALA D 230 11.56 41.17 26.42
CA ALA D 230 12.57 42.02 25.79
C ALA D 230 13.21 42.74 26.96
N THR D 231 14.53 42.67 27.13
CA THR D 231 15.52 42.29 26.12
C THR D 231 15.55 40.81 25.64
N ASP D 232 14.74 39.94 26.26
CA ASP D 232 14.62 38.54 25.82
C ASP D 232 14.11 38.49 24.40
N ARG D 233 12.97 39.11 24.14
CA ARG D 233 12.39 39.02 22.81
C ARG D 233 13.10 39.84 21.74
N LYS D 234 14.01 40.71 22.16
CA LYS D 234 14.95 41.31 21.21
C LYS D 234 15.96 40.25 20.73
N VAL D 235 16.60 39.56 21.68
CA VAL D 235 17.51 38.45 21.39
C VAL D 235 16.84 37.39 20.51
N ALA D 236 15.62 37.01 20.88
CA ALA D 236 14.88 36.02 20.12
C ALA D 236 14.93 36.39 18.65
N MET D 237 14.47 37.59 18.31
CA MET D 237 14.44 37.98 16.90
C MET D 237 15.79 38.34 16.34
N GLY D 238 16.76 38.53 17.24
CA GLY D 238 18.17 38.68 16.86
C GLY D 238 18.62 37.37 16.21
N PHE D 239 18.54 36.30 16.99
CA PHE D 239 18.80 34.99 16.47
C PHE D 239 17.98 34.70 15.22
N LEU D 240 16.66 34.81 15.32
CA LEU D 240 15.77 34.52 14.18
C LEU D 240 16.26 35.17 12.87
N ALA D 241 16.47 36.48 12.88
CA ALA D 241 16.92 37.20 11.69
C ALA D 241 18.36 36.85 11.33
N ALA D 242 19.25 36.86 12.33
CA ALA D 242 20.64 36.47 12.09
C ALA D 242 20.72 35.11 11.41
N THR D 243 19.81 34.19 11.76
CA THR D 243 19.86 32.80 11.24
C THR D 243 19.50 32.73 9.77
N ILE D 244 18.34 33.28 9.42
CA ILE D 244 17.91 33.40 8.03
C ILE D 244 19.02 34.11 7.25
N LEU D 245 19.44 35.26 7.78
CA LEU D 245 20.48 36.05 7.15
C LEU D 245 21.72 35.21 6.85
N ILE D 246 22.29 34.57 7.85
CA ILE D 246 23.52 33.81 7.65
C ILE D 246 23.32 32.64 6.66
N VAL D 247 22.19 31.94 6.76
CA VAL D 247 21.92 30.89 5.80
C VAL D 247 22.01 31.38 4.36
N VAL D 248 21.29 32.47 4.02
CA VAL D 248 21.26 32.97 2.64
C VAL D 248 22.56 33.59 2.21
N MET D 249 23.26 34.21 3.16
CA MET D 249 24.59 34.77 2.90
C MET D 249 25.51 33.62 2.56
N ALA D 250 25.48 32.61 3.42
CA ALA D 250 26.33 31.44 3.32
C ALA D 250 26.07 30.67 2.04
N MET D 251 24.79 30.62 1.63
CA MET D 251 24.40 29.86 0.45
C MET D 251 24.91 30.48 -0.82
N SER D 252 24.66 31.78 -1.00
CA SER D 252 25.12 32.47 -2.21
C SER D 252 26.60 32.86 -2.16
N SER D 253 27.24 32.56 -1.04
CA SER D 253 28.68 32.62 -0.97
C SER D 253 29.25 31.27 -1.41
N ALA D 254 28.55 30.21 -0.99
CA ALA D 254 28.86 28.89 -1.46
C ALA D 254 28.51 28.77 -2.93
N ASN D 255 27.57 29.58 -3.42
CA ASN D 255 27.31 29.59 -4.85
C ASN D 255 28.34 30.40 -5.60
N SER D 256 28.97 31.33 -4.91
CA SER D 256 29.94 32.20 -5.52
C SER D 256 31.21 31.42 -5.84
N LYS D 257 31.80 30.81 -4.82
CA LYS D 257 32.85 29.81 -5.01
C LYS D 257 32.10 28.55 -5.33
N TYR D 258 32.60 27.73 -6.25
CA TYR D 258 31.82 26.57 -6.79
C TYR D 258 30.57 26.97 -7.60
N PRO D 259 30.73 27.83 -8.62
CA PRO D 259 29.57 28.19 -9.45
C PRO D 259 29.19 27.09 -10.44
N ILE D 260 30.03 26.07 -10.60
CA ILE D 260 29.66 24.98 -11.49
C ILE D 260 29.44 23.72 -10.65
N THR D 261 28.17 23.27 -10.56
CA THR D 261 27.80 22.05 -9.84
C THR D 261 26.68 21.32 -10.55
N ILE D 262 26.73 19.99 -10.53
CA ILE D 262 25.71 19.14 -11.14
C ILE D 262 24.89 18.42 -10.07
N PRO D 263 23.75 17.80 -10.46
CA PRO D 263 23.11 17.00 -9.44
C PRO D 263 23.76 15.61 -9.40
N LEU D 264 23.52 14.86 -8.31
CA LEU D 264 23.94 13.45 -8.21
C LEU D 264 23.48 12.72 -9.44
N GLN D 265 24.45 12.04 -10.05
CA GLN D 265 24.25 11.27 -11.24
C GLN D 265 23.79 9.91 -10.83
N ALA D 266 22.54 9.60 -11.16
CA ALA D 266 21.92 8.31 -10.82
C ALA D 266 21.09 7.71 -11.94
N GLY D 267 20.93 6.40 -11.92
CA GLY D 267 20.00 5.82 -12.86
C GLY D 267 20.49 4.53 -13.47
N THR D 268 19.58 3.57 -13.56
CA THR D 268 20.00 2.23 -13.89
C THR D 268 20.42 2.19 -15.32
N MET D 269 21.62 1.66 -15.53
CA MET D 269 22.17 1.53 -16.84
C MET D 269 21.58 0.32 -17.47
N ARG D 270 20.80 0.49 -18.54
CA ARG D 270 20.36 -0.64 -19.36
C ARG D 270 21.40 -1.08 -20.42
N GLY D 271 20.99 -1.95 -21.32
CA GLY D 271 21.82 -2.36 -22.44
C GLY D 271 23.19 -2.86 -22.08
N MET D 272 23.28 -3.74 -21.08
CA MET D 272 24.58 -4.35 -20.71
C MET D 272 24.93 -5.35 -21.77
N LYS D 273 26.14 -5.28 -22.30
CA LYS D 273 26.56 -6.21 -23.37
C LYS D 273 26.86 -7.60 -22.81
N PRO D 274 26.04 -8.61 -23.17
CA PRO D 274 26.32 -9.95 -22.68
C PRO D 274 27.32 -10.64 -23.59
N LEU D 275 27.97 -11.69 -23.09
CA LEU D 275 28.98 -12.39 -23.83
C LEU D 275 28.37 -13.33 -24.81
N GLU D 276 28.93 -13.42 -26.02
CA GLU D 276 28.35 -14.30 -27.03
C GLU D 276 28.99 -15.66 -27.03
N LEU D 277 28.35 -16.62 -26.38
CA LEU D 277 28.93 -17.95 -26.14
C LEU D 277 28.57 -18.93 -27.23
N PRO D 278 29.56 -19.72 -27.70
CA PRO D 278 29.32 -20.74 -28.73
C PRO D 278 28.37 -21.77 -28.19
N ALA D 279 27.48 -22.32 -29.02
CA ALA D 279 26.53 -23.30 -28.50
C ALA D 279 27.34 -24.52 -28.04
N PRO D 280 27.02 -25.10 -26.86
CA PRO D 280 27.94 -26.17 -26.41
C PRO D 280 27.84 -27.44 -27.27
N THR D 281 28.86 -28.26 -27.25
CA THR D 281 28.92 -29.44 -28.11
C THR D 281 28.52 -30.74 -27.40
N VAL D 282 28.65 -30.73 -26.07
CA VAL D 282 28.23 -31.80 -25.16
C VAL D 282 26.85 -31.45 -24.69
N SER D 283 25.99 -32.43 -24.46
CA SER D 283 24.76 -32.18 -23.71
C SER D 283 24.59 -33.25 -22.63
N VAL D 284 24.31 -32.86 -21.38
CA VAL D 284 24.21 -33.81 -20.29
C VAL D 284 22.81 -33.81 -19.72
N LYS D 285 22.48 -34.87 -19.02
CA LYS D 285 21.13 -35.10 -18.56
C LYS D 285 21.28 -35.66 -17.16
N VAL D 286 20.57 -35.11 -16.19
CA VAL D 286 20.77 -35.53 -14.83
C VAL D 286 19.59 -36.35 -14.47
N GLU D 287 19.81 -37.64 -14.28
CA GLU D 287 18.82 -38.59 -13.75
C GLU D 287 19.24 -38.84 -12.31
N ASP D 288 18.36 -38.60 -11.34
CA ASP D 288 18.74 -38.60 -9.88
C ASP D 288 20.09 -37.91 -9.47
N ALA D 289 20.04 -37.15 -8.39
CA ALA D 289 21.23 -36.62 -7.74
C ALA D 289 20.89 -36.64 -6.25
N THR D 290 21.81 -37.19 -5.45
CA THR D 290 21.57 -37.44 -4.05
C THR D 290 22.71 -36.86 -3.24
N TYR D 291 22.45 -36.60 -1.96
CA TYR D 291 23.49 -36.30 -1.00
C TYR D 291 23.22 -37.03 0.32
N ARG D 292 24.27 -37.58 0.93
CA ARG D 292 24.15 -38.29 2.19
C ARG D 292 24.01 -37.25 3.29
N VAL D 293 23.18 -37.55 4.27
CA VAL D 293 23.08 -36.72 5.46
C VAL D 293 23.39 -37.57 6.70
N PRO D 294 24.37 -37.17 7.51
CA PRO D 294 25.31 -36.09 7.19
C PRO D 294 26.39 -36.60 6.23
N GLY D 295 27.17 -35.69 5.64
CA GLY D 295 28.21 -36.11 4.71
C GLY D 295 29.00 -34.94 4.19
N ARG D 296 29.80 -35.21 3.15
CA ARG D 296 30.63 -34.20 2.51
C ARG D 296 30.61 -34.37 1.01
N ALA D 297 29.58 -35.03 0.50
CA ALA D 297 29.57 -35.35 -0.91
C ALA D 297 28.18 -35.51 -1.54
N MET D 298 28.16 -35.26 -2.83
CA MET D 298 26.97 -35.29 -3.64
C MET D 298 27.22 -36.22 -4.83
N ARG D 299 26.33 -37.17 -5.04
CA ARG D 299 26.42 -38.02 -6.19
C ARG D 299 25.39 -37.55 -7.20
N MET D 300 25.66 -37.78 -8.48
CA MET D 300 24.68 -37.60 -9.54
C MET D 300 25.02 -38.52 -10.68
N LYS D 301 23.99 -39.07 -11.32
CA LYS D 301 24.14 -39.97 -12.44
C LYS D 301 23.83 -39.20 -13.68
N LEU D 302 24.86 -38.90 -14.49
CA LEU D 302 24.71 -38.06 -15.68
C LEU D 302 24.78 -38.87 -16.95
N THR D 303 23.95 -38.56 -17.93
CA THR D 303 24.18 -39.16 -19.24
C THR D 303 24.86 -38.13 -20.11
N ILE D 304 26.18 -38.13 -20.06
CA ILE D 304 26.99 -37.29 -20.92
C ILE D 304 26.91 -37.78 -22.36
N THR D 305 26.60 -36.91 -23.30
CA THR D 305 26.58 -37.32 -24.71
C THR D 305 27.34 -36.29 -25.59
N ASN D 306 28.37 -36.74 -26.28
CA ASN D 306 29.29 -35.83 -26.95
C ASN D 306 29.06 -35.69 -28.46
N HIS D 307 28.22 -34.73 -28.84
CA HIS D 307 28.09 -34.23 -30.21
C HIS D 307 29.34 -33.38 -30.52
N GLY D 308 29.52 -32.85 -31.73
CA GLY D 308 30.81 -32.20 -32.05
C GLY D 308 31.98 -33.19 -32.02
N ASN D 309 33.16 -32.82 -32.51
CA ASN D 309 34.11 -33.85 -32.99
C ASN D 309 35.52 -33.87 -32.40
N SER D 310 35.64 -34.19 -31.12
CA SER D 310 36.90 -34.54 -30.52
C SER D 310 36.62 -35.29 -29.21
N PRO D 311 37.48 -36.26 -28.83
CA PRO D 311 37.22 -37.02 -27.63
C PRO D 311 37.27 -36.15 -26.38
N ILE D 312 36.16 -36.16 -25.65
CA ILE D 312 35.88 -35.21 -24.57
C ILE D 312 35.96 -35.88 -23.20
N ARG D 313 36.42 -35.16 -22.19
CA ARG D 313 36.44 -35.68 -20.82
C ARG D 313 35.87 -34.68 -19.86
N LEU D 314 35.41 -35.11 -18.71
CA LEU D 314 34.91 -34.17 -17.70
C LEU D 314 36.00 -33.66 -16.77
N GLY D 315 36.12 -32.36 -16.64
CA GLY D 315 37.17 -31.80 -15.83
C GLY D 315 36.73 -31.16 -14.52
N GLU D 316 35.50 -30.72 -14.43
CA GLU D 316 35.15 -29.93 -13.25
C GLU D 316 33.68 -29.76 -13.11
N PHE D 317 33.24 -29.71 -11.85
CA PHE D 317 31.86 -29.40 -11.52
C PHE D 317 31.94 -28.23 -10.59
N TYR D 318 31.38 -27.09 -11.03
CA TYR D 318 31.31 -25.88 -10.23
C TYR D 318 29.92 -25.77 -9.64
N THR D 319 29.81 -25.66 -8.32
CA THR D 319 28.48 -25.58 -7.76
C THR D 319 28.07 -24.36 -6.95
N ALA D 320 28.79 -23.99 -5.91
CA ALA D 320 28.32 -22.78 -5.29
C ALA D 320 29.51 -22.08 -4.77
N SER D 321 30.28 -21.59 -5.75
CA SER D 321 31.65 -21.08 -5.51
C SER D 321 32.63 -22.21 -5.22
N VAL D 322 32.12 -23.41 -4.89
CA VAL D 322 32.97 -24.60 -4.69
C VAL D 322 33.26 -25.30 -6.02
N ARG D 323 34.53 -25.68 -6.24
CA ARG D 323 35.00 -26.21 -7.54
C ARG D 323 35.57 -27.59 -7.34
N PHE D 324 34.90 -28.60 -7.88
CA PHE D 324 35.40 -29.94 -7.72
C PHE D 324 36.05 -30.37 -9.03
N LEU D 325 37.31 -30.77 -9.01
CA LEU D 325 38.02 -31.09 -10.23
C LEU D 325 38.42 -32.54 -10.29
N ASP D 326 38.68 -33.07 -11.47
CA ASP D 326 39.32 -34.39 -11.63
C ASP D 326 40.72 -34.06 -12.09
N SER D 327 41.71 -34.26 -11.24
CA SER D 327 43.07 -33.88 -11.54
C SER D 327 43.63 -34.84 -12.57
N ASP D 328 42.94 -35.95 -12.71
CA ASP D 328 43.08 -36.87 -13.83
C ASP D 328 43.00 -36.04 -15.13
N VAL D 329 42.16 -34.99 -15.13
CA VAL D 329 41.77 -34.23 -16.33
C VAL D 329 42.11 -32.73 -16.35
N TYR D 330 41.87 -32.01 -15.25
CA TYR D 330 42.07 -30.55 -15.20
C TYR D 330 42.71 -29.99 -13.91
N LYS D 331 43.68 -29.09 -14.07
CA LYS D 331 44.40 -28.47 -12.98
C LYS D 331 44.17 -26.96 -13.02
N ASP D 332 43.73 -26.39 -11.90
CA ASP D 332 43.61 -24.93 -11.82
C ASP D 332 44.98 -24.29 -11.65
N THR D 333 45.27 -23.24 -12.40
CA THR D 333 46.51 -22.49 -12.14
C THR D 333 46.25 -21.06 -11.58
N THR D 334 44.99 -20.60 -11.67
CA THR D 334 44.58 -19.26 -11.30
C THR D 334 44.64 -18.92 -9.81
N GLY D 335 45.03 -19.90 -9.01
CA GLY D 335 45.12 -19.74 -7.55
C GLY D 335 43.79 -19.44 -6.91
N TYR D 336 42.77 -20.09 -7.42
CA TYR D 336 41.44 -20.00 -6.90
C TYR D 336 41.57 -20.22 -5.42
N PRO D 337 40.77 -19.53 -4.58
CA PRO D 337 40.86 -19.64 -3.14
C PRO D 337 41.03 -21.10 -2.67
N GLU D 338 42.12 -21.36 -1.94
CA GLU D 338 42.42 -22.73 -1.50
C GLU D 338 41.23 -23.46 -0.84
N ASP D 339 40.36 -22.76 -0.10
CA ASP D 339 39.27 -23.45 0.63
C ASP D 339 38.07 -23.69 -0.24
N LEU D 340 38.19 -23.37 -1.51
CA LEU D 340 37.06 -23.53 -2.40
C LEU D 340 37.40 -24.45 -3.55
N LEU D 341 38.69 -24.69 -3.74
CA LEU D 341 39.18 -25.57 -4.76
C LEU D 341 39.42 -27.00 -4.25
N ALA D 342 38.69 -27.95 -4.80
CA ALA D 342 38.85 -29.35 -4.43
C ALA D 342 39.65 -30.03 -5.53
N GLU D 343 40.96 -29.99 -5.40
CA GLU D 343 41.92 -30.41 -6.41
C GLU D 343 41.62 -31.75 -7.12
N ASP D 344 41.31 -32.82 -6.37
CA ASP D 344 40.74 -34.08 -6.94
C ASP D 344 39.40 -34.42 -6.31
N GLY D 345 38.56 -33.41 -6.13
CA GLY D 345 37.24 -33.57 -5.52
C GLY D 345 36.17 -34.21 -6.37
N LEU D 346 36.37 -34.27 -7.67
CA LEU D 346 35.39 -34.85 -8.57
C LEU D 346 35.81 -36.22 -9.08
N SER D 347 34.97 -37.22 -8.87
CA SER D 347 35.21 -38.55 -9.46
C SER D 347 34.08 -39.06 -10.33
N VAL D 348 34.49 -39.50 -11.51
CA VAL D 348 33.60 -40.03 -12.53
C VAL D 348 33.81 -41.53 -12.50
N SER D 349 32.73 -42.29 -12.42
CA SER D 349 32.80 -43.73 -12.55
C SER D 349 33.65 -44.12 -13.76
N ASP D 350 33.43 -43.47 -14.90
CA ASP D 350 34.25 -43.71 -16.09
C ASP D 350 34.65 -42.40 -16.83
N ASN D 351 35.89 -41.94 -16.67
CA ASN D 351 36.25 -40.67 -17.27
C ASN D 351 37.35 -40.83 -18.27
N SER D 352 37.22 -41.91 -19.05
CA SER D 352 38.04 -42.14 -20.24
C SER D 352 37.47 -41.24 -21.30
N PRO D 353 38.26 -40.95 -22.36
CA PRO D 353 37.74 -40.06 -23.39
C PRO D 353 36.39 -40.53 -23.93
N LEU D 354 35.45 -39.63 -24.14
CA LEU D 354 34.15 -40.00 -24.65
C LEU D 354 34.15 -39.63 -26.09
N ALA D 355 34.21 -40.66 -26.94
CA ALA D 355 34.35 -40.50 -28.40
C ALA D 355 33.23 -39.65 -29.06
N PRO D 356 33.56 -38.91 -30.13
CA PRO D 356 32.51 -38.07 -30.67
C PRO D 356 31.44 -38.95 -31.29
N GLY D 357 30.18 -38.60 -31.05
CA GLY D 357 29.08 -39.45 -31.46
C GLY D 357 28.57 -40.27 -30.30
N GLU D 358 29.49 -40.80 -29.51
CA GLU D 358 29.14 -41.63 -28.36
C GLU D 358 28.41 -40.90 -27.23
N THR D 359 27.63 -41.64 -26.46
CA THR D 359 26.88 -41.12 -25.33
C THR D 359 26.97 -42.20 -24.25
N ARG D 360 27.41 -41.86 -23.05
CA ARG D 360 27.38 -42.83 -21.94
C ARG D 360 26.76 -42.30 -20.66
N THR D 361 26.33 -43.20 -19.77
CA THR D 361 25.82 -42.79 -18.48
C THR D 361 26.92 -43.03 -17.49
N VAL D 362 27.09 -42.15 -16.53
CA VAL D 362 28.26 -42.17 -15.67
C VAL D 362 27.84 -41.80 -14.23
N ASP D 363 28.51 -42.37 -13.23
CA ASP D 363 28.22 -41.91 -11.88
C ASP D 363 29.25 -40.89 -11.42
N VAL D 364 28.80 -39.71 -11.01
CA VAL D 364 29.74 -38.67 -10.64
C VAL D 364 29.59 -38.27 -9.18
N THR D 365 30.71 -38.10 -8.48
CA THR D 365 30.67 -37.74 -7.08
C THR D 365 31.55 -36.56 -6.77
N ALA D 366 30.93 -35.49 -6.32
CA ALA D 366 31.66 -34.31 -5.94
C ALA D 366 31.76 -34.43 -4.47
N SER D 367 32.94 -34.17 -3.94
CA SER D 367 33.32 -34.62 -2.62
C SER D 367 34.45 -33.80 -2.09
N ASP D 368 34.23 -33.05 -1.00
CA ASP D 368 35.27 -32.25 -0.37
C ASP D 368 34.77 -31.59 0.89
N ALA D 369 35.69 -31.29 1.81
CA ALA D 369 35.32 -30.63 3.06
C ALA D 369 34.51 -29.38 2.77
N ALA D 370 34.85 -28.66 1.70
CA ALA D 370 34.17 -27.42 1.33
C ALA D 370 32.66 -27.60 1.30
N TRP D 371 32.20 -28.81 1.00
CA TRP D 371 30.76 -29.07 0.91
C TRP D 371 30.05 -28.87 2.25
N GLU D 372 30.77 -29.16 3.33
CA GLU D 372 30.28 -29.00 4.69
C GLU D 372 30.72 -27.65 5.18
N VAL D 373 31.93 -27.25 4.83
CA VAL D 373 32.48 -26.00 5.35
C VAL D 373 31.74 -24.81 4.81
N TYR D 374 31.49 -24.78 3.52
CA TYR D 374 30.59 -23.77 2.99
C TYR D 374 29.10 -24.11 3.05
N ARG D 375 28.77 -25.13 3.86
CA ARG D 375 27.40 -25.45 4.26
C ARG D 375 26.42 -25.74 3.13
N LEU D 376 26.92 -26.22 2.00
CA LEU D 376 26.04 -26.70 0.96
C LEU D 376 25.17 -27.84 1.53
N SER D 377 25.73 -28.58 2.47
CA SER D 377 25.01 -29.57 3.25
C SER D 377 23.75 -29.05 3.94
N ASP D 378 23.69 -27.74 4.16
CA ASP D 378 22.55 -27.12 4.81
C ASP D 378 21.38 -27.01 3.86
N ILE D 379 21.53 -27.51 2.64
CA ILE D 379 20.43 -27.49 1.69
C ILE D 379 19.25 -28.26 2.26
N ILE D 380 19.51 -29.00 3.32
CA ILE D 380 18.47 -29.81 3.90
C ILE D 380 17.49 -28.93 4.64
N TYR D 381 17.87 -27.68 4.88
CA TYR D 381 17.00 -26.78 5.59
C TYR D 381 16.24 -25.89 4.61
N ASP D 382 16.48 -26.14 3.34
CA ASP D 382 15.96 -25.28 2.29
C ASP D 382 14.62 -25.79 1.80
N PRO D 383 13.70 -24.86 1.50
CA PRO D 383 12.39 -25.23 1.00
C PRO D 383 12.39 -25.54 -0.49
N ASP D 384 13.58 -25.64 -1.10
CA ASP D 384 13.69 -26.06 -2.48
C ASP D 384 14.97 -26.89 -2.71
N SER D 385 14.88 -28.21 -2.47
CA SER D 385 16.04 -29.10 -2.63
C SER D 385 16.32 -29.36 -4.09
N ARG D 386 16.72 -28.29 -4.78
CA ARG D 386 17.16 -28.41 -6.15
C ARG D 386 18.53 -27.78 -6.32
N PHE D 387 19.47 -28.44 -6.99
CA PHE D 387 20.76 -27.82 -7.19
C PHE D 387 20.93 -27.28 -8.59
N ALA D 388 22.07 -26.67 -8.84
CA ALA D 388 22.40 -26.09 -10.11
C ALA D 388 23.89 -25.85 -10.11
N GLY D 389 24.51 -26.12 -11.24
CA GLY D 389 25.96 -25.92 -11.36
C GLY D 389 26.42 -25.97 -12.80
N LEU D 390 27.74 -25.91 -13.00
CA LEU D 390 28.35 -25.90 -14.33
C LEU D 390 29.30 -27.03 -14.39
N LEU D 391 29.27 -27.79 -15.48
CA LEU D 391 30.28 -28.80 -15.82
C LEU D 391 31.27 -28.23 -16.85
N PHE D 392 32.53 -28.63 -16.77
CA PHE D 392 33.49 -28.17 -17.74
C PHE D 392 34.13 -29.35 -18.43
N PHE D 393 33.87 -29.53 -19.73
CA PHE D 393 34.48 -30.64 -20.43
C PHE D 393 35.68 -30.21 -21.21
N PHE D 394 36.67 -31.07 -21.37
CA PHE D 394 37.87 -30.67 -22.10
C PHE D 394 38.21 -31.72 -23.13
N ASP D 395 38.41 -31.28 -24.36
CA ASP D 395 38.83 -32.23 -25.36
C ASP D 395 40.34 -32.49 -25.30
N ALA D 396 40.84 -33.22 -26.30
CA ALA D 396 42.20 -33.76 -26.33
C ALA D 396 43.24 -32.65 -26.31
N THR D 397 43.02 -31.61 -27.12
CA THR D 397 43.95 -30.46 -27.22
C THR D 397 43.67 -29.30 -26.22
N GLY D 398 42.91 -29.60 -25.18
CA GLY D 398 42.75 -28.71 -24.06
C GLY D 398 41.75 -27.58 -24.18
N ASN D 399 40.91 -27.56 -25.22
CA ASN D 399 39.86 -26.54 -25.29
C ASN D 399 38.51 -27.03 -24.80
N ARG D 400 37.80 -26.13 -24.12
CA ARG D 400 36.70 -26.54 -23.22
C ARG D 400 35.28 -26.27 -23.70
N GLN D 401 34.31 -26.85 -23.00
CA GLN D 401 32.89 -26.73 -23.31
C GLN D 401 32.22 -26.58 -21.98
N VAL D 402 31.38 -25.57 -21.81
CA VAL D 402 30.66 -25.41 -20.56
C VAL D 402 29.20 -25.83 -20.68
N VAL D 403 28.76 -26.90 -20.03
CA VAL D 403 27.31 -27.10 -19.86
C VAL D 403 26.85 -26.83 -18.43
N GLN D 404 25.63 -26.33 -18.31
CA GLN D 404 25.07 -26.10 -17.03
C GLN D 404 24.07 -27.19 -16.79
N ILE D 405 24.06 -27.71 -15.56
CA ILE D 405 23.07 -28.64 -15.08
C ILE D 405 22.32 -28.04 -13.91
N ASP D 406 21.03 -28.38 -13.84
CA ASP D 406 20.27 -28.18 -12.63
C ASP D 406 19.29 -29.32 -12.58
N ALA D 407 18.87 -29.65 -11.37
CA ALA D 407 17.98 -30.78 -11.10
C ALA D 407 17.63 -30.78 -9.64
N PRO D 408 16.62 -31.60 -9.26
CA PRO D 408 16.40 -31.79 -7.84
C PRO D 408 17.54 -32.61 -7.27
N LEU D 409 17.96 -32.23 -6.08
CA LEU D 409 18.98 -32.92 -5.32
C LEU D 409 18.28 -33.51 -4.11
N ILE D 410 18.27 -34.84 -4.00
CA ILE D 410 17.48 -35.56 -2.98
C ILE D 410 18.36 -36.13 -1.89
N PRO D 411 17.95 -35.96 -0.61
CA PRO D 411 18.72 -36.52 0.46
C PRO D 411 18.52 -38.03 0.57
N SER D 412 19.52 -38.71 1.14
CA SER D 412 19.41 -40.09 1.57
C SER D 412 20.05 -40.18 2.95
N PHE D 413 19.36 -40.84 3.87
CA PHE D 413 19.76 -40.86 5.27
C PHE D 413 20.17 -42.24 5.73
N MET D 414 19.36 -43.23 5.33
CA MET D 414 19.58 -44.61 5.75
C MET D 414 20.48 -45.37 4.73
N HIS E 33 -17.51 -26.61 -15.44
CA HIS E 33 -18.35 -25.86 -14.44
C HIS E 33 -17.57 -24.70 -13.86
N GLY E 34 -17.96 -23.51 -14.27
CA GLY E 34 -17.28 -22.31 -13.84
C GLY E 34 -16.87 -21.45 -15.01
N GLU E 35 -16.54 -22.06 -16.15
CA GLU E 35 -16.45 -21.33 -17.41
C GLU E 35 -17.91 -20.94 -17.64
N LYS E 36 -18.27 -20.36 -18.76
CA LYS E 36 -19.71 -20.15 -19.03
C LYS E 36 -20.19 -18.88 -18.41
N SER E 37 -19.94 -18.75 -17.11
CA SER E 37 -20.22 -17.52 -16.41
C SER E 37 -19.05 -16.57 -16.50
N GLN E 38 -17.89 -17.04 -16.94
CA GLN E 38 -16.78 -16.10 -17.08
C GLN E 38 -16.72 -15.47 -18.46
N ALA E 39 -16.28 -14.21 -18.50
CA ALA E 39 -16.27 -13.38 -19.71
C ALA E 39 -15.84 -14.08 -21.05
N ALA E 40 -16.70 -14.03 -22.05
CA ALA E 40 -16.45 -14.84 -23.24
C ALA E 40 -15.17 -14.46 -23.97
N PHE E 41 -14.74 -13.21 -23.86
CA PHE E 41 -13.51 -12.86 -24.54
C PHE E 41 -12.25 -13.34 -23.77
N MET E 42 -12.33 -13.43 -22.43
CA MET E 42 -11.22 -13.97 -21.60
C MET E 42 -11.05 -15.40 -22.05
N ARG E 43 -12.18 -16.08 -22.23
CA ARG E 43 -12.15 -17.50 -22.56
C ARG E 43 -11.60 -17.63 -23.95
N MET E 44 -11.84 -16.64 -24.80
CA MET E 44 -11.36 -16.78 -26.15
C MET E 44 -9.87 -16.52 -26.25
N ARG E 45 -9.44 -15.44 -25.59
CA ARG E 45 -8.10 -14.89 -25.75
C ARG E 45 -7.19 -15.09 -24.54
N THR E 46 -7.25 -16.27 -23.95
CA THR E 46 -6.36 -16.49 -22.86
C THR E 46 -5.44 -17.70 -23.03
N ILE E 47 -5.98 -18.91 -22.96
CA ILE E 47 -5.20 -20.10 -23.26
C ILE E 47 -6.00 -20.94 -24.21
N HIS E 48 -5.36 -21.46 -25.26
CA HIS E 48 -6.06 -22.38 -26.17
C HIS E 48 -5.62 -23.78 -25.90
N TRP E 49 -6.58 -24.69 -25.77
CA TRP E 49 -6.29 -26.09 -25.50
C TRP E 49 -6.62 -26.91 -26.73
N TYR E 50 -5.64 -27.68 -27.20
CA TYR E 50 -5.88 -28.59 -28.30
C TYR E 50 -5.01 -29.86 -28.23
N ASP E 51 -5.31 -30.81 -29.12
CA ASP E 51 -4.78 -32.19 -29.03
C ASP E 51 -5.05 -32.86 -27.72
N LEU E 52 -6.24 -32.61 -27.17
CA LEU E 52 -6.64 -33.18 -25.88
C LEU E 52 -6.94 -34.64 -26.09
N SER E 53 -6.57 -35.45 -25.09
CA SER E 53 -6.93 -36.87 -25.09
C SER E 53 -7.10 -37.39 -23.68
N TRP E 54 -8.04 -38.33 -23.52
CA TRP E 54 -8.30 -38.94 -22.23
C TRP E 54 -8.22 -40.44 -22.40
N SER E 55 -7.33 -41.06 -21.62
CA SER E 55 -7.06 -42.48 -21.76
C SER E 55 -8.30 -43.35 -21.52
N LYS E 56 -9.23 -42.87 -20.71
CA LYS E 56 -10.41 -43.66 -20.35
C LYS E 56 -11.64 -42.81 -20.02
N GLU E 57 -12.81 -43.41 -20.25
CA GLU E 57 -14.08 -42.72 -20.05
C GLU E 57 -14.79 -43.23 -18.79
N LYS E 58 -14.50 -44.48 -18.43
CA LYS E 58 -15.08 -45.16 -17.30
C LYS E 58 -13.94 -45.82 -16.53
N VAL E 59 -13.96 -45.72 -15.22
CA VAL E 59 -12.80 -46.13 -14.46
C VAL E 59 -13.19 -46.65 -13.08
N LYS E 60 -12.52 -47.70 -12.63
CA LYS E 60 -12.75 -48.24 -11.31
C LYS E 60 -11.94 -47.54 -10.22
N ILE E 61 -12.46 -47.53 -8.99
CA ILE E 61 -11.74 -46.95 -7.89
C ILE E 61 -10.32 -47.48 -7.88
N ASN E 62 -9.37 -46.60 -7.55
CA ASN E 62 -7.94 -46.88 -7.54
C ASN E 62 -7.30 -46.95 -8.91
N GLU E 63 -8.11 -46.89 -9.97
CA GLU E 63 -7.58 -46.91 -11.32
C GLU E 63 -7.15 -45.54 -11.83
N THR E 64 -6.35 -45.61 -12.88
CA THR E 64 -5.67 -44.45 -13.41
C THR E 64 -6.38 -43.95 -14.67
N VAL E 65 -6.48 -42.62 -14.79
CA VAL E 65 -6.93 -42.00 -16.02
C VAL E 65 -5.98 -40.88 -16.32
N GLU E 66 -5.53 -40.81 -17.57
CA GLU E 66 -4.49 -39.90 -18.00
C GLU E 66 -4.99 -38.91 -19.07
N ILE E 67 -4.83 -37.64 -18.73
CA ILE E 67 -5.22 -36.54 -19.59
C ILE E 67 -3.96 -35.98 -20.24
N LYS E 68 -4.01 -35.80 -21.56
CA LYS E 68 -2.87 -35.26 -22.31
C LYS E 68 -3.36 -34.14 -23.20
N GLY E 69 -2.43 -33.43 -23.81
CA GLY E 69 -2.80 -32.32 -24.66
C GLY E 69 -1.70 -31.27 -24.81
N LYS E 70 -2.09 -30.13 -25.38
CA LYS E 70 -1.19 -29.02 -25.61
C LYS E 70 -1.98 -27.82 -25.22
N PHE E 71 -1.27 -26.77 -24.81
CA PHE E 71 -1.94 -25.49 -24.69
C PHE E 71 -1.02 -24.37 -25.19
N HIS E 72 -1.65 -23.34 -25.77
CA HIS E 72 -0.97 -22.15 -26.23
C HIS E 72 -1.38 -20.97 -25.33
N VAL E 73 -0.40 -20.25 -24.78
CA VAL E 73 -0.78 -18.97 -24.18
C VAL E 73 -0.85 -17.89 -25.29
N PHE E 74 -2.02 -17.28 -25.38
CA PHE E 74 -2.34 -16.41 -26.47
C PHE E 74 -1.47 -15.15 -26.41
N GLU E 75 -0.97 -14.77 -27.58
CA GLU E 75 -0.01 -13.68 -27.68
C GLU E 75 -0.67 -12.38 -27.26
N GLY E 76 -1.99 -12.36 -27.40
CA GLY E 76 -2.77 -11.16 -27.08
C GLY E 76 -3.50 -11.26 -25.76
N TRP E 77 -2.96 -12.04 -24.84
CA TRP E 77 -3.34 -12.06 -23.42
C TRP E 77 -3.93 -10.73 -22.94
N PRO E 78 -5.09 -10.78 -22.30
CA PRO E 78 -5.76 -9.57 -21.84
C PRO E 78 -5.11 -8.92 -20.62
N GLU E 79 -5.63 -7.79 -20.21
CA GLU E 79 -4.85 -6.77 -19.57
C GLU E 79 -4.27 -6.90 -18.15
N THR E 80 -4.97 -6.86 -17.00
CA THR E 80 -6.23 -7.49 -16.49
C THR E 80 -6.23 -9.00 -16.20
N VAL E 81 -5.37 -9.78 -16.84
CA VAL E 81 -5.01 -11.06 -16.28
C VAL E 81 -3.51 -10.92 -16.14
N ASP E 82 -2.99 -10.98 -14.93
CA ASP E 82 -1.55 -10.89 -14.77
C ASP E 82 -0.92 -11.89 -15.71
N GLU E 83 0.17 -11.52 -16.38
CA GLU E 83 0.89 -12.47 -17.23
C GLU E 83 1.18 -13.72 -16.37
N PRO E 84 1.15 -14.94 -16.98
CA PRO E 84 1.29 -16.18 -16.20
C PRO E 84 2.71 -16.45 -15.69
N ASP E 85 3.26 -15.48 -14.92
CA ASP E 85 4.60 -15.56 -14.34
C ASP E 85 4.59 -16.63 -13.24
N VAL E 86 3.42 -16.80 -12.62
CA VAL E 86 3.23 -17.80 -11.58
C VAL E 86 1.89 -18.42 -11.84
N ALA E 87 1.89 -19.53 -12.58
CA ALA E 87 0.66 -20.24 -12.96
C ALA E 87 0.76 -21.64 -12.42
N PHE E 88 -0.41 -22.26 -12.24
CA PHE E 88 -0.46 -23.61 -11.71
C PHE E 88 -1.33 -24.53 -12.55
N LEU E 89 -0.80 -25.71 -12.85
CA LEU E 89 -1.48 -26.64 -13.69
C LEU E 89 -2.38 -27.41 -12.80
N ASN E 90 -3.66 -27.08 -12.83
CA ASN E 90 -4.65 -27.68 -11.98
C ASN E 90 -5.54 -28.66 -12.71
N VAL E 91 -6.56 -29.16 -11.99
CA VAL E 91 -7.58 -30.03 -12.54
C VAL E 91 -8.94 -29.53 -12.04
N GLY E 92 -9.91 -29.43 -12.97
CA GLY E 92 -11.25 -28.95 -12.66
C GLY E 92 -12.18 -30.08 -12.33
N MET E 93 -12.46 -30.30 -11.04
CA MET E 93 -13.42 -31.34 -10.61
C MET E 93 -14.02 -30.96 -9.26
N PRO E 94 -15.09 -31.65 -8.83
CA PRO E 94 -15.71 -31.37 -7.53
C PRO E 94 -14.93 -31.95 -6.38
N GLY E 95 -13.81 -31.31 -6.03
CA GLY E 95 -12.89 -31.85 -5.03
C GLY E 95 -12.19 -33.15 -5.43
N PRO E 96 -11.73 -33.92 -4.43
CA PRO E 96 -10.93 -35.09 -4.72
C PRO E 96 -11.82 -36.25 -5.09
N VAL E 97 -12.57 -36.11 -6.18
CA VAL E 97 -13.22 -37.30 -6.72
C VAL E 97 -12.16 -38.11 -7.45
N PHE E 98 -11.10 -37.45 -7.90
CA PHE E 98 -9.87 -38.13 -8.24
C PHE E 98 -8.79 -37.54 -7.34
N ILE E 99 -7.64 -38.18 -7.21
CA ILE E 99 -6.47 -37.45 -6.71
C ILE E 99 -5.46 -37.29 -7.81
N ARG E 100 -4.67 -36.23 -7.74
CA ARG E 100 -3.66 -36.02 -8.76
C ARG E 100 -2.44 -36.77 -8.39
N LYS E 101 -2.16 -37.84 -9.10
CA LYS E 101 -0.93 -38.55 -8.83
C LYS E 101 0.27 -37.83 -9.46
N GLU E 102 0.17 -37.45 -10.73
CA GLU E 102 1.30 -36.76 -11.41
C GLU E 102 0.79 -35.67 -12.34
N SER E 103 1.64 -34.71 -12.66
CA SER E 103 1.32 -33.70 -13.66
C SER E 103 2.60 -33.23 -14.33
N TYR E 104 2.51 -32.94 -15.63
CA TYR E 104 3.71 -32.67 -16.39
C TYR E 104 3.49 -31.59 -17.40
N ILE E 105 4.28 -30.53 -17.32
CA ILE E 105 4.38 -29.59 -18.43
C ILE E 105 5.74 -29.75 -19.10
N GLY E 106 5.75 -29.94 -20.41
CA GLY E 106 6.99 -30.36 -21.08
C GLY E 106 7.27 -31.75 -20.52
N GLY E 107 8.54 -32.09 -20.37
CA GLY E 107 8.88 -33.40 -19.78
C GLY E 107 8.74 -33.44 -18.28
N GLN E 108 8.70 -32.26 -17.66
CA GLN E 108 8.97 -32.01 -16.23
C GLN E 108 7.75 -32.20 -15.34
N LEU E 109 7.97 -32.81 -14.18
CA LEU E 109 6.90 -32.93 -13.20
C LEU E 109 6.71 -31.56 -12.54
N VAL E 110 5.46 -31.23 -12.26
CA VAL E 110 5.10 -29.88 -11.96
C VAL E 110 4.23 -29.73 -10.69
N PRO E 111 4.78 -30.11 -9.51
CA PRO E 111 3.92 -30.00 -8.32
C PRO E 111 3.97 -28.62 -7.72
N ARG E 112 4.76 -27.72 -8.29
CA ARG E 112 4.74 -26.34 -7.83
C ARG E 112 3.99 -25.51 -8.87
N SER E 113 4.05 -24.18 -8.73
CA SER E 113 3.56 -23.27 -9.77
C SER E 113 4.72 -23.04 -10.72
N VAL E 114 4.39 -22.69 -11.95
CA VAL E 114 5.38 -22.69 -13.00
C VAL E 114 5.21 -21.41 -13.76
N ARG E 115 6.30 -20.96 -14.38
CA ARG E 115 6.28 -19.76 -15.18
C ARG E 115 6.12 -20.19 -16.60
N LEU E 116 5.03 -19.72 -17.20
CA LEU E 116 4.65 -19.98 -18.59
C LEU E 116 4.92 -18.70 -19.32
N GLU E 117 5.27 -18.80 -20.60
CA GLU E 117 5.57 -17.62 -21.36
C GLU E 117 4.69 -17.30 -22.54
N ILE E 118 4.02 -16.14 -22.46
CA ILE E 118 3.10 -15.68 -23.49
C ILE E 118 3.59 -15.96 -24.90
N GLY E 119 2.75 -16.53 -25.75
CA GLY E 119 3.18 -16.82 -27.12
C GLY E 119 3.52 -18.28 -27.32
N LYS E 120 4.06 -18.93 -26.28
CA LYS E 120 4.52 -20.32 -26.37
C LYS E 120 3.42 -21.38 -26.26
N THR E 121 3.70 -22.53 -26.87
CA THR E 121 2.84 -23.71 -26.79
C THR E 121 3.56 -24.76 -25.94
N TYR E 122 2.82 -25.44 -25.07
CA TYR E 122 3.36 -26.50 -24.24
C TYR E 122 2.51 -27.77 -24.37
N ASP E 123 3.09 -28.91 -24.01
CA ASP E 123 2.32 -30.13 -23.86
C ASP E 123 2.24 -30.45 -22.38
N PHE E 124 1.05 -30.80 -21.94
CA PHE E 124 0.90 -31.25 -20.59
C PHE E 124 0.41 -32.67 -20.53
N ARG E 125 0.49 -33.23 -19.33
CA ARG E 125 -0.02 -34.58 -19.00
C ARG E 125 -0.42 -34.66 -17.49
N VAL E 126 -1.71 -34.82 -17.23
CA VAL E 126 -2.16 -34.99 -15.86
C VAL E 126 -2.52 -36.46 -15.67
N VAL E 127 -2.17 -37.01 -14.50
CA VAL E 127 -2.45 -38.42 -14.19
C VAL E 127 -3.28 -38.55 -12.92
N LEU E 128 -4.53 -39.01 -13.09
CA LEU E 128 -5.51 -39.06 -12.01
C LEU E 128 -5.77 -40.48 -11.56
N LYS E 129 -5.91 -40.64 -10.25
CA LYS E 129 -6.31 -41.91 -9.64
C LYS E 129 -7.73 -41.67 -9.16
N ALA E 130 -8.60 -42.66 -9.33
CA ALA E 130 -10.02 -42.44 -9.02
C ALA E 130 -10.30 -42.71 -7.56
N ARG E 131 -11.15 -41.90 -6.95
CA ARG E 131 -11.29 -41.95 -5.52
C ARG E 131 -12.73 -41.98 -5.08
N ARG E 132 -13.61 -41.29 -5.78
CA ARG E 132 -15.04 -41.34 -5.41
C ARG E 132 -15.98 -41.81 -6.52
N PRO E 133 -16.92 -42.71 -6.18
CA PRO E 133 -17.73 -43.29 -7.24
C PRO E 133 -18.65 -42.22 -7.73
N GLY E 134 -18.89 -42.17 -9.04
CA GLY E 134 -19.81 -41.17 -9.59
C GLY E 134 -19.54 -40.72 -11.01
N ASP E 135 -20.22 -39.64 -11.39
CA ASP E 135 -20.03 -39.06 -12.70
C ASP E 135 -19.41 -37.70 -12.62
N TRP E 136 -18.18 -37.58 -13.08
CA TRP E 136 -17.47 -36.34 -12.85
C TRP E 136 -17.14 -35.64 -14.15
N HIS E 137 -17.39 -34.33 -14.18
CA HIS E 137 -16.99 -33.56 -15.31
C HIS E 137 -15.62 -33.03 -15.02
N VAL E 138 -14.60 -33.68 -15.57
CA VAL E 138 -13.23 -33.32 -15.26
C VAL E 138 -12.65 -32.42 -16.32
N HIS E 139 -12.18 -31.25 -15.89
CA HIS E 139 -11.54 -30.25 -16.75
C HIS E 139 -10.08 -30.20 -16.43
N THR E 140 -9.34 -29.54 -17.31
CA THR E 140 -7.94 -29.23 -17.09
C THR E 140 -7.91 -27.75 -17.05
N MET E 141 -7.38 -27.18 -15.99
CA MET E 141 -7.38 -25.75 -15.89
C MET E 141 -6.05 -25.23 -15.44
N MET E 142 -5.80 -23.98 -15.76
CA MET E 142 -4.61 -23.26 -15.36
C MET E 142 -5.04 -22.32 -14.26
N ASN E 143 -4.20 -22.15 -13.27
CA ASN E 143 -4.49 -21.17 -12.23
C ASN E 143 -3.55 -19.98 -12.33
N VAL E 144 -4.07 -18.78 -12.53
CA VAL E 144 -3.16 -17.66 -12.71
C VAL E 144 -3.15 -16.59 -11.62
N GLN E 145 -2.09 -16.68 -10.80
CA GLN E 145 -1.42 -15.54 -10.13
C GLN E 145 -2.32 -14.38 -9.72
N GLY E 146 -2.55 -13.50 -10.68
CA GLY E 146 -3.37 -12.31 -10.48
C GLY E 146 -4.63 -12.50 -11.29
N GLY E 147 -5.70 -12.82 -10.57
CA GLY E 147 -7.04 -12.93 -11.15
C GLY E 147 -7.21 -14.03 -12.20
N GLY E 148 -7.94 -15.08 -11.83
CA GLY E 148 -8.44 -16.03 -12.81
C GLY E 148 -8.08 -17.48 -12.59
N PRO E 149 -9.10 -18.37 -12.59
CA PRO E 149 -8.93 -19.78 -13.00
C PRO E 149 -9.25 -19.89 -14.49
N ILE E 150 -8.30 -20.40 -15.29
CA ILE E 150 -8.49 -20.52 -16.73
C ILE E 150 -8.88 -21.94 -17.10
N ILE E 151 -10.19 -22.14 -17.25
CA ILE E 151 -10.75 -23.49 -17.32
C ILE E 151 -10.85 -24.06 -18.74
N GLY E 152 -10.13 -25.14 -19.02
CA GLY E 152 -10.20 -25.80 -20.34
C GLY E 152 -11.47 -26.59 -20.55
N PRO E 153 -11.52 -27.42 -21.61
CA PRO E 153 -12.75 -28.20 -21.85
C PRO E 153 -12.96 -29.21 -20.77
N GLY E 154 -14.21 -29.51 -20.44
CA GLY E 154 -14.47 -30.59 -19.50
C GLY E 154 -15.01 -31.83 -20.18
N LYS E 155 -14.48 -33.00 -19.79
CA LYS E 155 -15.05 -34.29 -20.21
C LYS E 155 -15.62 -35.04 -19.01
N TRP E 156 -16.78 -35.67 -19.20
CA TRP E 156 -17.39 -36.56 -18.17
C TRP E 156 -16.66 -37.89 -18.06
N ILE E 157 -16.22 -38.22 -16.86
CA ILE E 157 -15.59 -39.53 -16.60
C ILE E 157 -16.37 -40.19 -15.47
N THR E 158 -16.55 -41.51 -15.54
CA THR E 158 -17.33 -42.23 -14.55
C THR E 158 -16.48 -43.18 -13.71
N VAL E 159 -16.56 -43.03 -12.38
CA VAL E 159 -15.84 -43.87 -11.46
C VAL E 159 -16.81 -44.84 -10.83
N GLU E 160 -16.55 -46.14 -10.99
CA GLU E 160 -17.38 -47.19 -10.40
C GLU E 160 -16.63 -47.80 -9.21
N GLY E 161 -17.33 -48.23 -8.18
CA GLY E 161 -16.67 -48.92 -7.06
C GLY E 161 -17.00 -48.31 -5.73
N SER E 162 -16.20 -48.61 -4.71
CA SER E 162 -16.44 -48.09 -3.35
C SER E 162 -15.33 -47.18 -2.90
N MET E 163 -15.69 -46.12 -2.18
CA MET E 163 -14.67 -45.21 -1.66
C MET E 163 -13.77 -45.92 -0.64
N SER E 164 -14.37 -46.90 0.03
CA SER E 164 -13.67 -47.74 0.99
C SER E 164 -12.61 -48.61 0.33
N GLU E 165 -12.54 -48.59 -0.98
CA GLU E 165 -11.50 -49.34 -1.66
C GLU E 165 -10.25 -48.51 -1.85
N PHE E 166 -10.39 -47.18 -1.78
CA PHE E 166 -9.30 -46.27 -2.14
C PHE E 166 -8.09 -46.28 -1.21
N ARG E 167 -6.93 -46.46 -1.81
CA ARG E 167 -5.66 -46.38 -1.11
C ARG E 167 -4.73 -45.36 -1.76
N ASN E 168 -4.07 -44.55 -0.95
CA ASN E 168 -3.05 -43.63 -1.45
C ASN E 168 -1.75 -43.94 -0.71
N PRO E 169 -1.04 -44.96 -1.16
CA PRO E 169 0.18 -45.36 -0.52
C PRO E 169 1.34 -44.46 -0.97
N VAL E 170 2.29 -44.22 -0.07
CA VAL E 170 3.48 -43.50 -0.45
C VAL E 170 4.68 -43.88 0.42
N THR E 171 5.79 -44.23 -0.21
CA THR E 171 7.01 -44.63 0.53
C THR E 171 7.91 -43.42 0.86
N THR E 172 8.29 -43.24 2.10
CA THR E 172 9.17 -42.11 2.42
C THR E 172 10.68 -42.42 2.25
N LEU E 173 11.51 -41.38 2.16
CA LEU E 173 12.98 -41.53 2.21
C LEU E 173 13.49 -42.02 3.57
N THR E 174 12.53 -42.34 4.42
CA THR E 174 12.77 -42.70 5.78
C THR E 174 12.42 -44.14 6.05
N GLY E 175 12.18 -44.91 4.99
CA GLY E 175 11.88 -46.31 5.13
C GLY E 175 10.41 -46.60 5.06
N GLN E 176 9.62 -46.00 5.97
CA GLN E 176 8.18 -46.36 6.07
C GLN E 176 7.28 -46.10 4.82
N THR E 177 6.26 -46.94 4.63
CA THR E 177 5.26 -46.78 3.57
C THR E 177 3.89 -46.53 4.21
N VAL E 178 3.29 -45.39 3.94
CA VAL E 178 2.08 -45.00 4.65
C VAL E 178 0.93 -44.79 3.71
N ASP E 179 -0.27 -44.74 4.27
CA ASP E 179 -1.43 -44.42 3.46
C ASP E 179 -1.90 -43.01 3.78
N LEU E 180 -1.78 -42.15 2.78
CA LEU E 180 -2.09 -40.72 2.89
C LEU E 180 -3.55 -40.45 3.18
N GLU E 181 -4.41 -41.41 2.88
CA GLU E 181 -5.80 -41.30 3.22
C GLU E 181 -6.04 -41.15 4.71
N ASN E 182 -5.19 -41.80 5.51
CA ASN E 182 -5.36 -41.83 6.96
C ASN E 182 -4.09 -41.54 7.76
N TYR E 183 -2.95 -41.45 7.09
CA TYR E 183 -1.68 -41.17 7.77
C TYR E 183 -1.87 -40.06 8.75
N ASN E 184 -1.29 -40.22 9.93
CA ASN E 184 -1.26 -39.18 10.94
C ASN E 184 -2.66 -38.74 11.42
N GLU E 185 -3.70 -39.49 11.06
CA GLU E 185 -5.05 -39.06 11.46
C GLU E 185 -5.24 -39.07 12.96
N GLY E 186 -4.93 -40.21 13.54
CA GLY E 186 -5.17 -40.45 14.95
C GLY E 186 -4.34 -39.51 15.80
N ASN E 187 -3.11 -39.27 15.34
CA ASN E 187 -2.25 -38.37 16.05
C ASN E 187 -2.91 -36.99 16.14
N THR E 188 -3.40 -36.56 14.98
CA THR E 188 -4.04 -35.26 14.83
C THR E 188 -5.16 -35.17 15.86
N TYR E 189 -6.08 -36.11 15.77
CA TYR E 189 -7.16 -36.19 16.74
C TYR E 189 -6.72 -36.13 18.21
N PHE E 190 -5.79 -36.98 18.61
CA PHE E 190 -5.36 -37.04 19.98
C PHE E 190 -4.95 -35.68 20.52
N TRP E 191 -3.96 -35.09 19.87
CA TRP E 191 -3.46 -33.84 20.34
C TRP E 191 -4.53 -32.77 20.46
N HIS E 192 -5.50 -32.81 19.54
CA HIS E 192 -6.60 -31.85 19.57
C HIS E 192 -7.54 -32.12 20.73
N ALA E 193 -7.92 -33.38 20.91
CA ALA E 193 -8.79 -33.74 22.00
C ALA E 193 -8.09 -33.41 23.32
N PHE E 194 -6.83 -33.78 23.43
CA PHE E 194 -6.09 -33.60 24.67
C PHE E 194 -6.08 -32.13 25.09
N TRP E 195 -5.74 -31.26 24.14
CA TRP E 195 -5.67 -29.84 24.41
C TRP E 195 -7.05 -29.26 24.57
N PHE E 196 -8.02 -29.78 23.83
CA PHE E 196 -9.38 -29.30 23.99
C PHE E 196 -9.86 -29.67 25.37
N ALA E 197 -9.51 -30.87 25.83
CA ALA E 197 -9.96 -31.35 27.13
C ALA E 197 -9.45 -30.42 28.20
N ILE E 198 -8.15 -30.13 28.15
CA ILE E 198 -7.52 -29.17 29.06
C ILE E 198 -8.23 -27.80 29.08
N GLY E 199 -8.52 -27.27 27.90
CA GLY E 199 -9.38 -26.09 27.80
C GLY E 199 -10.62 -26.24 28.67
N VAL E 200 -11.33 -27.35 28.50
CA VAL E 200 -12.56 -27.59 29.23
C VAL E 200 -12.19 -27.70 30.70
N ALA E 201 -11.23 -28.57 31.00
CA ALA E 201 -10.75 -28.74 32.38
C ALA E 201 -10.58 -27.40 33.12
N TRP E 202 -9.96 -26.43 32.47
CA TRP E 202 -9.75 -25.13 33.08
C TRP E 202 -11.07 -24.38 33.31
N ILE E 203 -11.95 -24.33 32.32
CA ILE E 203 -13.22 -23.67 32.56
C ILE E 203 -14.07 -24.50 33.51
N GLY E 204 -13.99 -25.81 33.37
CA GLY E 204 -14.67 -26.74 34.27
C GLY E 204 -14.29 -26.54 35.73
N TYR E 205 -13.01 -26.31 36.00
CA TYR E 205 -12.57 -26.07 37.37
C TYR E 205 -13.22 -24.83 37.97
N TRP E 206 -13.32 -23.77 37.18
CA TRP E 206 -13.91 -22.54 37.65
C TRP E 206 -15.42 -22.57 37.69
N SER E 207 -16.04 -23.51 36.98
CA SER E 207 -17.49 -23.53 36.84
C SER E 207 -18.18 -24.53 37.76
N ARG E 208 -17.40 -25.20 38.61
CA ARG E 208 -17.96 -25.91 39.77
C ARG E 208 -18.67 -24.88 40.62
N ARG E 209 -18.04 -23.70 40.75
CA ARG E 209 -18.58 -22.55 41.47
C ARG E 209 -19.63 -21.82 40.65
N PRO E 210 -20.41 -20.91 41.27
CA PRO E 210 -21.34 -20.10 40.47
C PRO E 210 -20.60 -19.05 39.67
N ILE E 211 -21.06 -18.83 38.43
CA ILE E 211 -20.29 -18.14 37.43
C ILE E 211 -20.57 -16.64 37.36
N PHE E 212 -21.83 -16.26 37.22
CA PHE E 212 -22.14 -14.86 36.90
C PHE E 212 -22.73 -13.98 38.01
N ILE E 213 -24.04 -14.01 38.22
CA ILE E 213 -24.67 -12.92 38.97
C ILE E 213 -24.17 -12.67 40.39
N PRO E 214 -23.71 -13.73 41.10
CA PRO E 214 -23.04 -13.50 42.39
C PRO E 214 -21.66 -12.88 42.25
N ARG E 215 -20.83 -13.43 41.37
CA ARG E 215 -19.48 -12.92 41.15
C ARG E 215 -19.48 -11.50 40.63
N LEU E 216 -20.45 -11.17 39.77
CA LEU E 216 -20.59 -9.82 39.24
C LEU E 216 -20.84 -8.80 40.34
N LEU E 217 -21.69 -9.17 41.30
CA LEU E 217 -22.12 -8.25 42.35
C LEU E 217 -21.09 -8.07 43.44
N MET E 218 -20.35 -9.15 43.72
CA MET E 218 -19.23 -9.09 44.65
C MET E 218 -18.20 -8.05 44.18
N VAL E 219 -17.84 -8.10 42.90
CA VAL E 219 -16.95 -7.10 42.29
C VAL E 219 -17.51 -5.70 42.47
N ASP E 220 -18.82 -5.55 42.27
CA ASP E 220 -19.50 -4.24 42.32
C ASP E 220 -19.36 -3.56 43.67
N ALA E 221 -20.43 -3.51 44.48
CA ALA E 221 -20.28 -3.05 45.86
C ALA E 221 -19.13 -3.89 46.48
N GLY E 222 -18.15 -3.19 47.06
CA GLY E 222 -16.97 -3.82 47.69
C GLY E 222 -16.05 -4.57 46.74
N ARG E 223 -14.93 -5.02 47.29
CA ARG E 223 -13.89 -5.68 46.49
C ARG E 223 -14.20 -7.12 46.12
N ALA E 224 -13.59 -7.53 45.01
CA ALA E 224 -13.59 -8.89 44.50
C ALA E 224 -12.70 -9.78 45.37
N ASP E 225 -11.51 -10.10 44.85
CA ASP E 225 -10.42 -10.78 45.59
C ASP E 225 -10.74 -11.82 46.71
N GLU E 226 -11.99 -11.87 47.16
CA GLU E 226 -12.51 -13.01 47.93
C GLU E 226 -12.90 -14.11 46.94
N LEU E 227 -13.11 -13.72 45.68
CA LEU E 227 -13.54 -14.63 44.64
C LEU E 227 -12.46 -15.63 44.20
N VAL E 228 -11.22 -15.24 44.42
CA VAL E 228 -10.07 -16.05 44.04
C VAL E 228 -9.07 -16.10 45.19
N SER E 229 -8.55 -17.29 45.48
CA SER E 229 -7.33 -17.43 46.31
C SER E 229 -6.85 -18.86 46.36
N ALA E 230 -5.52 -19.02 46.22
CA ALA E 230 -4.85 -20.30 46.38
C ALA E 230 -5.63 -20.94 47.49
N THR E 231 -6.15 -22.16 47.30
CA THR E 231 -5.77 -23.13 46.26
C THR E 231 -6.12 -22.79 44.79
N ASP E 232 -6.83 -21.69 44.55
CA ASP E 232 -7.09 -21.26 43.18
C ASP E 232 -5.79 -20.95 42.49
N ARG E 233 -4.99 -20.04 43.06
CA ARG E 233 -3.74 -19.65 42.39
C ARG E 233 -2.61 -20.71 42.40
N LYS E 234 -2.77 -21.77 43.18
CA LYS E 234 -1.92 -22.94 43.00
C LYS E 234 -2.29 -23.63 41.67
N VAL E 235 -3.58 -23.95 41.49
CA VAL E 235 -4.12 -24.55 40.27
C VAL E 235 -3.72 -23.73 39.05
N ALA E 236 -3.84 -22.41 39.17
CA ALA E 236 -3.50 -21.52 38.07
C ALA E 236 -2.10 -21.85 37.57
N MET E 237 -1.12 -21.83 38.47
CA MET E 237 0.25 -22.10 38.06
C MET E 237 0.54 -23.58 37.85
N GLY E 238 -0.33 -24.43 38.38
CA GLY E 238 -0.30 -25.85 38.03
C GLY E 238 -0.51 -25.96 36.53
N PHE E 239 -1.66 -25.47 36.07
CA PHE E 239 -1.94 -25.44 34.64
C PHE E 239 -0.81 -24.76 33.89
N LEU E 240 -0.48 -23.52 34.26
CA LEU E 240 0.56 -22.75 33.56
C LEU E 240 1.86 -23.54 33.36
N ALA E 241 2.46 -24.06 34.43
CA ALA E 241 3.68 -24.88 34.32
C ALA E 241 3.47 -26.20 33.57
N ALA E 242 2.42 -26.94 33.91
CA ALA E 242 2.03 -28.17 33.20
C ALA E 242 1.90 -27.96 31.67
N THR E 243 1.44 -26.79 31.25
CA THR E 243 1.21 -26.53 29.84
C THR E 243 2.52 -26.37 29.13
N ILE E 244 3.36 -25.45 29.62
CA ILE E 244 4.67 -25.25 29.07
C ILE E 244 5.40 -26.58 29.05
N LEU E 245 5.38 -27.25 30.19
CA LEU E 245 6.03 -28.55 30.32
C LEU E 245 5.60 -29.56 29.25
N ILE E 246 4.30 -29.79 29.12
CA ILE E 246 3.78 -30.77 28.15
C ILE E 246 4.14 -30.39 26.71
N VAL E 247 3.99 -29.13 26.35
CA VAL E 247 4.37 -28.67 25.02
C VAL E 247 5.81 -29.06 24.68
N VAL E 248 6.79 -28.72 25.54
CA VAL E 248 8.22 -28.98 25.28
C VAL E 248 8.54 -30.47 25.32
N MET E 249 7.85 -31.18 26.20
CA MET E 249 8.01 -32.64 26.32
C MET E 249 7.54 -33.28 25.04
N ALA E 250 6.30 -32.94 24.67
CA ALA E 250 5.67 -33.44 23.47
C ALA E 250 6.49 -33.11 22.21
N MET E 251 7.04 -31.89 22.14
CA MET E 251 7.77 -31.44 20.97
C MET E 251 9.05 -32.27 20.76
N SER E 252 9.90 -32.36 21.78
CA SER E 252 11.15 -33.10 21.64
C SER E 252 10.92 -34.62 21.75
N SER E 253 9.66 -35.00 21.95
CA SER E 253 9.27 -36.39 21.84
C SER E 253 8.89 -36.64 20.39
N ALA E 254 8.21 -35.65 19.81
CA ALA E 254 7.86 -35.65 18.41
C ALA E 254 9.13 -35.51 17.58
N ASN E 255 10.17 -34.91 18.16
CA ASN E 255 11.46 -34.82 17.47
C ASN E 255 12.22 -36.10 17.57
N SER E 256 11.88 -36.90 18.57
CA SER E 256 12.58 -38.13 18.83
C SER E 256 12.17 -39.20 17.84
N LYS E 257 10.86 -39.47 17.78
CA LYS E 257 10.26 -40.14 16.62
C LYS E 257 10.17 -39.09 15.53
N TYR E 258 10.44 -39.46 14.28
CA TYR E 258 10.52 -38.46 13.17
C TYR E 258 11.71 -37.51 13.37
N PRO E 259 12.92 -38.06 13.44
CA PRO E 259 14.07 -37.16 13.53
C PRO E 259 14.45 -36.60 12.18
N ILE E 260 13.92 -37.17 11.09
CA ILE E 260 14.25 -36.65 9.77
C ILE E 260 13.05 -35.95 9.16
N THR E 261 13.09 -34.61 9.09
CA THR E 261 12.00 -33.79 8.54
C THR E 261 12.57 -32.63 7.70
N ILE E 262 11.87 -32.27 6.63
CA ILE E 262 12.22 -31.14 5.76
C ILE E 262 11.14 -30.05 5.86
N PRO E 263 11.45 -28.83 5.41
CA PRO E 263 10.37 -27.86 5.28
C PRO E 263 9.50 -28.07 4.01
N LEU E 264 8.27 -27.55 4.05
CA LEU E 264 7.42 -27.57 2.88
C LEU E 264 8.21 -27.13 1.71
N GLN E 265 8.19 -27.96 0.68
CA GLN E 265 8.89 -27.66 -0.56
C GLN E 265 8.02 -26.74 -1.39
N ALA E 266 8.54 -25.57 -1.76
CA ALA E 266 7.77 -24.58 -2.51
C ALA E 266 8.64 -23.75 -3.45
N GLY E 267 7.99 -23.09 -4.41
CA GLY E 267 8.67 -22.09 -5.20
C GLY E 267 8.45 -22.32 -6.66
N THR E 268 8.16 -21.24 -7.38
CA THR E 268 7.81 -21.35 -8.77
C THR E 268 8.92 -22.00 -9.60
N MET E 269 8.57 -22.99 -10.40
CA MET E 269 9.53 -23.58 -11.31
C MET E 269 9.64 -22.76 -12.57
N ARG E 270 10.81 -22.20 -12.82
CA ARG E 270 11.11 -21.56 -14.09
C ARG E 270 11.55 -22.57 -15.13
N GLY E 271 12.00 -22.09 -16.29
CA GLY E 271 12.58 -22.94 -17.34
C GLY E 271 11.68 -24.03 -17.82
N MET E 272 10.39 -23.74 -18.01
CA MET E 272 9.49 -24.72 -18.58
C MET E 272 9.81 -24.92 -20.05
N LYS E 273 10.02 -26.15 -20.47
CA LYS E 273 10.36 -26.44 -21.86
C LYS E 273 9.13 -26.26 -22.77
N PRO E 274 9.19 -25.29 -23.71
CA PRO E 274 8.05 -25.13 -24.60
C PRO E 274 8.22 -26.00 -25.82
N LEU E 275 7.16 -26.15 -26.59
CA LEU E 275 7.17 -27.06 -27.72
C LEU E 275 7.74 -26.35 -28.92
N GLU E 276 8.60 -27.01 -29.68
CA GLU E 276 9.17 -26.39 -30.88
C GLU E 276 8.28 -26.60 -32.12
N LEU E 277 7.50 -25.59 -32.50
CA LEU E 277 6.55 -25.77 -33.57
C LEU E 277 7.12 -25.33 -34.88
N PRO E 278 6.90 -26.11 -35.95
CA PRO E 278 7.34 -25.70 -37.29
C PRO E 278 6.55 -24.46 -37.75
N ALA E 279 7.21 -23.52 -38.43
CA ALA E 279 6.53 -22.30 -38.90
C ALA E 279 5.38 -22.67 -39.85
N PRO E 280 4.18 -22.06 -39.67
CA PRO E 280 3.06 -22.60 -40.44
C PRO E 280 3.20 -22.24 -41.92
N THR E 281 2.52 -22.96 -42.78
CA THR E 281 2.73 -22.85 -44.20
C THR E 281 1.60 -22.01 -44.82
N VAL E 282 0.46 -22.01 -44.15
CA VAL E 282 -0.71 -21.17 -44.49
C VAL E 282 -0.61 -19.90 -43.67
N SER E 283 -1.08 -18.78 -44.21
CA SER E 283 -1.26 -17.57 -43.40
C SER E 283 -2.62 -17.03 -43.70
N VAL E 284 -3.35 -16.63 -42.67
CA VAL E 284 -4.73 -16.12 -42.88
C VAL E 284 -4.88 -14.70 -42.39
N LYS E 285 -5.88 -14.01 -42.92
CA LYS E 285 -6.09 -12.61 -42.63
C LYS E 285 -7.57 -12.40 -42.39
N VAL E 286 -7.92 -11.82 -41.25
CA VAL E 286 -9.32 -11.71 -40.91
C VAL E 286 -9.84 -10.33 -41.26
N GLU E 287 -10.63 -10.24 -42.32
CA GLU E 287 -11.28 -8.98 -42.70
C GLU E 287 -12.71 -9.02 -42.21
N ASP E 288 -13.12 -8.12 -41.33
CA ASP E 288 -14.42 -8.27 -40.60
C ASP E 288 -14.79 -9.72 -40.05
N ALA E 289 -15.43 -9.75 -38.90
CA ALA E 289 -15.96 -10.96 -38.32
C ALA E 289 -17.14 -10.53 -37.47
N THR E 290 -18.29 -11.10 -37.74
CA THR E 290 -19.53 -10.63 -37.14
C THR E 290 -20.27 -11.75 -36.43
N TYR E 291 -21.12 -11.39 -35.48
CA TYR E 291 -22.06 -12.37 -34.92
C TYR E 291 -23.46 -11.79 -34.84
N ARG E 292 -24.45 -12.65 -35.09
CA ARG E 292 -25.85 -12.24 -35.00
C ARG E 292 -26.30 -12.22 -33.54
N VAL E 293 -27.02 -11.16 -33.15
CA VAL E 293 -27.62 -11.04 -31.82
C VAL E 293 -29.17 -10.94 -31.94
N PRO E 294 -29.89 -11.91 -31.31
CA PRO E 294 -29.32 -13.15 -30.75
C PRO E 294 -29.10 -14.19 -31.87
N GLY E 295 -28.32 -15.22 -31.57
CA GLY E 295 -27.94 -16.20 -32.58
C GLY E 295 -27.14 -17.36 -32.00
N ARG E 296 -26.54 -18.15 -32.89
CA ARG E 296 -25.75 -19.33 -32.52
C ARG E 296 -24.58 -19.49 -33.45
N ALA E 297 -24.16 -18.37 -34.05
CA ALA E 297 -23.18 -18.43 -35.12
C ALA E 297 -22.38 -17.16 -35.31
N MET E 298 -21.13 -17.36 -35.68
CA MET E 298 -20.17 -16.32 -35.91
C MET E 298 -19.71 -16.45 -37.37
N ARG E 299 -19.81 -15.38 -38.16
CA ARG E 299 -19.27 -15.36 -39.53
C ARG E 299 -17.92 -14.65 -39.52
N MET E 300 -16.98 -15.08 -40.35
CA MET E 300 -15.77 -14.30 -40.57
C MET E 300 -15.31 -14.43 -42.01
N LYS E 301 -14.81 -13.33 -42.58
CA LYS E 301 -14.31 -13.34 -43.94
C LYS E 301 -12.76 -13.46 -43.91
N LEU E 302 -12.25 -14.61 -44.29
CA LEU E 302 -10.82 -14.85 -44.22
C LEU E 302 -10.19 -14.80 -45.59
N THR E 303 -8.99 -14.23 -45.69
CA THR E 303 -8.15 -14.46 -46.86
C THR E 303 -7.07 -15.51 -46.55
N ILE E 304 -7.39 -16.78 -46.82
CA ILE E 304 -6.49 -17.91 -46.64
C ILE E 304 -5.52 -17.88 -47.80
N THR E 305 -4.23 -17.97 -47.52
CA THR E 305 -3.26 -17.99 -48.62
C THR E 305 -2.17 -19.03 -48.43
N ASN E 306 -2.20 -20.06 -49.27
CA ASN E 306 -1.40 -21.27 -49.05
C ASN E 306 0.01 -21.22 -49.65
N HIS E 307 0.98 -20.82 -48.83
CA HIS E 307 2.40 -21.01 -49.16
C HIS E 307 2.72 -22.50 -48.89
N GLY E 308 3.97 -22.95 -49.04
CA GLY E 308 4.27 -24.41 -48.91
C GLY E 308 3.49 -25.25 -49.92
N ASN E 309 3.80 -26.53 -50.06
CA ASN E 309 3.46 -27.22 -51.33
C ASN E 309 2.58 -28.49 -51.32
N SER E 310 1.31 -28.31 -50.98
CA SER E 310 0.30 -29.35 -51.14
C SER E 310 -1.07 -28.71 -50.97
N PRO E 311 -2.03 -29.12 -51.82
CA PRO E 311 -3.38 -28.56 -51.77
C PRO E 311 -4.03 -28.71 -50.39
N ILE E 312 -4.36 -27.57 -49.81
CA ILE E 312 -4.76 -27.44 -48.43
C ILE E 312 -6.25 -27.15 -48.30
N ARG E 313 -6.88 -27.71 -47.27
CA ARG E 313 -8.27 -27.38 -46.95
C ARG E 313 -8.45 -27.02 -45.48
N LEU E 314 -9.51 -26.27 -45.16
CA LEU E 314 -9.78 -25.92 -43.77
C LEU E 314 -10.64 -26.98 -43.09
N GLY E 315 -10.20 -27.47 -41.94
CA GLY E 315 -10.90 -28.53 -41.25
C GLY E 315 -11.56 -28.18 -39.93
N GLU E 316 -11.05 -27.14 -39.26
CA GLU E 316 -11.54 -26.83 -37.91
C GLU E 316 -11.23 -25.43 -37.44
N PHE E 317 -12.19 -24.84 -36.74
CA PHE E 317 -11.99 -23.58 -36.09
C PHE E 317 -12.25 -23.89 -34.64
N TYR E 318 -11.24 -23.71 -33.79
CA TYR E 318 -11.35 -23.90 -32.35
C TYR E 318 -11.44 -22.54 -31.79
N THR E 319 -12.39 -22.31 -30.90
CA THR E 319 -12.50 -20.98 -30.33
C THR E 319 -12.45 -20.84 -28.81
N ALA E 320 -13.34 -21.46 -28.06
CA ALA E 320 -13.24 -21.26 -26.65
C ALA E 320 -13.65 -22.57 -26.04
N SER E 321 -12.76 -23.54 -26.25
CA SER E 321 -13.05 -24.94 -25.96
C SER E 321 -14.03 -25.52 -26.97
N VAL E 322 -14.78 -24.67 -27.69
CA VAL E 322 -15.73 -25.14 -28.68
C VAL E 322 -14.98 -25.39 -29.98
N ARG E 323 -15.21 -26.56 -30.59
CA ARG E 323 -14.56 -26.98 -31.83
C ARG E 323 -15.59 -27.07 -32.94
N PHE E 324 -15.45 -26.25 -33.99
CA PHE E 324 -16.30 -26.29 -35.17
C PHE E 324 -15.56 -26.96 -36.32
N LEU E 325 -16.10 -28.07 -36.83
CA LEU E 325 -15.42 -28.80 -37.89
C LEU E 325 -16.22 -28.83 -39.18
N ASP E 326 -15.51 -28.96 -40.28
CA ASP E 326 -16.10 -29.30 -41.58
C ASP E 326 -15.92 -30.79 -41.78
N SER E 327 -16.98 -31.55 -41.61
CA SER E 327 -16.89 -33.02 -41.73
C SER E 327 -16.60 -33.45 -43.16
N ASP E 328 -16.83 -32.54 -44.10
CA ASP E 328 -16.40 -32.70 -45.48
C ASP E 328 -14.87 -32.96 -45.45
N VAL E 329 -14.20 -32.43 -44.42
CA VAL E 329 -12.72 -32.36 -44.34
C VAL E 329 -12.05 -33.09 -43.16
N TYR E 330 -12.61 -32.98 -41.95
CA TYR E 330 -12.01 -33.57 -40.76
C TYR E 330 -13.05 -34.12 -39.75
N LYS E 331 -12.69 -35.24 -39.11
CA LYS E 331 -13.55 -35.96 -38.19
C LYS E 331 -12.77 -36.21 -36.90
N ASP E 332 -13.31 -35.77 -35.77
CA ASP E 332 -12.65 -36.04 -34.49
C ASP E 332 -12.80 -37.51 -34.15
N THR E 333 -11.75 -38.16 -33.66
CA THR E 333 -11.91 -39.52 -33.11
C THR E 333 -11.64 -39.59 -31.59
N THR E 334 -11.03 -38.54 -31.04
CA THR E 334 -10.55 -38.51 -29.66
C THR E 334 -11.66 -38.49 -28.60
N GLY E 335 -12.92 -38.55 -29.05
CA GLY E 335 -14.10 -38.47 -28.18
C GLY E 335 -14.23 -37.17 -27.39
N TYR E 336 -13.84 -36.06 -28.03
CA TYR E 336 -13.92 -34.71 -27.46
C TYR E 336 -15.31 -34.56 -26.91
N PRO E 337 -15.47 -33.86 -25.78
CA PRO E 337 -16.78 -33.76 -25.12
C PRO E 337 -17.89 -33.43 -26.11
N GLU E 338 -18.95 -34.25 -26.09
CA GLU E 338 -20.01 -34.13 -27.10
C GLU E 338 -20.62 -32.72 -27.18
N ASP E 339 -20.73 -32.03 -26.04
CA ASP E 339 -21.37 -30.71 -26.04
C ASP E 339 -20.48 -29.60 -26.60
N LEU E 340 -19.23 -29.93 -26.90
CA LEU E 340 -18.28 -28.92 -27.35
C LEU E 340 -17.82 -29.19 -28.75
N LEU E 341 -18.13 -30.38 -29.24
CA LEU E 341 -17.83 -30.77 -30.61
C LEU E 341 -18.99 -30.51 -31.58
N ALA E 342 -18.80 -29.56 -32.49
CA ALA E 342 -19.77 -29.31 -33.53
C ALA E 342 -19.32 -30.06 -34.78
N GLU E 343 -19.82 -31.28 -34.91
CA GLU E 343 -19.44 -32.23 -35.98
C GLU E 343 -19.35 -31.64 -37.41
N ASP E 344 -20.42 -30.98 -37.92
CA ASP E 344 -20.30 -30.16 -39.16
C ASP E 344 -20.64 -28.71 -38.88
N GLY E 345 -20.18 -28.21 -37.75
CA GLY E 345 -20.43 -26.84 -37.35
C GLY E 345 -19.82 -25.78 -38.24
N LEU E 346 -18.73 -26.13 -38.94
CA LEU E 346 -18.00 -25.13 -39.73
C LEU E 346 -18.32 -25.23 -41.21
N SER E 347 -18.82 -24.14 -41.78
CA SER E 347 -19.01 -24.07 -43.23
C SER E 347 -18.21 -22.93 -43.88
N VAL E 348 -17.48 -23.32 -44.93
CA VAL E 348 -16.67 -22.45 -45.76
C VAL E 348 -17.46 -22.20 -47.04
N SER E 349 -17.58 -20.95 -47.45
CA SER E 349 -18.19 -20.63 -48.73
C SER E 349 -17.57 -21.45 -49.87
N ASP E 350 -16.25 -21.62 -49.86
CA ASP E 350 -15.59 -22.47 -50.84
C ASP E 350 -14.45 -23.30 -50.22
N ASN E 351 -14.71 -24.57 -49.94
CA ASN E 351 -13.68 -25.38 -49.28
C ASN E 351 -13.14 -26.48 -50.16
N SER E 352 -12.92 -26.13 -51.43
CA SER E 352 -12.20 -26.97 -52.35
C SER E 352 -10.72 -26.84 -52.00
N PRO E 353 -9.89 -27.82 -52.41
CA PRO E 353 -8.45 -27.70 -52.13
C PRO E 353 -7.92 -26.36 -52.57
N LEU E 354 -7.14 -25.73 -51.70
CA LEU E 354 -6.49 -24.46 -52.04
C LEU E 354 -5.08 -24.73 -52.51
N ALA E 355 -4.89 -24.70 -53.83
CA ALA E 355 -3.61 -25.01 -54.48
C ALA E 355 -2.40 -24.29 -53.85
N PRO E 356 -1.18 -24.88 -53.91
CA PRO E 356 -0.04 -24.16 -53.36
C PRO E 356 0.30 -22.94 -54.20
N GLY E 357 0.66 -21.85 -53.54
CA GLY E 357 0.83 -20.56 -54.22
C GLY E 357 -0.45 -19.74 -54.32
N GLU E 358 -1.59 -20.41 -54.50
CA GLU E 358 -2.88 -19.72 -54.55
C GLU E 358 -3.31 -19.11 -53.21
N THR E 359 -4.14 -18.09 -53.31
CA THR E 359 -4.64 -17.34 -52.17
C THR E 359 -6.09 -16.95 -52.49
N ARG E 360 -7.02 -17.24 -51.60
CA ARG E 360 -8.39 -16.82 -51.82
C ARG E 360 -9.09 -16.23 -50.58
N THR E 361 -10.15 -15.48 -50.83
CA THR E 361 -10.96 -14.96 -49.75
C THR E 361 -12.19 -15.81 -49.69
N VAL E 362 -12.63 -16.10 -48.48
CA VAL E 362 -13.62 -17.11 -48.24
C VAL E 362 -14.52 -16.66 -47.09
N ASP E 363 -15.80 -17.00 -47.15
CA ASP E 363 -16.66 -16.64 -46.03
C ASP E 363 -16.84 -17.85 -45.14
N VAL E 364 -16.53 -17.72 -43.84
CA VAL E 364 -16.61 -18.88 -42.97
C VAL E 364 -17.64 -18.69 -41.87
N THR E 365 -18.39 -19.74 -41.57
CA THR E 365 -19.41 -19.67 -40.54
C THR E 365 -19.32 -20.79 -39.52
N ALA E 366 -18.98 -20.45 -38.29
CA ALA E 366 -18.98 -21.37 -37.18
C ALA E 366 -20.33 -21.22 -36.52
N SER E 367 -20.98 -22.34 -36.26
CA SER E 367 -22.41 -22.40 -36.01
C SER E 367 -22.73 -23.66 -35.24
N ASP E 368 -23.30 -23.52 -34.05
CA ASP E 368 -23.68 -24.67 -33.21
C ASP E 368 -24.29 -24.22 -31.90
N ALA E 369 -25.15 -25.04 -31.31
CA ALA E 369 -25.80 -24.60 -30.08
C ALA E 369 -24.76 -24.24 -29.03
N ALA E 370 -23.61 -24.93 -29.06
CA ALA E 370 -22.55 -24.68 -28.11
C ALA E 370 -22.19 -23.21 -28.00
N TRP E 371 -22.47 -22.45 -29.06
CA TRP E 371 -22.08 -21.06 -29.07
C TRP E 371 -22.97 -20.25 -28.12
N GLU E 372 -24.20 -20.77 -27.97
CA GLU E 372 -25.19 -20.19 -27.06
C GLU E 372 -25.16 -20.88 -25.70
N VAL E 373 -24.88 -22.19 -25.71
CA VAL E 373 -24.85 -22.98 -24.48
C VAL E 373 -23.63 -22.66 -23.60
N TYR E 374 -22.47 -22.50 -24.21
CA TYR E 374 -21.28 -22.06 -23.51
C TYR E 374 -21.13 -20.55 -23.52
N ARG E 375 -22.19 -19.86 -23.93
CA ARG E 375 -22.35 -18.42 -23.77
C ARG E 375 -21.28 -17.55 -24.43
N LEU E 376 -20.63 -18.03 -25.48
CA LEU E 376 -19.74 -17.17 -26.25
C LEU E 376 -20.56 -15.98 -26.78
N SER E 377 -21.85 -16.24 -27.04
CA SER E 377 -22.84 -15.20 -27.30
C SER E 377 -22.85 -14.08 -26.27
N ASP E 378 -22.42 -14.36 -25.05
CA ASP E 378 -22.32 -13.33 -24.00
C ASP E 378 -21.14 -12.40 -24.18
N ILE E 379 -20.53 -12.44 -25.37
CA ILE E 379 -19.43 -11.57 -25.63
C ILE E 379 -20.02 -10.17 -25.74
N ILE E 380 -21.34 -10.09 -25.91
CA ILE E 380 -21.98 -8.82 -26.08
C ILE E 380 -21.98 -7.99 -24.80
N TYR E 381 -21.65 -8.62 -23.68
CA TYR E 381 -21.55 -7.90 -22.43
C TYR E 381 -20.12 -7.56 -22.08
N ASP E 382 -19.20 -7.92 -22.96
CA ASP E 382 -17.80 -7.82 -22.63
C ASP E 382 -17.31 -6.45 -23.06
N PRO E 383 -16.35 -5.89 -22.32
CA PRO E 383 -15.80 -4.61 -22.66
C PRO E 383 -14.73 -4.72 -23.75
N ASP E 384 -14.55 -5.88 -24.35
CA ASP E 384 -13.56 -6.04 -25.40
C ASP E 384 -14.07 -7.05 -26.42
N SER E 385 -14.90 -6.59 -27.35
CA SER E 385 -15.42 -7.45 -28.43
C SER E 385 -14.35 -7.85 -29.44
N ARG E 386 -13.42 -8.68 -29.00
CA ARG E 386 -12.42 -9.21 -29.87
C ARG E 386 -12.33 -10.71 -29.63
N PHE E 387 -12.31 -11.51 -30.69
CA PHE E 387 -12.18 -12.94 -30.50
C PHE E 387 -10.79 -13.41 -30.83
N ALA E 388 -10.59 -14.72 -30.72
CA ALA E 388 -9.32 -15.32 -30.97
C ALA E 388 -9.58 -16.80 -31.04
N GLY E 389 -8.92 -17.48 -31.98
CA GLY E 389 -9.07 -18.91 -32.09
C GLY E 389 -7.90 -19.55 -32.81
N LEU E 390 -8.03 -20.85 -33.09
CA LEU E 390 -7.10 -21.60 -33.92
C LEU E 390 -7.84 -22.19 -35.11
N LEU E 391 -7.24 -22.07 -36.29
CA LEU E 391 -7.73 -22.77 -37.50
C LEU E 391 -6.81 -23.93 -37.75
N PHE E 392 -7.36 -25.06 -38.19
CA PHE E 392 -6.55 -26.25 -38.52
C PHE E 392 -6.70 -26.64 -39.97
N PHE E 393 -5.62 -26.59 -40.72
CA PHE E 393 -5.67 -26.86 -42.14
C PHE E 393 -5.10 -28.22 -42.42
N PHE E 394 -5.65 -28.91 -43.41
CA PHE E 394 -5.19 -30.25 -43.72
C PHE E 394 -4.94 -30.42 -45.18
N ASP E 395 -3.73 -30.90 -45.49
CA ASP E 395 -3.40 -31.19 -46.86
C ASP E 395 -3.97 -32.56 -47.30
N ALA E 396 -3.59 -32.96 -48.52
CA ALA E 396 -4.14 -34.14 -49.20
C ALA E 396 -3.87 -35.44 -48.41
N THR E 397 -2.63 -35.62 -47.97
CA THR E 397 -2.20 -36.82 -47.22
C THR E 397 -2.47 -36.75 -45.70
N GLY E 398 -3.32 -35.80 -45.30
CA GLY E 398 -3.78 -35.70 -43.93
C GLY E 398 -2.85 -35.12 -42.87
N ASN E 399 -1.80 -34.41 -43.26
CA ASN E 399 -0.98 -33.67 -42.26
C ASN E 399 -1.28 -32.19 -42.19
N ARG E 400 -1.20 -31.67 -40.96
CA ARG E 400 -1.91 -30.45 -40.61
C ARG E 400 -1.06 -29.23 -40.34
N GLN E 401 -1.68 -28.05 -40.40
CA GLN E 401 -1.06 -26.77 -40.15
C GLN E 401 -2.00 -26.02 -39.22
N VAL E 402 -1.44 -25.42 -38.18
CA VAL E 402 -2.22 -24.65 -37.21
C VAL E 402 -1.89 -23.20 -37.33
N VAL E 403 -2.84 -22.39 -37.78
CA VAL E 403 -2.70 -20.93 -37.68
C VAL E 403 -3.66 -20.41 -36.64
N GLN E 404 -3.24 -19.34 -36.01
CA GLN E 404 -4.06 -18.70 -35.02
C GLN E 404 -4.59 -17.42 -35.58
N ILE E 405 -5.87 -17.15 -35.35
CA ILE E 405 -6.44 -15.87 -35.74
C ILE E 405 -6.96 -15.17 -34.51
N ASP E 406 -6.83 -13.84 -34.53
CA ASP E 406 -7.60 -12.99 -33.64
C ASP E 406 -7.95 -11.71 -34.37
N ALA E 407 -9.03 -11.07 -33.94
CA ALA E 407 -9.56 -9.91 -34.61
C ALA E 407 -10.70 -9.36 -33.79
N PRO E 408 -11.12 -8.13 -34.10
CA PRO E 408 -12.37 -7.71 -33.46
C PRO E 408 -13.53 -8.53 -34.04
N LEU E 409 -14.48 -8.85 -33.17
CA LEU E 409 -15.74 -9.48 -33.54
C LEU E 409 -16.89 -8.51 -33.23
N ILE E 410 -17.56 -8.09 -34.30
CA ILE E 410 -18.57 -7.04 -34.24
C ILE E 410 -20.01 -7.59 -34.35
N PRO E 411 -20.90 -7.16 -33.43
CA PRO E 411 -22.27 -7.63 -33.45
C PRO E 411 -23.06 -7.07 -34.61
N SER E 412 -24.08 -7.78 -35.04
CA SER E 412 -25.07 -7.21 -35.94
C SER E 412 -26.47 -7.62 -35.47
N PHE E 413 -27.36 -6.64 -35.40
CA PHE E 413 -28.67 -6.82 -34.77
C PHE E 413 -29.78 -6.72 -35.77
N MET E 414 -29.71 -5.71 -36.63
CA MET E 414 -30.71 -5.50 -37.69
C MET E 414 -30.41 -6.28 -39.01
N ALA F 7 -40.71 -11.47 45.02
CA ALA F 7 -39.64 -12.37 44.48
C ALA F 7 -38.24 -11.85 44.87
N VAL F 8 -37.34 -12.77 45.22
CA VAL F 8 -37.67 -14.21 45.23
C VAL F 8 -37.76 -14.86 46.63
N ARG F 9 -38.52 -15.96 46.73
CA ARG F 9 -38.96 -16.61 48.00
C ARG F 9 -37.85 -16.82 49.03
N SER F 10 -36.97 -17.79 48.78
CA SER F 10 -35.86 -18.06 49.67
C SER F 10 -34.49 -17.82 49.01
N HIS F 11 -33.50 -17.50 49.84
CA HIS F 11 -32.10 -17.39 49.47
C HIS F 11 -31.49 -18.75 49.10
N ALA F 12 -32.35 -19.72 48.81
CA ALA F 12 -31.91 -21.04 48.38
C ALA F 12 -32.40 -21.27 46.97
N GLU F 13 -33.57 -20.71 46.67
CA GLU F 13 -34.12 -20.67 45.31
C GLU F 13 -33.37 -19.62 44.51
N ALA F 14 -32.91 -18.59 45.21
CA ALA F 14 -32.06 -17.55 44.65
C ALA F 14 -30.73 -18.13 44.14
N VAL F 15 -30.25 -19.18 44.82
CA VAL F 15 -29.07 -19.93 44.35
C VAL F 15 -29.41 -20.69 43.07
N GLN F 16 -30.62 -21.25 43.00
CA GLN F 16 -31.09 -21.99 41.85
C GLN F 16 -31.30 -21.14 40.60
N VAL F 17 -31.69 -19.88 40.79
CA VAL F 17 -31.86 -19.00 39.63
C VAL F 17 -30.52 -18.53 39.07
N SER F 18 -29.64 -18.07 39.94
CA SER F 18 -28.29 -17.67 39.55
C SER F 18 -27.56 -18.79 38.87
N ARG F 19 -27.85 -20.02 39.28
CA ARG F 19 -27.27 -21.19 38.64
C ARG F 19 -27.85 -21.42 37.25
N THR F 20 -29.17 -21.62 37.14
CA THR F 20 -29.76 -21.82 35.81
C THR F 20 -29.59 -20.58 34.90
N ILE F 21 -29.20 -19.45 35.50
CA ILE F 21 -28.70 -18.32 34.71
C ILE F 21 -27.30 -18.65 34.21
N ASP F 22 -26.37 -18.92 35.13
CA ASP F 22 -25.00 -19.25 34.72
C ASP F 22 -24.95 -20.10 33.46
N TRP F 23 -25.67 -21.23 33.46
CA TRP F 23 -25.70 -22.11 32.29
C TRP F 23 -26.21 -21.37 31.07
N MET F 24 -27.39 -20.77 31.15
CA MET F 24 -27.91 -20.07 29.98
C MET F 24 -26.94 -19.02 29.42
N ALA F 25 -26.40 -18.17 30.31
CA ALA F 25 -25.47 -17.10 29.95
C ALA F 25 -24.20 -17.65 29.31
N LEU F 26 -23.65 -18.70 29.92
CA LEU F 26 -22.48 -19.37 29.39
C LEU F 26 -22.72 -19.78 27.96
N PHE F 27 -23.86 -20.42 27.71
CA PHE F 27 -24.29 -20.77 26.35
C PHE F 27 -24.25 -19.58 25.42
N VAL F 28 -24.89 -18.47 25.82
CA VAL F 28 -24.90 -17.25 25.01
C VAL F 28 -23.49 -16.79 24.77
N VAL F 29 -22.80 -16.37 25.81
CA VAL F 29 -21.41 -15.94 25.70
C VAL F 29 -20.57 -16.84 24.77
N PHE F 30 -20.78 -18.15 24.90
CA PHE F 30 -19.93 -19.11 24.20
C PHE F 30 -20.21 -19.15 22.73
N PHE F 31 -21.47 -19.28 22.35
CA PHE F 31 -21.80 -19.36 20.93
C PHE F 31 -21.72 -18.03 20.18
N VAL F 32 -22.03 -16.94 20.85
CA VAL F 32 -21.79 -15.61 20.29
C VAL F 32 -20.28 -15.41 20.05
N ILE F 33 -19.43 -15.86 20.96
CA ILE F 33 -18.02 -15.87 20.66
C ILE F 33 -17.77 -16.76 19.45
N VAL F 34 -18.16 -18.04 19.51
CA VAL F 34 -17.92 -19.00 18.41
C VAL F 34 -18.25 -18.40 17.05
N GLY F 35 -19.35 -17.66 16.99
CA GLY F 35 -19.82 -17.07 15.75
C GLY F 35 -18.97 -15.92 15.30
N SER F 36 -18.82 -14.92 16.14
CA SER F 36 -18.09 -13.74 15.75
C SER F 36 -16.60 -13.97 15.70
N TYR F 37 -16.07 -14.83 16.56
CA TYR F 37 -14.63 -15.12 16.55
C TYR F 37 -14.26 -15.88 15.29
N HIS F 38 -15.11 -16.80 14.89
CA HIS F 38 -14.87 -17.57 13.67
C HIS F 38 -14.86 -16.68 12.42
N ILE F 39 -15.90 -15.86 12.27
CA ILE F 39 -15.97 -14.82 11.23
C ILE F 39 -14.68 -14.00 11.16
N HIS F 40 -14.05 -13.78 12.30
CA HIS F 40 -12.83 -12.99 12.34
C HIS F 40 -11.63 -13.77 11.80
N ALA F 41 -11.47 -15.01 12.23
CA ALA F 41 -10.43 -15.88 11.71
C ALA F 41 -10.55 -15.98 10.18
N MET F 42 -11.71 -16.43 9.72
CA MET F 42 -12.08 -16.47 8.31
C MET F 42 -11.61 -15.24 7.56
N LEU F 43 -12.33 -14.15 7.80
CA LEU F 43 -12.24 -12.88 7.06
C LEU F 43 -10.83 -12.34 6.98
N THR F 44 -10.12 -12.38 8.10
CA THR F 44 -8.71 -11.93 8.12
C THR F 44 -7.77 -13.15 8.01
N MET F 45 -7.90 -13.84 6.86
CA MET F 45 -7.07 -14.97 6.36
C MET F 45 -7.86 -15.96 5.43
N GLY F 46 -7.78 -15.73 4.09
CA GLY F 46 -8.05 -16.74 3.02
C GLY F 46 -6.95 -17.80 3.16
N ASP F 47 -7.33 -18.98 3.68
CA ASP F 47 -6.57 -19.56 4.82
C ASP F 47 -5.40 -20.54 4.75
N TRP F 48 -4.50 -20.34 5.71
CA TRP F 48 -3.45 -21.30 6.11
C TRP F 48 -4.03 -22.43 6.95
N ASP F 49 -5.09 -22.12 7.71
CA ASP F 49 -5.68 -23.06 8.65
C ASP F 49 -6.35 -24.20 7.93
N PHE F 50 -6.88 -23.93 6.75
CA PHE F 50 -7.54 -24.97 5.95
C PHE F 50 -6.65 -26.12 5.50
N TRP F 51 -5.38 -25.85 5.21
CA TRP F 51 -4.54 -26.87 4.60
C TRP F 51 -3.28 -27.20 5.35
N SER F 52 -3.02 -28.50 5.50
CA SER F 52 -1.76 -29.02 6.02
C SER F 52 -0.54 -28.45 5.30
N ASP F 53 -0.62 -28.25 3.98
CA ASP F 53 0.53 -27.70 3.26
C ASP F 53 0.50 -26.19 3.17
N TRP F 54 -0.13 -25.52 4.12
CA TRP F 54 -0.01 -24.06 4.24
C TRP F 54 0.53 -23.74 5.62
N LYS F 55 0.52 -24.74 6.50
CA LYS F 55 1.10 -24.68 7.84
C LYS F 55 2.64 -24.62 7.72
N ASP F 56 3.14 -23.47 7.25
CA ASP F 56 4.57 -23.30 7.00
C ASP F 56 5.34 -22.66 8.19
N ARG F 57 6.64 -22.44 8.00
CA ARG F 57 7.47 -21.89 9.08
C ARG F 57 7.48 -20.34 9.19
N ARG F 58 7.27 -19.63 8.08
CA ARG F 58 7.21 -18.17 8.11
C ARG F 58 5.77 -17.67 8.30
N LEU F 59 4.92 -17.79 7.28
CA LEU F 59 3.64 -17.09 7.29
C LEU F 59 2.63 -17.58 8.31
N TRP F 60 2.48 -18.89 8.40
CA TRP F 60 1.56 -19.46 9.35
C TRP F 60 1.96 -19.12 10.80
N VAL F 61 3.16 -19.51 11.17
CA VAL F 61 3.78 -19.20 12.45
C VAL F 61 3.66 -17.74 12.88
N THR F 62 3.65 -16.84 11.90
CA THR F 62 3.63 -15.41 12.19
C THR F 62 2.25 -14.86 12.36
N VAL F 63 1.43 -14.92 11.31
CA VAL F 63 0.13 -14.26 11.33
C VAL F 63 -0.86 -14.87 12.32
N THR F 64 -0.86 -16.20 12.42
CA THR F 64 -1.87 -16.89 13.21
C THR F 64 -1.92 -16.42 14.66
N PRO F 65 -0.80 -16.52 15.40
CA PRO F 65 -0.89 -16.00 16.79
C PRO F 65 -1.36 -14.54 16.84
N ILE F 66 -0.75 -13.67 16.02
CA ILE F 66 -1.06 -12.23 15.95
C ILE F 66 -2.53 -11.91 15.70
N VAL F 67 -3.07 -12.45 14.61
CA VAL F 67 -4.44 -12.19 14.24
C VAL F 67 -5.46 -12.73 15.28
N LEU F 68 -5.03 -13.70 16.09
CA LEU F 68 -5.92 -14.38 17.00
C LEU F 68 -5.93 -13.95 18.45
N VAL F 69 -4.92 -13.16 18.87
CA VAL F 69 -4.85 -12.66 20.25
C VAL F 69 -6.07 -11.82 20.54
N THR F 70 -6.53 -11.12 19.52
CA THR F 70 -7.58 -10.11 19.61
C THR F 70 -8.74 -10.41 20.57
N PHE F 71 -9.54 -11.42 20.25
CA PHE F 71 -10.72 -11.70 21.03
C PHE F 71 -10.33 -12.06 22.43
N PRO F 72 -9.43 -13.04 22.60
CA PRO F 72 -8.96 -13.36 23.92
C PRO F 72 -8.65 -12.09 24.72
N ALA F 73 -7.84 -11.21 24.15
CA ALA F 73 -7.45 -9.93 24.77
C ALA F 73 -8.65 -9.08 25.19
N ALA F 74 -9.68 -9.06 24.34
CA ALA F 74 -10.85 -8.26 24.57
C ALA F 74 -11.74 -8.88 25.63
N VAL F 75 -12.04 -10.17 25.53
CA VAL F 75 -12.96 -10.75 26.53
C VAL F 75 -12.23 -11.00 27.85
N GLN F 76 -10.89 -11.01 27.77
CA GLN F 76 -10.03 -11.01 28.95
C GLN F 76 -10.20 -9.71 29.75
N SER F 77 -10.27 -8.59 29.02
CA SER F 77 -10.50 -7.29 29.63
C SER F 77 -11.90 -7.10 30.22
N TYR F 78 -12.72 -8.13 30.14
CA TYR F 78 -14.09 -8.01 30.62
C TYR F 78 -14.39 -9.04 31.71
N LEU F 79 -14.23 -10.31 31.35
CA LEU F 79 -14.47 -11.40 32.28
C LEU F 79 -13.61 -11.37 33.54
N TRP F 80 -12.38 -10.88 33.45
CA TRP F 80 -11.55 -10.76 34.63
C TRP F 80 -11.87 -9.47 35.35
N GLU F 81 -11.96 -8.37 34.61
CA GLU F 81 -12.19 -7.06 35.21
C GLU F 81 -13.52 -7.01 35.99
N ARG F 82 -14.54 -7.64 35.42
CA ARG F 82 -15.88 -7.54 35.98
C ARG F 82 -16.40 -8.77 36.72
N TYR F 83 -15.68 -9.90 36.63
CA TYR F 83 -16.12 -11.14 37.29
C TYR F 83 -14.99 -11.89 37.96
N ARG F 84 -13.78 -11.39 37.79
CA ARG F 84 -12.61 -12.16 38.12
C ARG F 84 -12.76 -13.62 37.63
N LEU F 85 -13.21 -13.78 36.39
CA LEU F 85 -13.32 -15.07 35.73
C LEU F 85 -12.17 -15.21 34.76
N PRO F 86 -11.17 -16.01 35.10
CA PRO F 86 -9.90 -16.02 34.39
C PRO F 86 -9.82 -17.04 33.26
N TRP F 87 -10.94 -17.28 32.58
CA TRP F 87 -10.96 -18.18 31.45
C TRP F 87 -11.37 -17.47 30.18
N GLY F 88 -11.19 -16.15 30.18
CA GLY F 88 -11.46 -15.31 29.02
C GLY F 88 -10.80 -15.81 27.74
N ALA F 89 -9.49 -15.98 27.78
CA ALA F 89 -8.72 -16.42 26.63
C ALA F 89 -9.08 -17.82 26.19
N THR F 90 -9.16 -18.76 27.13
CA THR F 90 -9.40 -20.12 26.71
C THR F 90 -10.81 -20.34 26.20
N VAL F 91 -11.81 -19.59 26.67
CA VAL F 91 -13.18 -19.78 26.16
C VAL F 91 -13.27 -19.37 24.69
N CYS F 92 -12.56 -18.30 24.34
CA CYS F 92 -12.50 -17.84 22.96
C CYS F 92 -11.93 -18.94 22.08
N VAL F 93 -10.71 -19.34 22.42
CA VAL F 93 -9.98 -20.38 21.72
C VAL F 93 -10.82 -21.64 21.51
N LEU F 94 -11.46 -22.12 22.57
CA LEU F 94 -12.31 -23.31 22.49
C LEU F 94 -13.47 -23.10 21.53
N GLY F 95 -13.98 -21.86 21.50
CA GLY F 95 -15.08 -21.51 20.61
C GLY F 95 -14.69 -21.69 19.15
N LEU F 96 -13.54 -21.12 18.80
CA LEU F 96 -13.07 -21.16 17.43
C LEU F 96 -12.81 -22.59 17.03
N LEU F 97 -12.22 -23.35 17.95
CA LEU F 97 -11.81 -24.72 17.69
C LEU F 97 -13.00 -25.64 17.43
N LEU F 98 -14.01 -25.56 18.30
CA LEU F 98 -15.25 -26.34 18.16
C LEU F 98 -15.93 -25.98 16.86
N GLY F 99 -16.15 -24.68 16.68
CA GLY F 99 -16.69 -24.15 15.43
C GLY F 99 -16.01 -24.64 14.16
N GLU F 100 -14.68 -24.78 14.20
CA GLU F 100 -13.94 -25.23 13.05
C GLU F 100 -14.03 -26.72 12.88
N TRP F 101 -13.80 -27.46 13.97
CA TRP F 101 -13.85 -28.91 13.88
C TRP F 101 -15.19 -29.39 13.35
N ILE F 102 -16.27 -28.85 13.90
CA ILE F 102 -17.60 -29.21 13.43
C ILE F 102 -17.74 -29.00 11.91
N ASN F 103 -17.22 -27.87 11.42
CA ASN F 103 -17.14 -27.57 10.01
C ASN F 103 -16.23 -28.51 9.22
N ARG F 104 -14.97 -28.66 9.67
CA ARG F 104 -13.96 -29.49 9.00
C ARG F 104 -14.38 -30.93 8.87
N TYR F 105 -15.12 -31.43 9.86
CA TYR F 105 -15.58 -32.82 9.86
C TYR F 105 -16.81 -33.04 9.00
N PHE F 106 -17.86 -32.23 9.24
CA PHE F 106 -19.15 -32.44 8.56
C PHE F 106 -19.19 -31.84 7.14
N ASN F 107 -18.29 -30.88 6.86
CA ASN F 107 -18.27 -30.19 5.57
C ASN F 107 -17.02 -30.45 4.74
N PHE F 108 -15.85 -30.18 5.31
CA PHE F 108 -14.60 -30.39 4.59
C PHE F 108 -14.37 -31.85 4.31
N TRP F 109 -14.91 -32.70 5.16
CA TRP F 109 -14.87 -34.14 4.95
C TRP F 109 -16.25 -34.68 4.53
N GLY F 110 -17.27 -34.41 5.36
CA GLY F 110 -18.62 -34.88 5.08
C GLY F 110 -19.24 -34.42 3.76
N TRP F 111 -19.28 -33.10 3.56
CA TRP F 111 -19.81 -32.42 2.36
C TRP F 111 -18.93 -32.81 1.14
N THR F 112 -17.77 -32.16 1.03
CA THR F 112 -16.77 -32.42 -0.01
C THR F 112 -15.70 -33.30 0.61
N TYR F 113 -15.07 -34.21 -0.13
CA TYR F 113 -14.37 -35.26 0.62
C TYR F 113 -12.88 -35.13 0.88
N PHE F 114 -12.46 -34.07 1.59
CA PHE F 114 -11.04 -33.89 1.94
C PHE F 114 -10.68 -34.69 3.18
N PRO F 115 -9.60 -35.49 3.15
CA PRO F 115 -9.15 -36.23 4.33
C PRO F 115 -9.06 -35.32 5.56
N ILE F 116 -9.31 -35.84 6.75
CA ILE F 116 -9.07 -35.00 7.91
C ILE F 116 -7.58 -34.72 8.13
N ASN F 117 -6.74 -35.73 7.90
CA ASN F 117 -5.30 -35.53 8.11
C ASN F 117 -4.70 -34.41 7.26
N PHE F 118 -5.54 -33.86 6.35
CA PHE F 118 -5.21 -32.75 5.43
C PHE F 118 -5.78 -31.37 5.85
N VAL F 119 -7.05 -31.34 6.23
CA VAL F 119 -7.70 -30.08 6.54
C VAL F 119 -7.91 -29.80 8.05
N PHE F 120 -7.15 -30.46 8.91
CA PHE F 120 -7.31 -30.23 10.36
C PHE F 120 -6.93 -28.80 10.67
N PRO F 121 -7.53 -28.22 11.72
CA PRO F 121 -7.17 -26.86 12.16
C PRO F 121 -5.94 -26.82 13.07
N ALA F 122 -5.47 -25.61 13.34
CA ALA F 122 -4.31 -25.42 14.18
C ALA F 122 -4.74 -25.53 15.63
N SER F 123 -3.87 -26.14 16.45
CA SER F 123 -4.09 -26.28 17.92
C SER F 123 -3.77 -24.97 18.64
N LEU F 124 -4.68 -24.53 19.52
CA LEU F 124 -4.65 -23.15 20.05
C LEU F 124 -4.62 -23.03 21.58
N VAL F 125 -5.00 -24.08 22.30
CA VAL F 125 -5.21 -24.02 23.75
C VAL F 125 -4.00 -23.59 24.60
N PRO F 126 -2.81 -24.18 24.35
CA PRO F 126 -1.67 -23.83 25.19
C PRO F 126 -1.57 -22.33 25.38
N GLY F 127 -1.41 -21.60 24.29
CA GLY F 127 -1.38 -20.15 24.37
C GLY F 127 -2.41 -19.56 25.30
N ALA F 128 -3.67 -19.92 25.07
CA ALA F 128 -4.81 -19.33 25.78
C ALA F 128 -4.65 -19.58 27.28
N ILE F 129 -4.16 -20.76 27.60
CA ILE F 129 -3.88 -21.08 28.99
C ILE F 129 -2.81 -20.14 29.56
N ILE F 130 -1.74 -19.93 28.80
CA ILE F 130 -0.67 -19.02 29.23
C ILE F 130 -1.26 -17.64 29.49
N LEU F 131 -2.11 -17.17 28.58
CA LEU F 131 -2.74 -15.86 28.69
C LEU F 131 -3.65 -15.78 29.90
N ASP F 132 -4.46 -16.82 30.07
CA ASP F 132 -5.41 -16.80 31.12
C ASP F 132 -4.73 -16.80 32.47
N THR F 133 -3.75 -17.67 32.62
CA THR F 133 -3.05 -17.83 33.89
C THR F 133 -2.14 -16.64 34.19
N VAL F 134 -1.42 -16.14 33.19
CA VAL F 134 -0.49 -15.03 33.44
C VAL F 134 -1.22 -13.76 33.88
N LEU F 135 -2.45 -13.62 33.39
CA LEU F 135 -3.30 -12.51 33.77
C LEU F 135 -3.88 -12.73 35.17
N MET F 136 -4.15 -14.00 35.51
CA MET F 136 -4.74 -14.36 36.79
C MET F 136 -3.78 -14.16 37.95
N LEU F 137 -2.65 -14.89 37.93
CA LEU F 137 -1.49 -14.55 38.76
C LEU F 137 -1.08 -13.15 38.35
N SER F 138 -0.59 -12.35 39.30
CA SER F 138 -0.24 -10.93 39.05
C SER F 138 -1.26 -10.27 38.10
N GLY F 139 -2.36 -9.83 38.73
CA GLY F 139 -3.52 -9.28 38.06
C GLY F 139 -3.27 -7.93 37.42
N SER F 140 -2.20 -7.84 36.63
CA SER F 140 -1.92 -6.69 35.77
C SER F 140 -2.05 -7.02 34.29
N TYR F 141 -2.91 -6.26 33.63
CA TYR F 141 -3.11 -6.40 32.20
C TYR F 141 -1.85 -6.04 31.45
N LEU F 142 -1.18 -4.96 31.87
CA LEU F 142 0.07 -4.56 31.26
C LEU F 142 1.05 -5.72 31.26
N PHE F 143 1.08 -6.47 32.37
CA PHE F 143 1.96 -7.64 32.50
C PHE F 143 1.60 -8.75 31.48
N THR F 144 0.30 -9.01 31.38
CA THR F 144 -0.22 -9.99 30.44
C THR F 144 0.14 -9.59 29.01
N ALA F 145 -0.14 -8.34 28.64
CA ALA F 145 0.18 -7.84 27.31
C ALA F 145 1.63 -8.08 26.94
N ILE F 146 2.53 -8.03 27.90
CA ILE F 146 3.96 -8.19 27.58
C ILE F 146 4.41 -9.65 27.65
N VAL F 147 4.31 -10.30 28.81
CA VAL F 147 4.80 -11.68 28.89
C VAL F 147 3.73 -12.65 28.45
N GLY F 148 2.47 -12.26 28.63
CA GLY F 148 1.35 -13.14 28.30
C GLY F 148 1.20 -13.31 26.81
N ALA F 149 1.22 -12.19 26.10
CA ALA F 149 1.16 -12.21 24.64
C ALA F 149 2.45 -12.80 24.13
N MET F 150 3.56 -12.47 24.78
CA MET F 150 4.83 -13.12 24.48
C MET F 150 4.66 -14.65 24.40
N GLY F 151 4.16 -15.25 25.50
CA GLY F 151 3.96 -16.68 25.59
C GLY F 151 3.03 -17.15 24.49
N TRP F 152 1.89 -16.48 24.39
CA TRP F 152 0.88 -16.80 23.41
C TRP F 152 1.45 -16.96 22.01
N GLY F 153 2.36 -16.08 21.67
CA GLY F 153 3.02 -16.08 20.38
C GLY F 153 4.04 -17.20 20.27
N LEU F 154 4.93 -17.31 21.26
CA LEU F 154 6.03 -18.25 21.15
C LEU F 154 5.52 -19.67 21.11
N ILE F 155 4.65 -20.00 22.05
CA ILE F 155 4.21 -21.38 22.29
C ILE F 155 3.49 -21.98 21.08
N PHE F 156 2.94 -21.11 20.23
CA PHE F 156 2.08 -21.54 19.14
C PHE F 156 2.66 -22.63 18.23
N TYR F 157 3.83 -22.37 17.63
CA TYR F 157 4.46 -23.39 16.77
C TYR F 157 4.86 -24.70 17.47
N PRO F 158 5.65 -24.59 18.55
CA PRO F 158 5.93 -25.80 19.29
C PRO F 158 4.62 -26.54 19.73
N GLY F 159 3.57 -25.74 19.93
CA GLY F 159 2.28 -26.27 20.36
C GLY F 159 1.62 -27.16 19.33
N ASN F 160 1.97 -26.92 18.05
CA ASN F 160 1.43 -27.65 16.92
C ASN F 160 2.38 -28.72 16.38
N TRP F 161 3.65 -28.60 16.75
CA TRP F 161 4.69 -29.49 16.22
C TRP F 161 4.44 -30.99 16.36
N PRO F 162 3.79 -31.44 17.46
CA PRO F 162 3.49 -32.86 17.56
C PRO F 162 2.51 -33.35 16.52
N ILE F 163 1.62 -32.48 16.10
CA ILE F 163 0.65 -32.83 15.09
C ILE F 163 1.30 -32.76 13.73
N ILE F 164 1.98 -31.65 13.49
CA ILE F 164 2.56 -31.31 12.21
C ILE F 164 3.72 -32.22 11.79
N ALA F 165 4.57 -32.59 12.74
CA ALA F 165 5.84 -33.21 12.41
C ALA F 165 5.69 -34.43 11.51
N PRO F 166 4.76 -35.33 11.83
CA PRO F 166 4.73 -36.48 10.96
C PRO F 166 4.55 -36.08 9.54
N LEU F 167 3.94 -34.91 9.28
CA LEU F 167 3.63 -34.47 7.90
C LEU F 167 4.83 -33.94 7.15
N HIS F 168 5.96 -33.90 7.86
CA HIS F 168 7.18 -33.31 7.31
C HIS F 168 8.27 -34.30 6.99
N VAL F 169 7.96 -35.58 7.08
CA VAL F 169 8.94 -36.60 6.61
C VAL F 169 9.16 -36.46 5.11
N PRO F 170 10.41 -36.58 4.67
CA PRO F 170 10.75 -36.40 3.27
C PRO F 170 10.39 -37.61 2.39
N VAL F 171 10.00 -37.32 1.15
CA VAL F 171 9.63 -38.34 0.19
C VAL F 171 10.21 -37.90 -1.12
N GLU F 172 10.79 -38.83 -1.85
CA GLU F 172 11.17 -38.55 -3.22
C GLU F 172 10.01 -38.98 -4.06
N TYR F 173 9.17 -38.00 -4.42
CA TYR F 173 7.95 -38.22 -5.19
C TYR F 173 8.29 -37.91 -6.60
N ASN F 174 8.27 -38.95 -7.43
CA ASN F 174 8.56 -38.82 -8.87
C ASN F 174 9.78 -37.92 -9.19
N GLY F 175 10.83 -38.03 -8.38
CA GLY F 175 12.09 -37.38 -8.71
C GLY F 175 12.27 -36.07 -8.02
N MET F 176 11.26 -35.65 -7.29
CA MET F 176 11.32 -34.38 -6.60
C MET F 176 11.14 -34.56 -5.12
N LEU F 177 12.03 -33.96 -4.32
CA LEU F 177 11.82 -33.94 -2.86
C LEU F 177 10.51 -33.22 -2.53
N MET F 178 9.65 -33.86 -1.74
CA MET F 178 8.39 -33.26 -1.25
C MET F 178 8.15 -33.84 0.09
N SER F 179 7.72 -33.03 1.03
CA SER F 179 7.29 -33.52 2.32
C SER F 179 5.92 -34.13 2.17
N ILE F 180 5.51 -34.97 3.12
CA ILE F 180 4.19 -35.61 3.07
C ILE F 180 3.10 -34.58 2.79
N ALA F 181 3.11 -33.52 3.60
CA ALA F 181 2.14 -32.44 3.53
C ALA F 181 2.01 -31.87 2.13
N ASP F 182 3.15 -31.59 1.50
CA ASP F 182 3.18 -31.22 0.10
C ASP F 182 2.37 -32.19 -0.75
N ILE F 183 2.69 -33.48 -0.62
CA ILE F 183 2.09 -34.51 -1.44
C ILE F 183 0.60 -34.53 -1.22
N GLN F 184 0.22 -34.18 0.00
CA GLN F 184 -1.18 -34.13 0.36
C GLN F 184 -1.85 -33.07 -0.47
N GLY F 185 -1.26 -31.88 -0.45
CA GLY F 185 -1.84 -30.74 -1.12
C GLY F 185 -1.82 -30.89 -2.60
N TYR F 186 -0.99 -31.82 -3.09
CA TYR F 186 -0.79 -32.04 -4.48
C TYR F 186 -1.78 -33.08 -4.91
N ASN F 187 -2.01 -34.06 -4.05
CA ASN F 187 -2.93 -35.13 -4.39
C ASN F 187 -4.40 -34.68 -4.33
N TYR F 188 -4.80 -34.13 -3.18
CA TYR F 188 -6.21 -33.85 -2.91
C TYR F 188 -6.55 -32.49 -3.47
N VAL F 189 -7.16 -32.53 -4.66
CA VAL F 189 -7.27 -31.40 -5.54
C VAL F 189 -8.27 -30.33 -5.13
N ARG F 190 -7.75 -29.18 -4.71
CA ARG F 190 -8.54 -27.92 -4.50
C ARG F 190 -8.50 -27.05 -5.77
N THR F 191 -8.97 -25.81 -5.71
CA THR F 191 -9.12 -25.01 -6.94
C THR F 191 -8.37 -23.65 -7.00
N ALA F 213 13.42 -18.80 10.98
CA ALA F 213 12.20 -19.59 11.02
C ALA F 213 11.50 -19.93 12.43
N PRO F 214 12.19 -19.66 13.59
CA PRO F 214 11.51 -19.27 14.86
C PRO F 214 11.84 -17.81 15.24
N VAL F 215 12.47 -17.07 14.34
CA VAL F 215 12.47 -15.61 14.38
C VAL F 215 11.04 -15.19 14.04
N SER F 216 10.38 -16.00 13.20
CA SER F 216 8.95 -15.89 12.88
C SER F 216 8.09 -15.94 14.15
N ALA F 217 8.39 -16.91 15.00
CA ALA F 217 7.76 -16.98 16.32
C ALA F 217 8.00 -15.72 17.17
N PHE F 218 9.26 -15.33 17.30
CA PHE F 218 9.60 -14.13 18.05
C PHE F 218 8.87 -12.89 17.53
N PHE F 219 8.97 -12.64 16.23
CA PHE F 219 8.22 -11.58 15.56
C PHE F 219 6.77 -11.61 16.02
N SER F 220 6.13 -12.78 15.88
CA SER F 220 4.73 -12.95 16.20
C SER F 220 4.40 -12.68 17.68
N ALA F 221 5.36 -12.94 18.56
CA ALA F 221 5.21 -12.64 19.97
C ALA F 221 5.26 -11.15 20.19
N PHE F 222 6.33 -10.55 19.66
CA PHE F 222 6.57 -9.11 19.72
C PHE F 222 5.41 -8.32 19.11
N MET F 223 4.67 -8.94 18.21
CA MET F 223 3.54 -8.29 17.56
C MET F 223 2.27 -8.41 18.41
N SER F 224 2.02 -9.62 18.88
CA SER F 224 0.88 -9.94 19.72
C SER F 224 0.77 -9.02 20.91
N ILE F 225 1.89 -8.44 21.29
CA ILE F 225 1.95 -7.54 22.43
C ILE F 225 1.16 -6.29 22.10
N LEU F 226 1.49 -5.63 20.97
CA LEU F 226 0.76 -4.45 20.51
C LEU F 226 -0.69 -4.74 20.22
N ILE F 227 -0.96 -5.94 19.69
CA ILE F 227 -2.33 -6.33 19.40
C ILE F 227 -3.11 -6.62 20.67
N TYR F 228 -2.55 -7.42 21.59
CA TYR F 228 -3.20 -7.63 22.88
C TYR F 228 -3.55 -6.27 23.45
N PHE F 229 -2.54 -5.39 23.44
CA PHE F 229 -2.64 -4.09 24.03
C PHE F 229 -3.75 -3.26 23.41
N MET F 230 -3.73 -3.10 22.08
CA MET F 230 -4.78 -2.36 21.37
C MET F 230 -6.16 -2.96 21.66
N TRP F 231 -6.25 -4.28 21.69
CA TRP F 231 -7.53 -4.93 21.88
C TRP F 231 -8.02 -4.97 23.33
N HIS F 232 -7.13 -4.71 24.27
CA HIS F 232 -7.54 -4.58 25.66
C HIS F 232 -8.44 -3.37 25.74
N PHE F 233 -8.08 -2.30 25.03
CA PHE F 233 -8.88 -1.08 25.05
C PHE F 233 -10.14 -1.15 24.23
N ILE F 234 -10.06 -1.82 23.09
CA ILE F 234 -11.24 -2.14 22.27
C ILE F 234 -12.31 -2.86 23.11
N GLY F 235 -11.87 -3.82 23.93
CA GLY F 235 -12.75 -4.53 24.83
C GLY F 235 -13.33 -3.68 25.96
N ARG F 236 -12.67 -2.58 26.31
CA ARG F 236 -13.23 -1.63 27.27
C ARG F 236 -14.53 -1.09 26.70
N TRP F 237 -14.51 -0.79 25.40
CA TRP F 237 -15.69 -0.25 24.71
C TRP F 237 -16.87 -1.22 24.55
N PHE F 238 -16.58 -2.47 24.22
CA PHE F 238 -17.65 -3.49 24.12
C PHE F 238 -18.24 -3.87 25.51
N SER F 239 -17.56 -3.48 26.57
CA SER F 239 -18.02 -3.70 27.94
C SER F 239 -18.96 -2.56 28.32
N ASN F 240 -18.84 -1.45 27.59
CA ASN F 240 -19.62 -0.23 27.80
C ASN F 240 -21.10 -0.45 28.11
N GLU F 241 -21.62 0.26 29.11
CA GLU F 241 -22.97 -0.01 29.59
C GLU F 241 -24.03 1.09 29.37
N ARG F 242 -23.74 2.09 28.54
CA ARG F 242 -24.61 3.26 28.34
C ARG F 242 -26.01 2.95 27.80
N PHE F 243 -26.89 3.94 27.90
CA PHE F 243 -28.17 3.97 27.20
C PHE F 243 -28.24 5.23 26.31
N LEU F 244 -29.25 5.34 25.45
CA LEU F 244 -29.15 6.33 24.36
C LEU F 244 -30.16 7.51 24.21
N GLN F 245 -31.30 7.27 23.55
CA GLN F 245 -32.34 8.28 23.11
C GLN F 245 -32.49 8.46 21.58
N ALA G 7 13.37 21.30 56.52
CA ALA G 7 14.04 21.62 55.21
C ALA G 7 13.13 22.43 54.29
N VAL G 8 13.71 23.42 53.61
CA VAL G 8 15.15 23.69 53.72
C VAL G 8 15.54 24.98 54.51
N ARG G 9 16.76 24.99 55.07
CA ARG G 9 17.27 26.03 55.98
C ARG G 9 17.02 27.48 55.54
N SER G 10 17.77 27.95 54.53
CA SER G 10 17.59 29.30 54.00
C SER G 10 17.14 29.36 52.55
N HIS G 11 16.45 30.46 52.22
CA HIS G 11 16.04 30.80 50.85
C HIS G 11 17.25 31.16 49.97
N ALA G 12 18.44 30.81 50.42
CA ALA G 12 19.68 30.98 49.65
C ALA G 12 20.27 29.61 49.30
N GLU G 13 20.08 28.64 50.21
CA GLU G 13 20.43 27.24 49.96
C GLU G 13 19.39 26.63 49.03
N ALA G 14 18.16 27.14 49.13
CA ALA G 14 17.06 26.79 48.22
C ALA G 14 17.36 27.18 46.76
N VAL G 15 18.13 28.26 46.58
CA VAL G 15 18.64 28.65 45.26
C VAL G 15 19.68 27.64 44.79
N GLN G 16 20.51 27.16 45.72
CA GLN G 16 21.53 26.17 45.39
C GLN G 16 20.98 24.80 45.05
N VAL G 17 19.84 24.43 45.63
CA VAL G 17 19.21 23.14 45.29
C VAL G 17 18.51 23.18 43.92
N SER G 18 17.69 24.20 43.68
CA SER G 18 17.07 24.38 42.37
C SER G 18 18.13 24.45 41.26
N ARG G 19 19.29 24.99 41.59
CA ARG G 19 20.37 25.07 40.63
C ARG G 19 20.94 23.69 40.37
N THR G 20 21.50 23.03 41.39
CA THR G 20 22.05 21.69 41.16
C THR G 20 20.99 20.68 40.68
N ILE G 21 19.70 21.05 40.77
CA ILE G 21 18.66 20.27 40.09
C ILE G 21 18.73 20.61 38.61
N ASP G 22 18.58 21.88 38.28
CA ASP G 22 18.63 22.31 36.89
C ASP G 22 19.66 21.50 36.14
N TRP G 23 20.90 21.46 36.62
CA TRP G 23 21.94 20.76 35.89
C TRP G 23 21.60 19.28 35.73
N MET G 24 21.28 18.60 36.82
CA MET G 24 20.96 17.18 36.72
C MET G 24 19.81 16.91 35.75
N ALA G 25 18.73 17.66 35.90
CA ALA G 25 17.55 17.49 35.05
C ALA G 25 17.89 17.72 33.58
N LEU G 26 18.65 18.78 33.31
CA LEU G 26 19.07 19.12 31.96
C LEU G 26 19.74 17.94 31.33
N PHE G 27 20.66 17.32 32.10
CA PHE G 27 21.34 16.09 31.71
C PHE G 27 20.37 14.94 31.40
N VAL G 28 19.41 14.66 32.29
CA VAL G 28 18.36 13.67 32.01
C VAL G 28 17.62 14.00 30.71
N VAL G 29 16.81 15.05 30.73
CA VAL G 29 16.11 15.51 29.54
C VAL G 29 16.96 15.41 28.25
N PHE G 30 18.21 15.84 28.33
CA PHE G 30 19.02 15.93 27.15
C PHE G 30 19.42 14.57 26.62
N PHE G 31 19.86 13.68 27.48
CA PHE G 31 20.30 12.39 26.98
C PHE G 31 19.16 11.43 26.73
N VAL G 32 18.06 11.58 27.46
CA VAL G 32 16.85 10.82 27.15
C VAL G 32 16.34 11.22 25.78
N ILE G 33 16.32 12.52 25.49
CA ILE G 33 16.07 12.96 24.10
C ILE G 33 17.05 12.28 23.11
N VAL G 34 18.35 12.59 23.23
CA VAL G 34 19.40 12.01 22.38
C VAL G 34 19.13 10.55 22.01
N GLY G 35 18.78 9.77 23.01
CA GLY G 35 18.56 8.34 22.83
C GLY G 35 17.31 8.03 22.07
N SER G 36 16.18 8.55 22.55
CA SER G 36 14.93 8.20 21.93
C SER G 36 14.72 8.94 20.60
N TYR G 37 15.27 10.14 20.47
CA TYR G 37 15.18 10.87 19.22
C TYR G 37 16.07 10.24 18.17
N HIS G 38 17.25 9.75 18.56
CA HIS G 38 18.13 9.11 17.61
C HIS G 38 17.51 7.83 17.08
N ILE G 39 16.97 7.01 17.97
CA ILE G 39 16.20 5.81 17.61
C ILE G 39 15.09 6.10 16.58
N HIS G 40 14.51 7.30 16.66
CA HIS G 40 13.47 7.67 15.73
C HIS G 40 14.00 8.00 14.33
N ALA G 41 15.06 8.80 14.26
CA ALA G 41 15.75 9.07 13.01
C ALA G 41 16.14 7.78 12.28
N MET G 42 16.97 6.96 12.93
CA MET G 42 17.33 5.60 12.51
C MET G 42 16.15 4.85 11.90
N LEU G 43 15.24 4.44 12.79
CA LEU G 43 14.16 3.51 12.50
C LEU G 43 13.28 3.95 11.32
N THR G 44 12.96 5.24 11.26
CA THR G 44 12.16 5.79 10.15
C THR G 44 13.09 6.48 9.12
N MET G 45 13.97 5.63 8.56
CA MET G 45 14.98 5.92 7.48
C MET G 45 16.32 5.08 7.56
N GLY G 46 16.34 3.95 6.82
CA GLY G 46 17.60 3.23 6.41
C GLY G 46 18.23 4.25 5.47
N ASP G 47 19.40 4.78 5.85
CA ASP G 47 19.54 6.23 5.75
C ASP G 47 20.18 6.97 4.59
N TRP G 48 19.58 8.13 4.33
CA TRP G 48 20.14 9.23 3.53
C TRP G 48 21.23 9.95 4.33
N ASP G 49 21.02 10.04 5.65
CA ASP G 49 21.89 10.82 6.49
C ASP G 49 23.27 10.19 6.52
N PHE G 50 23.33 8.86 6.40
CA PHE G 50 24.61 8.16 6.43
C PHE G 50 25.60 8.58 5.34
N TRP G 51 25.11 8.93 4.16
CA TRP G 51 25.99 9.07 3.00
C TRP G 51 25.85 10.40 2.27
N SER G 52 27.00 10.93 1.87
CA SER G 52 27.09 12.10 1.01
C SER G 52 26.34 11.91 -0.28
N ASP G 53 26.41 10.71 -0.88
CA ASP G 53 25.71 10.50 -2.13
C ASP G 53 24.27 9.94 -1.97
N TRP G 54 23.63 10.31 -0.87
CA TRP G 54 22.22 10.04 -0.65
C TRP G 54 21.51 11.34 -0.34
N LYS G 55 22.32 12.37 -0.02
CA LYS G 55 21.84 13.76 0.18
C LYS G 55 21.38 14.40 -1.16
N ASP G 56 20.26 13.92 -1.68
CA ASP G 56 19.84 14.30 -3.00
C ASP G 56 18.83 15.46 -2.96
N ARG G 57 18.32 15.86 -4.13
CA ARG G 57 17.41 16.98 -4.22
C ARG G 57 15.92 16.64 -4.00
N ARG G 58 15.50 15.40 -4.25
CA ARG G 58 14.10 15.05 -4.03
C ARG G 58 13.93 14.44 -2.65
N LEU G 59 14.38 13.20 -2.50
CA LEU G 59 14.05 12.43 -1.30
C LEU G 59 14.62 12.97 0.02
N TRP G 60 15.91 13.24 0.05
CA TRP G 60 16.54 13.74 1.25
C TRP G 60 15.85 15.04 1.71
N VAL G 61 15.83 16.02 0.81
CA VAL G 61 15.20 17.34 1.00
C VAL G 61 13.76 17.27 1.55
N THR G 62 13.05 16.21 1.18
CA THR G 62 11.63 16.03 1.51
C THR G 62 11.47 15.38 2.89
N VAL G 63 11.87 14.11 2.99
CA VAL G 63 11.57 13.29 4.15
C VAL G 63 12.21 13.87 5.43
N THR G 64 13.47 14.27 5.31
CA THR G 64 14.25 14.67 6.47
C THR G 64 13.56 15.71 7.30
N PRO G 65 13.21 16.88 6.71
CA PRO G 65 12.49 17.85 7.55
C PRO G 65 11.26 17.25 8.17
N ILE G 66 10.44 16.56 7.36
CA ILE G 66 9.14 16.02 7.80
C ILE G 66 9.26 15.08 8.98
N VAL G 67 10.10 14.07 8.83
CA VAL G 67 10.23 13.01 9.81
C VAL G 67 10.87 13.52 11.13
N LEU G 68 11.52 14.67 11.06
CA LEU G 68 12.24 15.21 12.20
C LEU G 68 11.54 16.32 12.98
N VAL G 69 10.44 16.89 12.46
CA VAL G 69 9.68 17.96 13.15
C VAL G 69 9.16 17.42 14.45
N THR G 70 8.72 16.15 14.38
CA THR G 70 8.07 15.40 15.46
C THR G 70 8.53 15.75 16.87
N PHE G 71 9.77 15.39 17.23
CA PHE G 71 10.22 15.56 18.61
C PHE G 71 10.22 17.02 19.00
N PRO G 72 10.92 17.84 18.23
CA PRO G 72 10.84 19.26 18.49
C PRO G 72 9.40 19.69 18.77
N ALA G 73 8.43 19.25 17.97
CA ALA G 73 7.02 19.66 18.09
C ALA G 73 6.42 19.25 19.41
N ALA G 74 6.85 18.10 19.88
CA ALA G 74 6.31 17.52 21.08
C ALA G 74 6.93 18.14 22.31
N VAL G 75 8.27 18.23 22.37
CA VAL G 75 8.89 18.80 23.56
C VAL G 75 8.70 20.32 23.59
N GLN G 76 8.40 20.89 22.42
CA GLN G 76 7.95 22.27 22.30
C GLN G 76 6.61 22.47 23.05
N SER G 77 5.68 21.56 22.83
CA SER G 77 4.38 21.57 23.52
C SER G 77 4.49 21.40 25.05
N TYR G 78 5.71 21.26 25.54
CA TYR G 78 5.89 20.94 26.93
C TYR G 78 6.75 21.96 27.61
N LEU G 79 7.96 22.15 27.10
CA LEU G 79 8.91 23.09 27.71
C LEU G 79 8.43 24.55 27.72
N TRP G 80 7.71 24.95 26.66
CA TRP G 80 7.14 26.29 26.60
C TRP G 80 5.87 26.37 27.42
N GLU G 81 4.93 25.48 27.15
CA GLU G 81 3.67 25.45 27.87
C GLU G 81 3.82 25.42 29.40
N ARG G 82 4.82 24.69 29.90
CA ARG G 82 4.93 24.43 31.34
C ARG G 82 6.10 25.13 32.03
N TYR G 83 6.98 25.75 31.25
CA TYR G 83 8.14 26.42 31.83
C TYR G 83 8.47 27.72 31.15
N ARG G 84 7.72 28.00 30.09
CA ARG G 84 8.08 29.04 29.13
C ARG G 84 9.58 29.00 28.77
N LEU G 85 10.10 27.79 28.55
CA LEU G 85 11.46 27.55 28.06
C LEU G 85 11.45 27.32 26.54
N PRO G 86 11.92 28.31 25.77
CA PRO G 86 11.75 28.30 24.33
C PRO G 86 12.93 27.69 23.58
N TRP G 87 13.54 26.64 24.12
CA TRP G 87 14.63 25.95 23.43
C TRP G 87 14.26 24.49 23.24
N GLY G 88 12.96 24.21 23.27
CA GLY G 88 12.41 22.87 23.04
C GLY G 88 12.96 22.26 21.78
N ALA G 89 12.76 22.96 20.68
CA ALA G 89 13.18 22.47 19.37
C ALA G 89 14.68 22.30 19.28
N THR G 90 15.44 23.31 19.72
CA THR G 90 16.88 23.27 19.50
C THR G 90 17.59 22.22 20.37
N VAL G 91 17.09 21.97 21.57
CA VAL G 91 17.70 20.95 22.41
C VAL G 91 17.56 19.55 21.77
N CYS G 92 16.41 19.31 21.12
CA CYS G 92 16.16 18.06 20.39
C CYS G 92 17.19 17.88 19.30
N VAL G 93 17.24 18.87 18.43
CA VAL G 93 18.15 18.90 17.31
C VAL G 93 19.61 18.72 17.74
N LEU G 94 20.05 19.46 18.76
CA LEU G 94 21.40 19.32 19.28
C LEU G 94 21.67 17.91 19.78
N GLY G 95 20.67 17.29 20.39
CA GLY G 95 20.80 15.91 20.88
C GLY G 95 21.06 14.93 19.75
N LEU G 96 20.23 15.02 18.72
CA LEU G 96 20.37 14.14 17.57
C LEU G 96 21.75 14.31 16.97
N LEU G 97 22.17 15.57 16.80
CA LEU G 97 23.44 15.91 16.17
C LEU G 97 24.68 15.40 16.93
N LEU G 98 24.68 15.58 18.26
CA LEU G 98 25.79 15.12 19.09
C LEU G 98 25.85 13.61 19.06
N GLY G 99 24.68 13.01 19.24
CA GLY G 99 24.51 11.55 19.17
C GLY G 99 25.03 10.92 17.89
N GLU G 100 24.82 11.62 16.78
CA GLU G 100 25.27 11.14 15.49
C GLU G 100 26.74 11.40 15.30
N TRP G 101 27.18 12.60 15.59
CA TRP G 101 28.58 12.89 15.38
C TRP G 101 29.48 11.93 16.14
N ILE G 102 29.15 11.72 17.42
CA ILE G 102 29.91 10.81 18.24
C ILE G 102 30.01 9.44 17.62
N ASN G 103 28.87 8.98 17.09
CA ASN G 103 28.84 7.76 16.30
C ASN G 103 29.70 7.83 14.99
N ARG G 104 29.37 8.75 14.09
CA ARG G 104 30.07 8.92 12.80
C ARG G 104 31.58 9.01 12.96
N TYR G 105 32.04 9.65 14.03
CA TYR G 105 33.48 9.81 14.21
C TYR G 105 34.15 8.54 14.79
N PHE G 106 33.63 8.06 15.92
CA PHE G 106 34.24 6.93 16.62
C PHE G 106 33.93 5.54 15.99
N ASN G 107 32.83 5.44 15.24
CA ASN G 107 32.43 4.18 14.63
C ASN G 107 32.51 4.19 13.10
N PHE G 108 31.89 5.17 12.45
CA PHE G 108 31.87 5.20 10.99
C PHE G 108 33.24 5.50 10.44
N TRP G 109 34.08 6.06 11.27
CA TRP G 109 35.44 6.33 10.89
C TRP G 109 36.33 5.54 11.80
N GLY G 110 36.15 5.70 13.11
CA GLY G 110 36.99 5.00 14.09
C GLY G 110 36.99 3.49 13.96
N TRP G 111 35.79 2.90 13.98
CA TRP G 111 35.52 1.44 13.87
C TRP G 111 35.89 0.98 12.44
N THR G 112 34.95 1.15 11.52
CA THR G 112 35.12 0.87 10.08
C THR G 112 35.53 2.15 9.39
N TYR G 113 36.42 2.11 8.41
CA TYR G 113 37.11 3.37 8.07
C TYR G 113 36.58 4.25 6.90
N PHE G 114 35.33 4.70 7.00
CA PHE G 114 34.78 5.65 6.04
C PHE G 114 35.21 7.07 6.35
N PRO G 115 35.68 7.81 5.33
CA PRO G 115 36.03 9.20 5.51
C PRO G 115 34.94 10.00 6.21
N ILE G 116 35.31 11.01 6.99
CA ILE G 116 34.28 11.90 7.50
C ILE G 116 33.59 12.67 6.38
N ASN G 117 34.34 13.08 5.36
CA ASN G 117 33.77 13.90 4.32
C ASN G 117 32.72 13.20 3.51
N PHE G 118 32.55 11.89 3.80
CA PHE G 118 31.58 11.02 3.15
C PHE G 118 30.40 10.72 4.01
N VAL G 119 30.61 10.48 5.29
CA VAL G 119 29.50 10.06 6.13
C VAL G 119 28.97 11.08 7.12
N PHE G 120 29.30 12.35 6.92
CA PHE G 120 28.86 13.41 7.83
C PHE G 120 27.34 13.45 7.87
N PRO G 121 26.76 13.90 9.02
CA PRO G 121 25.29 14.04 9.16
C PRO G 121 24.75 15.36 8.57
N ALA G 122 23.43 15.48 8.51
CA ALA G 122 22.86 16.71 8.02
C ALA G 122 22.82 17.77 9.14
N SER G 123 23.12 19.01 8.76
CA SER G 123 23.01 20.18 9.63
C SER G 123 21.54 20.50 9.87
N LEU G 124 21.19 20.80 11.13
CA LEU G 124 19.76 20.87 11.55
C LEU G 124 19.32 22.13 12.30
N VAL G 125 20.30 22.77 12.94
CA VAL G 125 20.06 23.88 13.88
C VAL G 125 19.21 25.04 13.33
N PRO G 126 19.48 25.51 12.07
CA PRO G 126 18.73 26.66 11.62
C PRO G 126 17.25 26.46 11.85
N GLY G 127 16.68 25.38 11.33
CA GLY G 127 15.24 25.11 11.49
C GLY G 127 14.75 25.18 12.92
N ALA G 128 15.47 24.50 13.80
CA ALA G 128 15.09 24.46 15.20
C ALA G 128 15.01 25.87 15.78
N ILE G 129 16.02 26.70 15.48
CA ILE G 129 16.00 28.09 15.89
C ILE G 129 14.74 28.80 15.38
N ILE G 130 14.41 28.66 14.10
CA ILE G 130 13.20 29.23 13.54
C ILE G 130 12.00 28.74 14.31
N LEU G 131 11.93 27.45 14.57
CA LEU G 131 10.83 26.90 15.36
C LEU G 131 10.77 27.49 16.76
N ASP G 132 11.90 27.52 17.44
CA ASP G 132 11.95 27.97 18.82
C ASP G 132 11.58 29.44 18.97
N THR G 133 12.10 30.28 18.08
CA THR G 133 11.83 31.70 18.14
C THR G 133 10.43 32.03 17.66
N VAL G 134 9.97 31.42 16.57
CA VAL G 134 8.62 31.72 16.08
C VAL G 134 7.55 31.36 17.10
N LEU G 135 7.83 30.38 17.94
CA LEU G 135 6.88 29.97 18.95
C LEU G 135 6.96 30.91 20.14
N MET G 136 8.16 31.45 20.38
CA MET G 136 8.42 32.32 21.53
C MET G 136 7.79 33.72 21.36
N LEU G 137 8.21 34.45 20.32
CA LEU G 137 7.46 35.61 19.82
C LEU G 137 6.12 35.05 19.41
N SER G 138 5.05 35.82 19.59
CA SER G 138 3.69 35.34 19.32
C SER G 138 3.49 33.89 19.80
N GLY G 139 3.28 33.77 21.11
CA GLY G 139 3.17 32.48 21.80
C GLY G 139 1.93 31.68 21.46
N SER G 140 1.69 31.52 20.14
CA SER G 140 0.66 30.62 19.59
C SER G 140 1.26 29.41 18.88
N TYR G 141 0.85 28.25 19.36
CA TYR G 141 1.28 27.01 18.78
C TYR G 141 0.79 26.90 17.36
N LEU G 142 -0.46 27.33 17.14
CA LEU G 142 -1.04 27.22 15.81
C LEU G 142 -0.21 27.99 14.82
N PHE G 143 0.28 29.15 15.25
CA PHE G 143 1.13 30.00 14.42
C PHE G 143 2.44 29.30 14.08
N THR G 144 3.02 28.65 15.09
CA THR G 144 4.25 27.89 14.96
C THR G 144 4.02 26.75 13.96
N ALA G 145 2.93 26.02 14.13
CA ALA G 145 2.63 24.91 13.25
C ALA G 145 2.60 25.33 11.78
N ILE G 146 2.09 26.53 11.51
CA ILE G 146 1.95 27.00 10.13
C ILE G 146 3.22 27.66 9.55
N VAL G 147 3.70 28.74 10.19
CA VAL G 147 4.87 29.47 9.66
C VAL G 147 6.13 28.91 10.23
N GLY G 148 6.07 28.28 11.40
CA GLY G 148 7.26 27.74 12.07
C GLY G 148 7.72 26.45 11.42
N ALA G 149 6.76 25.56 11.16
CA ALA G 149 7.04 24.33 10.44
C ALA G 149 7.41 24.69 9.02
N MET G 150 6.73 25.68 8.46
CA MET G 150 7.07 26.21 7.14
C MET G 150 8.54 26.55 7.08
N GLY G 151 9.02 27.36 8.03
CA GLY G 151 10.42 27.75 8.10
C GLY G 151 11.34 26.54 8.21
N TRP G 152 11.08 25.73 9.23
CA TRP G 152 11.79 24.48 9.49
C TRP G 152 11.99 23.62 8.22
N GLY G 153 10.97 23.53 7.39
CA GLY G 153 11.03 22.77 6.16
C GLY G 153 11.80 23.46 5.05
N LEU G 154 11.52 24.74 4.83
CA LEU G 154 12.18 25.44 3.74
C LEU G 154 13.68 25.52 4.00
N ILE G 155 14.04 26.05 5.17
CA ILE G 155 15.44 26.38 5.50
C ILE G 155 16.39 25.19 5.35
N PHE G 156 15.85 23.99 5.55
CA PHE G 156 16.66 22.77 5.65
C PHE G 156 17.72 22.66 4.51
N TYR G 157 17.29 22.67 3.26
CA TYR G 157 18.23 22.43 2.18
C TYR G 157 19.27 23.55 2.05
N PRO G 158 18.81 24.82 2.01
CA PRO G 158 19.77 25.88 1.92
C PRO G 158 20.71 25.84 3.12
N GLY G 159 20.20 25.30 4.23
CA GLY G 159 20.93 25.26 5.48
C GLY G 159 22.16 24.36 5.44
N ASN G 160 22.10 23.40 4.52
CA ASN G 160 23.13 22.41 4.32
C ASN G 160 23.96 22.71 3.08
N TRP G 161 23.44 23.58 2.21
CA TRP G 161 24.06 23.82 0.92
C TRP G 161 25.54 24.21 0.95
N PRO G 162 25.98 24.99 1.97
CA PRO G 162 27.42 25.36 2.14
C PRO G 162 28.37 24.19 2.38
N ILE G 163 27.87 23.14 3.04
CA ILE G 163 28.58 21.88 3.28
C ILE G 163 28.49 20.99 2.05
N ILE G 164 27.30 20.90 1.47
CA ILE G 164 27.03 20.00 0.34
C ILE G 164 27.71 20.44 -0.98
N ALA G 165 27.68 21.76 -1.22
CA ALA G 165 28.01 22.29 -2.55
C ALA G 165 29.33 21.75 -3.08
N PRO G 166 30.39 21.78 -2.26
CA PRO G 166 31.63 21.34 -2.87
C PRO G 166 31.51 19.92 -3.39
N LEU G 167 30.60 19.13 -2.85
CA LEU G 167 30.57 17.72 -3.19
C LEU G 167 29.86 17.49 -4.52
N HIS G 168 29.36 18.59 -5.07
CA HIS G 168 28.65 18.58 -6.29
C HIS G 168 29.40 19.08 -7.51
N VAL G 169 30.68 19.43 -7.35
CA VAL G 169 31.49 19.77 -8.55
C VAL G 169 31.56 18.58 -9.50
N PRO G 170 31.55 18.85 -10.80
CA PRO G 170 31.46 17.77 -11.75
C PRO G 170 32.82 17.19 -12.12
N VAL G 171 32.85 15.88 -12.37
CA VAL G 171 34.04 15.18 -12.79
C VAL G 171 33.70 14.22 -13.91
N GLU G 172 34.58 14.15 -14.89
CA GLU G 172 34.42 13.14 -15.90
C GLU G 172 35.24 12.00 -15.43
N TYR G 173 34.57 11.03 -14.80
CA TYR G 173 35.24 9.89 -14.19
C TYR G 173 35.18 8.76 -15.17
N ASN G 174 36.31 8.44 -15.77
CA ASN G 174 36.39 7.35 -16.74
C ASN G 174 35.28 7.40 -17.80
N GLY G 175 34.99 8.60 -18.29
CA GLY G 175 34.06 8.75 -19.39
C GLY G 175 32.63 9.06 -19.00
N MET G 176 32.37 9.05 -17.70
CA MET G 176 31.03 9.28 -17.19
C MET G 176 30.98 10.46 -16.28
N LEU G 177 30.01 11.33 -16.53
CA LEU G 177 29.77 12.45 -15.62
C LEU G 177 29.33 11.89 -14.27
N MET G 178 30.06 12.33 -13.25
CA MET G 178 29.83 12.01 -11.86
C MET G 178 30.20 13.21 -11.05
N SER G 179 29.39 13.55 -10.06
CA SER G 179 29.72 14.57 -9.07
C SER G 179 30.68 13.97 -8.11
N ILE G 180 31.34 14.80 -7.30
CA ILE G 180 32.34 14.31 -6.33
C ILE G 180 31.66 13.30 -5.45
N ALA G 181 30.51 13.70 -4.86
CA ALA G 181 29.78 12.84 -3.94
C ALA G 181 29.61 11.47 -4.52
N ASP G 182 29.17 11.41 -5.80
CA ASP G 182 28.93 10.13 -6.50
C ASP G 182 30.16 9.28 -6.45
N ILE G 183 31.29 9.88 -6.85
CA ILE G 183 32.57 9.19 -6.83
C ILE G 183 32.94 8.75 -5.43
N GLN G 184 32.59 9.54 -4.43
CA GLN G 184 32.78 9.11 -3.07
C GLN G 184 32.08 7.81 -2.78
N GLY G 185 30.81 7.74 -3.15
CA GLY G 185 29.96 6.58 -2.89
C GLY G 185 30.39 5.37 -3.69
N TYR G 186 31.07 5.63 -4.79
CA TYR G 186 31.54 4.61 -5.67
C TYR G 186 32.86 4.10 -5.19
N ASN G 187 33.69 4.99 -4.66
CA ASN G 187 35.00 4.60 -4.12
C ASN G 187 34.93 3.88 -2.76
N TYR G 188 34.25 4.47 -1.80
CA TYR G 188 34.25 3.93 -0.46
C TYR G 188 33.18 2.87 -0.28
N VAL G 189 33.59 1.61 -0.37
CA VAL G 189 32.69 0.49 -0.64
C VAL G 189 31.84 0.05 0.55
N ARG G 190 30.55 0.40 0.51
CA ARG G 190 29.57 -0.15 1.46
C ARG G 190 28.97 -1.43 0.86
N THR G 191 27.92 -1.99 1.47
CA THR G 191 27.37 -3.30 1.04
C THR G 191 25.90 -3.31 0.54
N ALA G 213 12.65 20.73 -7.81
CA ALA G 213 13.63 20.32 -6.82
C ALA G 213 13.79 21.25 -5.54
N PRO G 214 13.25 22.51 -5.53
CA PRO G 214 12.84 23.14 -4.26
C PRO G 214 11.30 23.17 -4.16
N VAL G 215 10.63 22.46 -5.07
CA VAL G 215 9.23 22.10 -4.88
C VAL G 215 9.26 21.05 -3.78
N SER G 216 10.35 20.27 -3.76
CA SER G 216 10.64 19.28 -2.72
C SER G 216 10.65 19.94 -1.37
N ALA G 217 11.38 21.04 -1.26
CA ALA G 217 11.39 21.82 -0.02
C ALA G 217 9.98 22.34 0.36
N PHE G 218 9.25 22.86 -0.62
CA PHE G 218 7.89 23.35 -0.38
C PHE G 218 6.97 22.26 0.12
N PHE G 219 7.01 21.12 -0.56
CA PHE G 219 6.30 19.92 -0.12
C PHE G 219 6.63 19.56 1.32
N SER G 220 7.91 19.50 1.64
CA SER G 220 8.33 19.20 3.01
C SER G 220 7.85 20.24 4.03
N ALA G 221 7.71 21.48 3.61
CA ALA G 221 7.23 22.53 4.49
C ALA G 221 5.75 22.31 4.76
N PHE G 222 5.00 22.18 3.67
CA PHE G 222 3.54 21.94 3.70
C PHE G 222 3.15 20.66 4.44
N MET G 223 4.13 19.79 4.68
CA MET G 223 3.92 18.51 5.31
C MET G 223 4.24 18.63 6.77
N SER G 224 5.41 19.20 7.07
CA SER G 224 5.85 19.46 8.44
C SER G 224 4.78 20.14 9.26
N ILE G 225 3.86 20.81 8.55
CA ILE G 225 2.80 21.58 9.19
C ILE G 225 1.88 20.60 9.86
N LEU G 226 1.38 19.64 9.09
CA LEU G 226 0.49 18.61 9.64
C LEU G 226 1.23 17.78 10.68
N ILE G 227 2.51 17.55 10.48
CA ILE G 227 3.22 16.71 11.39
C ILE G 227 3.45 17.46 12.69
N TYR G 228 3.89 18.70 12.59
CA TYR G 228 4.07 19.51 13.80
C TYR G 228 2.80 19.48 14.58
N PHE G 229 1.74 19.75 13.85
CA PHE G 229 0.42 19.78 14.38
C PHE G 229 0.03 18.48 15.09
N MET G 230 0.06 17.36 14.39
CA MET G 230 -0.25 16.07 15.01
C MET G 230 0.61 15.81 16.27
N TRP G 231 1.88 16.16 16.18
CA TRP G 231 2.81 15.90 17.28
C TRP G 231 2.71 16.87 18.46
N HIS G 232 2.11 18.04 18.24
CA HIS G 232 1.84 18.96 19.33
C HIS G 232 0.87 18.25 20.26
N PHE G 233 -0.09 17.53 19.69
CA PHE G 233 -1.07 16.82 20.51
C PHE G 233 -0.51 15.57 21.13
N ILE G 234 0.34 14.88 20.38
CA ILE G 234 1.03 13.71 20.90
C ILE G 234 1.81 14.09 22.16
N GLY G 235 2.51 15.21 22.13
CA GLY G 235 3.22 15.76 23.30
C GLY G 235 2.35 16.25 24.47
N ARG G 236 1.07 16.51 24.22
CA ARG G 236 0.14 16.76 25.33
C ARG G 236 0.04 15.51 26.18
N TRP G 237 0.05 14.36 25.52
CA TRP G 237 -0.07 13.09 26.21
C TRP G 237 1.18 12.64 26.98
N PHE G 238 2.36 12.90 26.42
CA PHE G 238 3.61 12.57 27.14
C PHE G 238 3.91 13.53 28.30
N SER G 239 3.18 14.65 28.31
CA SER G 239 3.22 15.64 29.41
C SER G 239 2.31 15.18 30.56
N ASN G 240 1.36 14.30 30.22
CA ASN G 240 0.38 13.76 31.13
C ASN G 240 0.94 13.36 32.50
N GLU G 241 0.24 13.75 33.57
CA GLU G 241 0.71 13.61 34.95
C GLU G 241 -0.05 12.64 35.88
N ARG G 242 -0.94 11.81 35.32
CA ARG G 242 -1.82 10.90 36.11
C ARG G 242 -1.08 9.92 37.01
N PHE G 243 -1.84 9.27 37.89
CA PHE G 243 -1.40 8.07 38.62
C PHE G 243 -2.41 6.92 38.35
N LEU G 244 -2.13 5.69 38.80
CA LEU G 244 -2.90 4.55 38.25
C LEU G 244 -3.73 3.59 39.16
N GLN G 245 -3.07 2.56 39.72
CA GLN G 245 -3.70 1.45 40.51
C GLN G 245 -3.54 0.05 39.86
N LEU H 45 -44.88 -21.76 35.71
CA LEU H 45 -44.18 -21.02 36.78
C LEU H 45 -42.63 -20.98 36.56
N LEU H 46 -42.11 -19.74 36.41
CA LEU H 46 -40.68 -19.35 36.54
C LEU H 46 -39.84 -19.17 35.26
N ASP H 47 -39.67 -20.26 34.51
CA ASP H 47 -38.92 -20.30 33.24
C ASP H 47 -39.16 -21.69 32.65
N LYS H 48 -39.86 -21.77 31.51
CA LYS H 48 -40.32 -23.09 31.04
C LYS H 48 -39.48 -23.64 29.93
N LYS H 49 -39.71 -24.90 29.58
CA LYS H 49 -39.21 -25.42 28.33
C LYS H 49 -40.12 -24.96 27.15
N TRP H 50 -40.19 -23.64 27.05
CA TRP H 50 -40.51 -22.85 25.85
C TRP H 50 -39.11 -22.62 25.22
N LEU H 51 -38.08 -22.80 26.05
CA LEU H 51 -36.68 -22.78 25.70
C LEU H 51 -36.34 -23.94 24.76
N THR H 52 -36.86 -25.14 25.06
CA THR H 52 -36.63 -26.32 24.22
C THR H 52 -37.04 -26.08 22.77
N PHE H 53 -38.12 -25.31 22.58
CA PHE H 53 -38.47 -24.86 21.25
C PHE H 53 -37.26 -24.13 20.66
N ALA H 54 -36.89 -23.02 21.30
CA ALA H 54 -35.82 -22.16 20.82
C ALA H 54 -34.56 -22.89 20.37
N LEU H 55 -34.17 -23.96 21.05
CA LEU H 55 -32.99 -24.71 20.65
C LEU H 55 -33.23 -25.69 19.51
N ALA H 56 -34.38 -26.36 19.51
CA ALA H 56 -34.67 -27.40 18.53
C ALA H 56 -35.20 -26.83 17.22
N ILE H 57 -35.79 -25.64 17.29
CA ILE H 57 -36.42 -25.01 16.12
C ILE H 57 -35.42 -24.72 15.03
N TYR H 58 -34.25 -24.23 15.41
CA TYR H 58 -33.17 -23.99 14.47
C TYR H 58 -32.55 -25.33 14.09
N THR H 59 -32.20 -26.13 15.10
CA THR H 59 -31.58 -27.43 14.93
C THR H 59 -32.32 -28.29 13.94
N VAL H 60 -33.62 -28.47 14.10
CA VAL H 60 -34.38 -29.25 13.10
C VAL H 60 -34.34 -28.57 11.72
N PHE H 61 -34.77 -27.32 11.66
CA PHE H 61 -34.80 -26.57 10.41
C PHE H 61 -33.46 -26.64 9.62
N TYR H 62 -32.36 -26.30 10.29
CA TYR H 62 -31.04 -26.27 9.66
C TYR H 62 -30.47 -27.64 9.34
N LEU H 63 -30.91 -28.66 10.08
CA LEU H 63 -30.55 -30.06 9.78
C LEU H 63 -31.36 -30.59 8.58
N TRP H 64 -32.58 -30.10 8.42
CA TRP H 64 -33.35 -30.38 7.22
C TRP H 64 -32.64 -29.72 6.06
N VAL H 65 -32.20 -28.48 6.26
CA VAL H 65 -31.44 -27.75 5.25
C VAL H 65 -30.17 -28.52 4.84
N ARG H 66 -29.32 -28.85 5.83
CA ARG H 66 -28.09 -29.61 5.58
C ARG H 66 -28.37 -30.90 4.80
N TRP H 67 -29.47 -31.58 5.13
CA TRP H 67 -29.89 -32.70 4.31
C TRP H 67 -30.19 -32.20 2.91
N TYR H 68 -31.05 -31.18 2.83
CA TYR H 68 -31.60 -30.71 1.56
C TYR H 68 -30.53 -30.34 0.54
N GLU H 69 -29.54 -29.56 0.98
CA GLU H 69 -28.38 -29.27 0.14
C GLU H 69 -27.54 -30.55 -0.05
N GLY H 70 -27.35 -31.29 1.05
CA GLY H 70 -26.64 -32.58 1.03
C GLY H 70 -26.96 -33.46 -0.17
N VAL H 71 -28.25 -33.47 -0.57
CA VAL H 71 -28.70 -34.26 -1.71
C VAL H 71 -28.72 -33.44 -3.05
N TYR H 72 -28.93 -32.13 -2.96
CA TYR H 72 -28.98 -31.26 -4.17
C TYR H 72 -27.76 -30.34 -4.37
N GLY H 73 -26.77 -30.48 -3.49
CA GLY H 73 -25.46 -29.90 -3.70
C GLY H 73 -24.96 -30.47 -5.00
N TRP H 74 -24.74 -31.80 -5.03
CA TRP H 74 -24.60 -32.55 -6.29
C TRP H 74 -26.01 -32.95 -6.73
N SER H 75 -26.31 -32.75 -8.02
CA SER H 75 -27.69 -32.74 -8.58
C SER H 75 -28.30 -31.36 -8.51
N ALA H 76 -28.28 -30.65 -9.64
CA ALA H 76 -28.82 -29.29 -9.75
C ALA H 76 -27.89 -28.14 -9.29
N GLY H 77 -27.30 -28.28 -8.10
CA GLY H 77 -26.48 -27.23 -7.50
C GLY H 77 -25.05 -27.06 -8.03
N LEU H 78 -24.70 -27.83 -9.03
CA LEU H 78 -23.38 -27.75 -9.65
C LEU H 78 -23.40 -26.78 -10.84
N ASP H 79 -24.22 -27.07 -11.85
CA ASP H 79 -24.38 -26.17 -13.01
C ASP H 79 -25.63 -25.29 -12.84
N SER H 80 -25.40 -23.99 -12.68
CA SER H 80 -26.46 -23.05 -12.37
C SER H 80 -27.31 -22.74 -13.60
N PHE H 81 -26.72 -22.92 -14.77
CA PHE H 81 -27.41 -22.66 -16.05
C PHE H 81 -28.36 -23.79 -16.49
N ALA H 82 -28.46 -24.85 -15.69
CA ALA H 82 -29.42 -25.94 -15.92
C ALA H 82 -30.78 -25.56 -15.30
N PRO H 83 -31.91 -25.99 -15.90
CA PRO H 83 -33.24 -25.59 -15.38
C PRO H 83 -33.63 -26.14 -13.98
N GLU H 84 -32.90 -27.15 -13.51
CA GLU H 84 -33.10 -27.79 -12.19
C GLU H 84 -32.53 -26.93 -11.05
N PHE H 85 -31.78 -25.90 -11.43
CA PHE H 85 -31.24 -24.94 -10.50
C PHE H 85 -32.29 -23.87 -10.25
N GLU H 86 -33.01 -23.48 -11.31
CA GLU H 86 -34.02 -22.42 -11.24
C GLU H 86 -35.26 -22.87 -10.48
N THR H 87 -35.35 -24.17 -10.20
CA THR H 87 -36.46 -24.74 -9.45
C THR H 87 -36.06 -25.20 -8.03
N TYR H 88 -35.01 -26.02 -7.92
CA TYR H 88 -34.53 -26.52 -6.63
C TYR H 88 -33.69 -25.51 -5.83
N TRP H 89 -33.16 -24.47 -6.49
CA TRP H 89 -32.26 -23.54 -5.81
C TRP H 89 -32.64 -22.10 -5.94
N MET H 90 -33.05 -21.67 -7.11
CA MET H 90 -33.49 -20.30 -7.27
C MET H 90 -34.83 -20.04 -6.61
N ASN H 91 -35.82 -20.89 -6.88
CA ASN H 91 -37.12 -20.78 -6.23
C ASN H 91 -36.99 -20.78 -4.72
N PHE H 92 -36.09 -21.62 -4.22
CA PHE H 92 -35.73 -21.65 -2.82
C PHE H 92 -35.39 -20.25 -2.30
N LEU H 93 -34.64 -19.48 -3.08
CA LEU H 93 -34.28 -18.11 -2.69
C LEU H 93 -35.53 -17.24 -2.56
N TYR H 94 -36.26 -17.04 -3.66
CA TYR H 94 -37.45 -16.17 -3.66
C TYR H 94 -38.42 -16.50 -2.53
N THR H 95 -38.62 -17.80 -2.29
CA THR H 95 -39.39 -18.29 -1.16
C THR H 95 -38.89 -17.71 0.18
N GLU H 96 -37.60 -17.89 0.46
CA GLU H 96 -37.07 -17.48 1.76
C GLU H 96 -37.10 -15.97 1.99
N ILE H 97 -36.71 -15.17 1.00
CA ILE H 97 -36.73 -13.71 1.13
C ILE H 97 -38.12 -13.23 1.56
N VAL H 98 -39.13 -13.71 0.85
CA VAL H 98 -40.55 -13.38 1.10
C VAL H 98 -40.96 -13.82 2.52
N LEU H 99 -40.64 -15.07 2.86
CA LEU H 99 -40.92 -15.62 4.19
C LEU H 99 -40.26 -14.82 5.30
N GLU H 100 -39.05 -14.34 5.04
CA GLU H 100 -38.30 -13.53 6.00
C GLU H 100 -38.87 -12.13 6.22
N ILE H 101 -39.19 -11.41 5.13
CA ILE H 101 -39.86 -10.11 5.27
C ILE H 101 -41.14 -10.29 6.07
N VAL H 102 -41.93 -11.29 5.69
CA VAL H 102 -43.19 -11.58 6.36
C VAL H 102 -42.97 -11.88 7.85
N THR H 103 -42.29 -12.98 8.17
CA THR H 103 -42.07 -13.32 9.59
C THR H 103 -41.37 -12.22 10.37
N ALA H 104 -40.46 -11.47 9.73
CA ALA H 104 -39.87 -10.33 10.42
C ALA H 104 -40.94 -9.27 10.77
N SER H 105 -41.81 -8.95 9.81
CA SER H 105 -42.92 -8.01 10.03
C SER H 105 -43.89 -8.50 11.08
N ILE H 106 -44.23 -9.79 11.02
CA ILE H 106 -45.13 -10.39 12.00
C ILE H 106 -44.50 -10.45 13.39
N LEU H 107 -43.26 -10.90 13.46
CA LEU H 107 -42.61 -11.13 14.75
C LEU H 107 -42.32 -9.82 15.49
N TRP H 108 -41.75 -8.84 14.78
CA TRP H 108 -41.47 -7.53 15.38
C TRP H 108 -42.78 -6.81 15.60
N GLY H 109 -43.66 -6.83 14.59
CA GLY H 109 -45.00 -6.26 14.66
C GLY H 109 -45.71 -6.71 15.90
N TYR H 110 -45.78 -8.03 16.09
CA TYR H 110 -46.40 -8.66 17.26
C TYR H 110 -45.96 -8.02 18.56
N LEU H 111 -44.66 -8.17 18.85
CA LEU H 111 -44.09 -7.75 20.13
C LEU H 111 -44.18 -6.26 20.40
N TRP H 112 -44.01 -5.43 19.36
CA TRP H 112 -44.09 -3.98 19.54
C TRP H 112 -45.49 -3.54 19.93
N LYS H 113 -46.51 -4.20 19.41
CA LYS H 113 -47.87 -3.88 19.84
C LYS H 113 -48.25 -4.46 21.21
N THR H 114 -47.89 -5.71 21.48
CA THR H 114 -48.07 -6.25 22.82
C THR H 114 -47.03 -5.70 23.82
N ARG H 115 -46.46 -4.56 23.46
CA ARG H 115 -45.56 -3.84 24.35
C ARG H 115 -46.32 -3.53 25.62
N ASP H 116 -45.73 -3.85 26.77
CA ASP H 116 -46.39 -3.62 28.05
C ASP H 116 -46.50 -2.11 28.35
N ARG H 117 -47.71 -1.58 28.21
CA ARG H 117 -47.97 -0.15 28.41
C ARG H 117 -47.83 0.24 29.87
N ASN H 118 -48.55 -0.46 30.74
CA ASN H 118 -48.49 -0.24 32.19
C ASN H 118 -47.34 -1.05 32.80
N LEU H 119 -46.13 -0.60 32.50
CA LEU H 119 -44.91 -1.23 32.97
C LEU H 119 -44.57 -0.70 34.35
N ALA H 120 -44.90 0.57 34.56
CA ALA H 120 -44.57 1.33 35.77
C ALA H 120 -44.76 0.56 37.09
N ALA H 121 -45.80 -0.27 37.16
CA ALA H 121 -46.06 -1.08 38.36
C ALA H 121 -46.46 -2.53 38.03
N LEU H 122 -45.45 -3.38 37.82
CA LEU H 122 -45.66 -4.83 37.75
C LEU H 122 -44.56 -5.56 38.55
N THR H 123 -45.00 -6.57 39.30
CA THR H 123 -44.19 -7.23 40.35
C THR H 123 -42.78 -7.67 39.96
N PRO H 124 -41.85 -7.64 40.94
CA PRO H 124 -40.58 -8.37 40.85
C PRO H 124 -40.75 -9.86 40.53
N ARG H 125 -41.88 -10.44 40.95
CA ARG H 125 -42.23 -11.84 40.66
C ARG H 125 -42.26 -12.11 39.14
N GLU H 126 -42.78 -11.16 38.38
CA GLU H 126 -42.76 -11.28 36.92
C GLU H 126 -41.57 -10.61 36.27
N GLU H 127 -41.03 -9.57 36.91
CA GLU H 127 -39.80 -8.94 36.43
C GLU H 127 -38.66 -9.96 36.42
N LEU H 128 -38.94 -11.16 36.94
CA LEU H 128 -38.03 -12.28 36.82
C LEU H 128 -38.45 -13.21 35.68
N ARG H 129 -39.65 -13.76 35.75
CA ARG H 129 -40.19 -14.61 34.68
C ARG H 129 -39.84 -14.03 33.32
N ARG H 130 -40.07 -12.73 33.19
CA ARG H 130 -39.81 -11.99 31.95
C ARG H 130 -38.32 -11.93 31.65
N ASN H 131 -37.53 -11.58 32.69
CA ASN H 131 -36.07 -11.56 32.58
C ASN H 131 -35.51 -12.88 32.08
N PHE H 132 -36.13 -13.97 32.53
CA PHE H 132 -35.77 -15.30 32.08
C PHE H 132 -36.14 -15.56 30.63
N THR H 133 -37.35 -15.20 30.22
CA THR H 133 -37.76 -15.41 28.83
C THR H 133 -36.88 -14.58 27.92
N HIS H 134 -36.55 -13.37 28.36
CA HIS H 134 -35.59 -12.54 27.65
C HIS H 134 -34.30 -13.32 27.40
N LEU H 135 -33.82 -14.01 28.43
CA LEU H 135 -32.60 -14.78 28.32
C LEU H 135 -32.78 -15.96 27.37
N VAL H 136 -34.01 -16.44 27.19
CA VAL H 136 -34.30 -17.49 26.20
C VAL H 136 -34.13 -16.90 24.78
N TRP H 137 -34.63 -15.68 24.60
CA TRP H 137 -34.39 -14.96 23.36
C TRP H 137 -32.90 -14.85 23.00
N LEU H 138 -32.08 -14.48 23.96
CA LEU H 138 -30.63 -14.41 23.76
C LEU H 138 -30.01 -15.77 23.45
N VAL H 139 -30.53 -16.83 24.02
CA VAL H 139 -30.02 -18.15 23.75
C VAL H 139 -30.38 -18.50 22.31
N ALA H 140 -31.57 -18.05 21.90
CA ALA H 140 -32.00 -18.24 20.50
C ALA H 140 -31.17 -17.43 19.53
N TYR H 141 -30.83 -16.21 19.90
CA TYR H 141 -29.96 -15.38 19.11
C TYR H 141 -28.62 -16.09 18.96
N ALA H 142 -27.94 -16.32 20.08
CA ALA H 142 -26.60 -16.95 20.06
C ALA H 142 -26.57 -18.24 19.24
N TRP H 143 -27.59 -19.07 19.44
CA TRP H 143 -27.73 -20.30 18.68
C TRP H 143 -27.86 -19.96 17.19
N ALA H 144 -28.72 -18.98 16.86
CA ALA H 144 -28.95 -18.57 15.46
C ALA H 144 -27.69 -18.00 14.80
N ILE H 145 -26.89 -17.30 15.61
CA ILE H 145 -25.59 -16.76 15.19
C ILE H 145 -24.63 -17.91 14.95
N TYR H 146 -24.65 -18.89 15.86
CA TYR H 146 -23.73 -20.01 15.67
C TYR H 146 -23.91 -20.56 14.26
N TRP H 147 -25.15 -20.89 13.90
CA TRP H 147 -25.43 -21.45 12.61
C TRP H 147 -24.95 -20.54 11.47
N GLY H 148 -25.25 -19.26 11.57
CA GLY H 148 -24.90 -18.30 10.53
C GLY H 148 -23.41 -18.03 10.41
N ALA H 149 -22.84 -17.49 11.48
CA ALA H 149 -21.48 -17.00 11.47
C ALA H 149 -20.39 -18.10 11.57
N SER H 150 -20.68 -19.24 12.19
CA SER H 150 -19.71 -20.32 12.18
C SER H 150 -20.04 -21.39 11.17
N TYR H 151 -21.20 -22.03 11.33
CA TYR H 151 -21.55 -23.19 10.49
C TYR H 151 -21.54 -22.86 8.98
N PHE H 152 -22.62 -22.21 8.53
CA PHE H 152 -22.81 -22.02 7.11
C PHE H 152 -21.77 -21.12 6.47
N THR H 153 -21.06 -20.38 7.30
CA THR H 153 -19.99 -19.52 6.83
C THR H 153 -18.79 -20.36 6.42
N GLU H 154 -18.23 -21.14 7.34
CA GLU H 154 -17.02 -21.89 6.98
C GLU H 154 -17.39 -23.04 6.04
N GLN H 155 -18.70 -23.30 5.92
CA GLN H 155 -19.17 -24.28 4.95
C GLN H 155 -19.01 -23.76 3.54
N ASP H 156 -19.56 -22.58 3.31
CA ASP H 156 -19.31 -21.81 2.10
C ASP H 156 -17.80 -21.75 1.86
N GLY H 157 -17.01 -21.71 2.94
CA GLY H 157 -15.56 -21.74 2.84
C GLY H 157 -15.08 -22.94 2.06
N THR H 158 -15.60 -24.12 2.41
CA THR H 158 -15.20 -25.38 1.78
C THR H 158 -15.73 -25.45 0.37
N TRP H 159 -16.94 -24.95 0.17
CA TRP H 159 -17.60 -25.04 -1.12
C TRP H 159 -16.82 -24.29 -2.19
N HIS H 160 -16.24 -23.17 -1.80
CA HIS H 160 -15.43 -22.36 -2.71
C HIS H 160 -14.22 -23.14 -3.19
N GLN H 161 -13.63 -23.95 -2.31
CA GLN H 161 -12.41 -24.71 -2.62
C GLN H 161 -12.63 -25.84 -3.56
N THR H 162 -13.89 -26.25 -3.71
CA THR H 162 -14.25 -27.45 -4.46
C THR H 162 -14.92 -27.20 -5.81
N ILE H 163 -15.59 -26.08 -5.96
CA ILE H 163 -16.08 -25.69 -7.29
C ILE H 163 -16.03 -24.20 -7.55
N VAL H 164 -15.62 -23.87 -8.78
CA VAL H 164 -15.54 -22.50 -9.23
C VAL H 164 -16.96 -22.05 -9.49
N ARG H 165 -17.32 -20.94 -8.85
CA ARG H 165 -18.70 -20.40 -8.75
C ARG H 165 -19.26 -19.96 -10.09
N ASP H 166 -20.50 -20.34 -10.35
CA ASP H 166 -21.21 -20.00 -11.59
C ASP H 166 -22.05 -18.73 -11.43
N THR H 167 -22.43 -18.45 -10.18
CA THR H 167 -23.21 -17.26 -9.82
C THR H 167 -22.74 -16.70 -8.48
N ASP H 168 -23.25 -15.53 -8.11
CA ASP H 168 -23.07 -14.99 -6.77
C ASP H 168 -24.14 -15.69 -5.90
N PHE H 169 -24.82 -16.66 -6.51
CA PHE H 169 -25.95 -17.38 -5.93
C PHE H 169 -25.78 -18.90 -5.93
N THR H 170 -24.62 -19.39 -5.51
CA THR H 170 -24.41 -20.82 -5.26
C THR H 170 -25.40 -21.33 -4.20
N PRO H 171 -25.67 -22.66 -4.19
CA PRO H 171 -26.44 -23.20 -3.07
C PRO H 171 -26.01 -22.59 -1.72
N SER H 172 -24.74 -22.77 -1.35
CA SER H 172 -24.20 -22.29 -0.08
C SER H 172 -24.36 -20.78 0.12
N HIS H 173 -24.46 -20.03 -0.98
CA HIS H 173 -24.74 -18.61 -0.87
C HIS H 173 -26.22 -18.39 -0.60
N ILE H 174 -27.10 -19.13 -1.28
CA ILE H 174 -28.53 -19.04 -1.01
C ILE H 174 -28.80 -19.29 0.48
N ILE H 175 -28.02 -20.19 1.07
CA ILE H 175 -28.20 -20.60 2.46
C ILE H 175 -27.40 -19.71 3.42
N GLU H 176 -26.13 -19.47 3.15
CA GLU H 176 -25.29 -18.68 4.05
C GLU H 176 -25.78 -17.24 4.18
N PHE H 177 -25.94 -16.56 3.05
CA PHE H 177 -26.21 -15.13 3.02
C PHE H 177 -27.68 -14.80 3.17
N TYR H 178 -28.52 -15.45 2.41
CA TYR H 178 -29.89 -15.00 2.30
C TYR H 178 -30.88 -15.83 3.09
N LEU H 179 -30.40 -16.85 3.80
CA LEU H 179 -31.27 -17.59 4.71
C LEU H 179 -30.74 -17.48 6.12
N SER H 180 -29.49 -17.90 6.29
CA SER H 180 -28.82 -17.95 7.57
C SER H 180 -28.77 -16.60 8.27
N TYR H 181 -28.30 -15.57 7.57
CA TYR H 181 -28.11 -14.22 8.13
C TYR H 181 -29.40 -13.49 8.47
N PRO H 182 -30.35 -13.42 7.52
CA PRO H 182 -31.63 -12.83 7.86
C PRO H 182 -32.18 -13.45 9.13
N ILE H 183 -32.11 -14.78 9.23
CA ILE H 183 -32.65 -15.47 10.39
C ILE H 183 -32.05 -15.00 11.71
N TYR H 184 -30.73 -14.92 11.80
CA TYR H 184 -30.17 -14.53 13.08
C TYR H 184 -30.30 -13.05 13.37
N ILE H 185 -30.35 -12.25 12.32
CA ILE H 185 -30.74 -10.85 12.45
C ILE H 185 -32.18 -10.71 13.01
N ILE H 186 -33.14 -11.41 12.42
CA ILE H 186 -34.52 -11.38 12.91
C ILE H 186 -34.61 -11.80 14.39
N THR H 187 -33.93 -12.89 14.72
CA THR H 187 -33.80 -13.33 16.09
C THR H 187 -33.22 -12.21 16.93
N GLY H 188 -32.15 -11.61 16.43
CA GLY H 188 -31.51 -10.48 17.09
C GLY H 188 -32.48 -9.39 17.47
N PHE H 189 -33.16 -8.83 16.47
CA PHE H 189 -34.09 -7.76 16.71
C PHE H 189 -35.15 -8.17 17.73
N ALA H 190 -35.78 -9.32 17.52
CA ALA H 190 -36.81 -9.81 18.43
C ALA H 190 -36.37 -9.62 19.87
N ALA H 191 -35.21 -10.20 20.19
CA ALA H 191 -34.67 -10.14 21.53
C ALA H 191 -34.61 -8.71 22.00
N PHE H 192 -33.98 -7.86 21.19
CA PHE H 192 -33.84 -6.45 21.53
C PHE H 192 -35.18 -5.85 21.90
N ILE H 193 -36.15 -6.02 21.00
CA ILE H 193 -37.48 -5.46 21.17
C ILE H 193 -38.16 -6.04 22.41
N TYR H 194 -38.09 -7.35 22.58
CA TYR H 194 -38.65 -8.00 23.78
C TYR H 194 -38.18 -7.30 25.04
N ALA H 195 -36.87 -7.08 25.15
CA ALA H 195 -36.31 -6.43 26.33
C ALA H 195 -36.79 -5.00 26.50
N LYS H 196 -36.80 -4.23 25.41
CA LYS H 196 -37.22 -2.81 25.42
C LYS H 196 -38.70 -2.65 25.82
N THR H 197 -39.51 -3.64 25.44
CA THR H 197 -40.96 -3.56 25.61
C THR H 197 -41.46 -4.32 26.82
N ARG H 198 -40.66 -5.27 27.31
CA ARG H 198 -41.10 -6.15 28.40
C ARG H 198 -40.44 -5.87 29.75
N LEU H 199 -39.23 -5.32 29.77
CA LEU H 199 -38.50 -5.08 31.02
C LEU H 199 -38.13 -3.62 31.28
N PRO H 200 -38.39 -3.09 32.51
CA PRO H 200 -37.86 -1.76 32.83
C PRO H 200 -36.35 -1.90 32.89
N PHE H 201 -35.61 -0.80 33.05
CA PHE H 201 -34.16 -0.86 32.92
C PHE H 201 -33.82 -0.74 31.42
N PHE H 202 -34.31 -1.71 30.63
CA PHE H 202 -34.19 -1.68 29.17
C PHE H 202 -35.13 -0.68 28.47
N ALA H 203 -36.38 -0.58 28.96
CA ALA H 203 -37.31 0.48 28.53
C ALA H 203 -36.82 1.82 29.09
N LYS H 204 -37.17 2.89 28.38
CA LYS H 204 -36.56 4.20 28.59
C LYS H 204 -35.06 4.03 28.49
N GLY H 205 -34.58 4.10 27.26
CA GLY H 205 -33.19 3.84 26.97
C GLY H 205 -32.76 3.65 25.53
N ILE H 206 -32.91 2.42 25.01
CA ILE H 206 -32.09 1.93 23.89
C ILE H 206 -30.64 1.75 24.37
N SER H 207 -30.34 0.54 24.84
CA SER H 207 -29.00 0.20 25.28
C SER H 207 -28.04 0.33 24.12
N LEU H 208 -26.91 0.99 24.38
CA LEU H 208 -25.87 1.10 23.36
C LEU H 208 -25.35 -0.29 22.97
N PRO H 209 -24.71 -1.01 23.93
CA PRO H 209 -24.14 -2.31 23.57
C PRO H 209 -25.16 -3.28 22.95
N TYR H 210 -26.42 -3.14 23.33
CA TYR H 210 -27.42 -4.00 22.75
C TYR H 210 -27.73 -3.66 21.30
N LEU H 211 -27.97 -2.38 21.04
CA LEU H 211 -28.18 -1.85 19.68
C LEU H 211 -27.02 -2.30 18.81
N VAL H 212 -25.80 -1.96 19.26
CA VAL H 212 -24.58 -2.36 18.59
C VAL H 212 -24.59 -3.86 18.35
N LEU H 213 -24.97 -4.66 19.35
CA LEU H 213 -24.98 -6.12 19.15
C LEU H 213 -25.86 -6.56 18.00
N VAL H 214 -27.07 -6.00 18.00
CA VAL H 214 -28.16 -6.40 17.11
C VAL H 214 -28.03 -5.88 15.68
N VAL H 215 -27.57 -4.63 15.51
CA VAL H 215 -27.39 -4.05 14.16
C VAL H 215 -25.98 -4.25 13.61
N GLY H 216 -25.10 -4.78 14.43
CA GLY H 216 -23.71 -4.99 14.09
C GLY H 216 -23.54 -5.76 12.80
N PRO H 217 -24.24 -6.91 12.67
CA PRO H 217 -24.28 -7.73 11.44
C PRO H 217 -24.49 -6.96 10.13
N PHE H 218 -25.29 -5.89 10.17
CA PHE H 218 -25.47 -5.00 9.03
C PHE H 218 -24.21 -4.27 8.58
N MET H 219 -23.14 -4.41 9.36
CA MET H 219 -21.83 -3.91 8.94
C MET H 219 -20.81 -5.07 8.96
N ILE H 220 -21.25 -6.24 8.45
CA ILE H 220 -20.38 -7.40 8.14
C ILE H 220 -20.70 -8.07 6.76
N LEU H 221 -19.79 -7.86 5.79
CA LEU H 221 -19.97 -8.23 4.38
C LEU H 221 -18.58 -8.59 3.74
N PRO H 222 -18.54 -9.65 2.88
CA PRO H 222 -17.28 -10.18 2.27
C PRO H 222 -16.78 -9.81 0.79
N ASN H 223 -16.01 -10.74 0.19
CA ASN H 223 -15.06 -10.50 -0.94
C ASN H 223 -15.25 -11.48 -2.12
N VAL H 224 -14.83 -11.10 -3.34
CA VAL H 224 -14.23 -9.78 -3.74
C VAL H 224 -15.10 -8.99 -4.75
N LEU H 254 -18.80 -4.62 16.10
CA LEU H 254 -18.38 -6.03 16.32
C LEU H 254 -19.03 -6.75 17.55
N ALA H 255 -19.84 -7.77 17.23
CA ALA H 255 -20.62 -8.60 18.20
C ALA H 255 -20.13 -8.83 19.65
N LEU H 256 -18.92 -8.40 20.01
CA LEU H 256 -18.47 -8.50 21.40
C LEU H 256 -19.25 -7.55 22.31
N ALA H 257 -19.94 -6.60 21.68
CA ALA H 257 -21.01 -5.86 22.34
C ALA H 257 -21.89 -6.76 23.23
N VAL H 258 -21.98 -8.05 22.87
CA VAL H 258 -22.73 -9.04 23.68
C VAL H 258 -22.41 -8.93 25.17
N MET H 259 -21.13 -8.72 25.50
CA MET H 259 -20.70 -8.59 26.89
C MET H 259 -21.45 -7.46 27.58
N GLY H 260 -21.17 -6.23 27.15
CA GLY H 260 -21.90 -5.05 27.60
C GLY H 260 -23.36 -5.39 27.81
N THR H 261 -23.97 -6.07 26.84
CA THR H 261 -25.40 -6.31 26.92
C THR H 261 -25.79 -7.42 27.93
N LEU H 262 -24.85 -8.30 28.27
CA LEU H 262 -25.06 -9.24 29.36
C LEU H 262 -24.93 -8.54 30.70
N THR H 263 -23.78 -7.92 30.93
CA THR H 263 -23.56 -7.23 32.18
C THR H 263 -24.82 -6.41 32.48
N GLN H 264 -25.49 -5.96 31.43
CA GLN H 264 -26.78 -5.29 31.57
C GLN H 264 -27.86 -6.26 31.97
N THR H 265 -28.15 -7.26 31.14
CA THR H 265 -29.22 -8.21 31.47
C THR H 265 -28.99 -8.85 32.84
N PHE H 266 -27.74 -8.90 33.31
CA PHE H 266 -27.46 -9.38 34.66
C PHE H 266 -28.06 -8.43 35.70
N TYR H 267 -27.71 -7.14 35.60
CA TYR H 267 -28.28 -6.13 36.50
C TYR H 267 -29.78 -6.15 36.47
N SER H 268 -30.32 -6.36 35.27
CA SER H 268 -31.76 -6.44 35.05
C SER H 268 -32.36 -7.60 35.84
N PHE H 269 -31.62 -8.69 35.94
CA PHE H 269 -32.07 -9.81 36.75
C PHE H 269 -32.12 -9.44 38.23
N ALA H 270 -31.13 -8.66 38.68
CA ALA H 270 -31.01 -8.28 40.09
C ALA H 270 -31.59 -6.90 40.51
N GLN H 271 -32.92 -6.78 40.55
CA GLN H 271 -33.57 -5.56 41.05
C GLN H 271 -34.20 -5.85 42.42
N GLY H 272 -35.17 -6.76 42.43
CA GLY H 272 -35.60 -7.43 43.66
C GLY H 272 -34.71 -8.64 43.92
N GLY H 273 -34.31 -9.32 42.84
CA GLY H 273 -33.48 -10.56 42.88
C GLY H 273 -32.01 -10.43 43.27
N LEU H 274 -31.62 -9.21 43.65
CA LEU H 274 -30.40 -8.94 44.43
C LEU H 274 -30.41 -9.86 45.65
N GLY H 275 -31.56 -9.90 46.36
CA GLY H 275 -31.80 -10.78 47.51
C GLY H 275 -31.83 -12.26 47.17
N GLN H 276 -30.70 -12.94 47.20
CA GLN H 276 -29.57 -12.67 48.08
C GLN H 276 -29.70 -13.85 49.02
N SER H 277 -28.90 -14.91 48.88
CA SER H 277 -27.89 -15.13 47.82
C SER H 277 -26.99 -13.93 47.61
N LEU H 278 -26.66 -13.70 46.35
CA LEU H 278 -26.38 -12.39 45.78
C LEU H 278 -26.12 -11.25 46.82
N CYS H 279 -25.47 -11.66 47.92
CA CYS H 279 -24.92 -10.82 49.01
C CYS H 279 -25.33 -11.24 50.41
N GLU H 280 -26.51 -11.84 50.56
CA GLU H 280 -26.92 -12.45 51.83
C GLU H 280 -26.40 -13.87 51.92
N ALA H 281 -27.00 -14.79 51.16
CA ALA H 281 -26.67 -16.21 51.24
C ALA H 281 -25.33 -16.54 50.59
N VAL H 282 -24.49 -15.52 50.49
CA VAL H 282 -23.07 -15.74 50.28
C VAL H 282 -22.40 -15.71 51.66
N ASP H 283 -22.70 -14.68 52.44
CA ASP H 283 -22.17 -14.55 53.82
C ASP H 283 -22.62 -15.69 54.75
N GLU H 284 -23.24 -16.71 54.17
CA GLU H 284 -23.65 -17.91 54.88
C GLU H 284 -23.34 -19.14 54.03
N GLY H 285 -24.37 -19.95 53.76
CA GLY H 285 -24.25 -21.19 53.00
C GLY H 285 -23.78 -21.00 51.57
N LEU H 286 -24.71 -20.73 50.65
CA LEU H 286 -24.47 -20.68 49.19
C LEU H 286 -24.65 -22.07 48.56
N LEU I 45 25.72 14.40 53.78
CA LEU I 45 24.65 15.42 53.89
C LEU I 45 24.25 15.96 52.50
N LEU I 46 22.97 15.79 52.18
CA LEU I 46 22.23 16.44 51.06
C LEU I 46 22.12 15.70 49.70
N ASP I 47 23.24 15.54 49.01
CA ASP I 47 23.32 14.81 47.74
C ASP I 47 24.80 14.59 47.44
N LYS I 48 25.25 13.34 47.42
CA LYS I 48 26.70 13.06 47.41
C LYS I 48 27.20 12.62 46.06
N LYS I 49 28.52 12.62 45.91
CA LYS I 49 29.12 11.94 44.77
C LYS I 49 29.11 10.40 45.01
N TRP I 50 27.88 9.92 45.13
CA TRP I 50 27.44 8.56 44.90
C TRP I 50 26.99 8.63 43.42
N LEU I 51 26.79 9.87 42.97
CA LEU I 51 26.46 10.23 41.59
C LEU I 51 27.64 9.95 40.66
N THR I 52 28.85 10.29 41.11
CA THR I 52 30.04 10.04 40.31
C THR I 52 30.19 8.58 39.91
N PHE I 53 29.71 7.67 40.76
CA PHE I 53 29.62 6.25 40.44
C PHE I 53 28.70 6.12 39.24
N ALA I 54 27.43 6.50 39.45
CA ALA I 54 26.40 6.41 38.41
C ALA I 54 26.83 6.88 37.01
N LEU I 55 27.70 7.89 36.92
CA LEU I 55 28.23 8.34 35.63
C LEU I 55 29.42 7.52 35.13
N ALA I 56 30.37 7.22 36.02
CA ALA I 56 31.59 6.53 35.62
C ALA I 56 31.39 5.03 35.42
N ILE I 57 30.36 4.46 36.06
CA ILE I 57 30.14 3.00 36.04
C ILE I 57 29.77 2.51 34.66
N TYR I 58 28.99 3.30 33.93
CA TYR I 58 28.69 2.93 32.56
C TYR I 58 29.89 3.25 31.70
N THR I 59 30.39 4.48 31.84
CA THR I 59 31.49 4.98 31.03
C THR I 59 32.68 4.02 31.03
N VAL I 60 33.14 3.57 32.20
CA VAL I 60 34.28 2.65 32.21
C VAL I 60 33.88 1.32 31.56
N PHE I 61 32.76 0.73 32.01
CA PHE I 61 32.30 -0.55 31.49
C PHE I 61 32.18 -0.54 29.98
N TYR I 62 31.45 0.45 29.46
CA TYR I 62 31.20 0.56 28.03
C TYR I 62 32.44 0.96 27.20
N LEU I 63 33.41 1.61 27.83
CA LEU I 63 34.68 1.91 27.17
C LEU I 63 35.59 0.68 27.13
N TRP I 64 35.45 -0.18 28.14
CA TRP I 64 36.12 -1.47 28.13
C TRP I 64 35.53 -2.33 27.02
N VAL I 65 34.20 -2.27 26.89
CA VAL I 65 33.48 -2.96 25.82
C VAL I 65 33.95 -2.49 24.46
N ARG I 66 33.89 -1.17 24.21
CA ARG I 66 34.39 -0.56 22.95
C ARG I 66 35.83 -0.98 22.64
N TRP I 67 36.70 -1.01 23.64
CA TRP I 67 38.00 -1.59 23.44
C TRP I 67 37.83 -3.05 23.01
N TYR I 68 37.09 -3.80 23.83
CA TYR I 68 36.97 -5.26 23.69
C TYR I 68 36.53 -5.70 22.29
N GLU I 69 35.44 -5.10 21.80
CA GLU I 69 35.02 -5.33 20.43
C GLU I 69 36.07 -4.75 19.50
N GLY I 70 36.55 -3.53 19.79
CA GLY I 70 37.59 -2.84 19.00
C GLY I 70 38.73 -3.73 18.50
N VAL I 71 39.16 -4.65 19.36
CA VAL I 71 40.23 -5.62 19.04
C VAL I 71 39.69 -6.96 18.47
N TYR I 72 38.48 -7.37 18.88
CA TYR I 72 37.88 -8.65 18.42
C TYR I 72 36.74 -8.49 17.38
N GLY I 73 36.44 -7.26 17.03
CA GLY I 73 35.62 -6.95 15.86
C GLY I 73 36.29 -7.63 14.70
N TRP I 74 37.48 -7.17 14.32
CA TRP I 74 38.38 -7.95 13.45
C TRP I 74 39.16 -8.87 14.37
N SER I 75 39.28 -10.15 13.97
CA SER I 75 39.70 -11.27 14.84
C SER I 75 38.49 -11.89 15.56
N ALA I 76 38.04 -13.04 15.06
CA ALA I 76 36.91 -13.78 15.65
C ALA I 76 35.52 -13.29 15.24
N GLY I 77 35.28 -11.98 15.36
CA GLY I 77 33.96 -11.39 15.08
C GLY I 77 33.52 -11.21 13.62
N LEU I 78 34.36 -11.66 12.68
CA LEU I 78 34.07 -11.56 11.24
C LEU I 78 33.35 -12.82 10.78
N ASP I 79 33.99 -13.98 10.94
CA ASP I 79 33.41 -15.26 10.56
C ASP I 79 32.86 -15.88 11.83
N SER I 80 31.53 -16.01 11.89
CA SER I 80 30.82 -16.57 13.05
C SER I 80 30.94 -18.10 13.16
N PHE I 81 31.21 -18.75 12.03
CA PHE I 81 31.34 -20.23 11.97
C PHE I 81 32.72 -20.75 12.46
N ALA I 82 33.65 -19.84 12.76
CA ALA I 82 34.96 -20.18 13.35
C ALA I 82 34.86 -20.41 14.87
N PRO I 83 35.68 -21.32 15.45
CA PRO I 83 35.52 -21.63 16.89
C PRO I 83 35.92 -20.50 17.85
N GLU I 84 36.58 -19.46 17.33
CA GLU I 84 37.01 -18.30 18.12
C GLU I 84 35.87 -17.31 18.35
N PHE I 85 34.75 -17.55 17.66
CA PHE I 85 33.54 -16.78 17.82
C PHE I 85 32.71 -17.37 18.97
N GLU I 86 32.70 -18.70 19.04
CA GLU I 86 31.92 -19.40 20.06
C GLU I 86 32.53 -19.19 21.43
N THR I 87 33.77 -18.70 21.48
CA THR I 87 34.46 -18.43 22.76
C THR I 87 34.56 -16.94 23.10
N TYR I 88 35.06 -16.13 22.16
CA TYR I 88 35.16 -14.66 22.36
C TYR I 88 33.85 -13.87 22.20
N TRP I 89 32.85 -14.46 21.53
CA TRP I 89 31.60 -13.74 21.25
C TRP I 89 30.35 -14.47 21.71
N MET I 90 30.28 -15.77 21.47
CA MET I 90 29.12 -16.52 21.89
C MET I 90 29.08 -16.63 23.40
N ASN I 91 30.21 -17.04 24.00
CA ASN I 91 30.31 -17.16 25.45
C ASN I 91 30.00 -15.85 26.14
N PHE I 92 30.47 -14.76 25.53
CA PHE I 92 30.18 -13.42 25.98
C PHE I 92 28.68 -13.17 26.15
N LEU I 93 27.89 -13.70 25.20
CA LEU I 93 26.43 -13.63 25.28
C LEU I 93 25.87 -14.35 26.52
N TYR I 94 26.05 -15.68 26.60
CA TYR I 94 25.50 -16.47 27.70
C TYR I 94 25.87 -15.90 29.05
N THR I 95 27.12 -15.42 29.16
CA THR I 95 27.58 -14.72 30.34
C THR I 95 26.66 -13.55 30.70
N GLU I 96 26.45 -12.63 29.75
CA GLU I 96 25.70 -11.42 30.04
C GLU I 96 24.22 -11.67 30.40
N ILE I 97 23.55 -12.55 29.65
CA ILE I 97 22.14 -12.88 29.92
C ILE I 97 21.98 -13.29 31.38
N VAL I 98 22.84 -14.21 31.82
CA VAL I 98 22.81 -14.78 33.17
C VAL I 98 23.09 -13.68 34.21
N LEU I 99 24.18 -12.95 34.00
CA LEU I 99 24.50 -11.79 34.84
C LEU I 99 23.34 -10.81 34.92
N GLU I 100 22.65 -10.57 33.80
CA GLU I 100 21.55 -9.61 33.76
C GLU I 100 20.31 -10.09 34.53
N ILE I 101 19.95 -11.37 34.41
CA ILE I 101 18.80 -11.89 35.15
C ILE I 101 19.13 -11.82 36.63
N VAL I 102 20.35 -12.20 36.97
CA VAL I 102 20.82 -12.14 38.36
C VAL I 102 20.77 -10.71 38.93
N THR I 103 21.58 -9.80 38.39
CA THR I 103 21.61 -8.42 38.88
C THR I 103 20.26 -7.72 38.81
N ALA I 104 19.43 -8.07 37.84
CA ALA I 104 18.06 -7.55 37.81
C ALA I 104 17.24 -8.05 39.01
N SER I 105 17.38 -9.35 39.33
CA SER I 105 16.69 -9.94 40.48
C SER I 105 17.22 -9.40 41.82
N ILE I 106 18.53 -9.22 41.91
CA ILE I 106 19.16 -8.66 43.09
C ILE I 106 18.78 -7.18 43.29
N LEU I 107 18.94 -6.39 42.24
CA LEU I 107 18.73 -4.95 42.33
C LEU I 107 17.26 -4.59 42.60
N TRP I 108 16.33 -5.18 41.86
CA TRP I 108 14.91 -4.91 42.07
C TRP I 108 14.50 -5.57 43.37
N GLY I 109 14.97 -6.79 43.59
CA GLY I 109 14.70 -7.51 44.82
C GLY I 109 15.08 -6.69 46.04
N TYR I 110 16.34 -6.20 46.02
CA TYR I 110 16.91 -5.35 47.08
C TYR I 110 15.93 -4.24 47.49
N LEU I 111 15.69 -3.32 46.55
CA LEU I 111 14.94 -2.11 46.80
C LEU I 111 13.48 -2.34 47.13
N TRP I 112 12.86 -3.38 46.55
CA TRP I 112 11.47 -3.69 46.88
C TRP I 112 11.32 -4.15 48.34
N LYS I 113 12.33 -4.86 48.84
CA LYS I 113 12.28 -5.25 50.24
C LYS I 113 12.68 -4.14 51.18
N THR I 114 13.72 -3.38 50.87
CA THR I 114 14.06 -2.21 51.68
C THR I 114 13.08 -1.05 51.44
N ARG I 115 11.92 -1.38 50.88
CA ARG I 115 10.85 -0.43 50.71
C ARG I 115 10.52 0.17 52.07
N ASP I 116 10.48 1.51 52.12
CA ASP I 116 10.19 2.21 53.37
C ASP I 116 8.74 2.01 53.80
N ARG I 117 8.55 1.14 54.79
CA ARG I 117 7.22 0.80 55.29
C ARG I 117 6.54 1.98 56.00
N ASN I 118 7.21 2.54 57.00
CA ASN I 118 6.74 3.72 57.72
C ASN I 118 7.10 5.02 57.00
N LEU I 119 6.47 5.21 55.85
CA LEU I 119 6.70 6.36 55.00
C LEU I 119 5.86 7.53 55.50
N ALA I 120 4.67 7.19 56.02
CA ALA I 120 3.66 8.14 56.49
C ALA I 120 4.19 9.36 57.26
N ALA I 121 5.25 9.17 58.06
CA ALA I 121 5.87 10.27 58.79
C ALA I 121 7.40 10.20 58.76
N LEU I 122 7.98 10.71 57.68
CA LEU I 122 9.42 10.96 57.62
C LEU I 122 9.72 12.35 57.03
N THR I 123 10.61 13.07 57.70
CA THR I 123 10.87 14.52 57.49
C THR I 123 11.02 15.00 56.03
N PRO I 124 10.61 16.26 55.76
CA PRO I 124 11.01 17.01 54.57
C PRO I 124 12.54 17.08 54.38
N ARG I 125 13.30 17.03 55.48
CA ARG I 125 14.77 17.00 55.46
C ARG I 125 15.32 15.80 54.67
N GLU I 126 14.65 14.64 54.77
CA GLU I 126 14.99 13.45 53.98
C GLU I 126 14.16 13.28 52.69
N GLU I 127 12.92 13.79 52.70
CA GLU I 127 12.11 13.84 51.48
C GLU I 127 12.83 14.69 50.43
N LEU I 128 13.96 15.29 50.80
CA LEU I 128 14.81 15.93 49.82
C LEU I 128 16.01 15.07 49.46
N ARG I 129 16.84 14.70 50.42
CA ARG I 129 17.96 13.77 50.18
C ARG I 129 17.54 12.64 49.25
N ARG I 130 16.40 12.02 49.57
CA ARG I 130 15.83 10.93 48.80
C ARG I 130 15.46 11.38 47.40
N ASN I 131 14.73 12.49 47.32
CA ASN I 131 14.38 13.09 46.04
C ASN I 131 15.60 13.32 45.16
N PHE I 132 16.71 13.73 45.78
CA PHE I 132 17.95 13.93 45.06
C PHE I 132 18.56 12.61 44.60
N THR I 133 18.56 11.60 45.48
CA THR I 133 19.10 10.30 45.07
C THR I 133 18.23 9.73 43.93
N HIS I 134 16.91 9.93 44.03
CA HIS I 134 16.04 9.55 42.93
C HIS I 134 16.55 10.15 41.62
N LEU I 135 16.96 11.41 41.68
CA LEU I 135 17.42 12.12 40.51
C LEU I 135 18.74 11.62 40.04
N VAL I 136 19.50 10.98 40.92
CA VAL I 136 20.73 10.29 40.50
C VAL I 136 20.38 9.04 39.67
N TRP I 137 19.34 8.31 40.10
CA TRP I 137 18.82 7.18 39.33
C TRP I 137 18.41 7.60 37.92
N LEU I 138 17.70 8.71 37.82
CA LEU I 138 17.28 9.24 36.52
C LEU I 138 18.49 9.60 35.67
N VAL I 139 19.51 10.17 36.28
CA VAL I 139 20.71 10.50 35.54
C VAL I 139 21.36 9.21 35.05
N ALA I 140 21.32 8.17 35.87
CA ALA I 140 21.87 6.87 35.50
C ALA I 140 21.06 6.24 34.36
N TYR I 141 19.74 6.33 34.43
CA TYR I 141 18.87 5.87 33.36
C TYR I 141 19.21 6.54 32.03
N ALA I 142 19.08 7.86 31.97
CA ALA I 142 19.36 8.62 30.77
C ALA I 142 20.73 8.32 30.21
N TRP I 143 21.74 8.25 31.08
CA TRP I 143 23.07 7.89 30.65
C TRP I 143 23.08 6.49 30.04
N ALA I 144 22.48 5.53 30.72
CA ALA I 144 22.35 4.18 30.16
C ALA I 144 21.60 4.13 28.83
N ILE I 145 20.56 4.96 28.69
CA ILE I 145 19.78 5.03 27.44
C ILE I 145 20.63 5.63 26.36
N TYR I 146 21.44 6.63 26.72
CA TYR I 146 22.29 7.24 25.71
C TYR I 146 23.14 6.14 25.08
N TRP I 147 23.76 5.31 25.92
CA TRP I 147 24.61 4.26 25.41
C TRP I 147 23.85 3.27 24.54
N GLY I 148 22.67 2.88 25.00
CA GLY I 148 21.85 1.94 24.25
C GLY I 148 21.28 2.47 22.96
N ALA I 149 20.46 3.49 23.10
CA ALA I 149 19.63 3.99 22.00
C ALA I 149 20.32 4.93 21.00
N SER I 150 21.46 5.48 21.38
CA SER I 150 22.23 6.28 20.45
C SER I 150 23.53 5.60 20.09
N TYR I 151 24.37 5.33 21.08
CA TYR I 151 25.72 4.83 20.78
C TYR I 151 25.71 3.49 20.06
N PHE I 152 25.45 2.42 20.79
CA PHE I 152 25.55 1.10 20.24
C PHE I 152 24.57 0.81 19.10
N THR I 153 23.50 1.59 19.08
CA THR I 153 22.49 1.50 18.04
C THR I 153 23.07 1.97 16.73
N GLU I 154 23.50 3.24 16.64
CA GLU I 154 24.00 3.72 15.35
C GLU I 154 25.34 3.08 15.00
N GLN I 155 25.93 2.39 15.98
CA GLN I 155 27.16 1.60 15.76
C GLN I 155 26.84 0.38 14.95
N ASP I 156 25.88 -0.38 15.45
CA ASP I 156 25.30 -1.48 14.71
C ASP I 156 24.91 -0.99 13.32
N GLY I 157 24.54 0.28 13.25
CA GLY I 157 24.25 0.93 11.99
C GLY I 157 25.40 0.82 10.99
N THR I 158 26.61 1.17 11.45
CA THR I 158 27.84 1.18 10.63
C THR I 158 28.29 -0.22 10.30
N TRP I 159 28.11 -1.10 11.28
CA TRP I 159 28.55 -2.47 11.16
C TRP I 159 27.82 -3.15 10.02
N HIS I 160 26.55 -2.87 9.89
CA HIS I 160 25.74 -3.45 8.86
C HIS I 160 26.27 -3.07 7.49
N GLN I 161 26.76 -1.84 7.34
CA GLN I 161 27.22 -1.32 6.04
C GLN I 161 28.53 -1.92 5.57
N THR I 162 29.27 -2.49 6.52
CA THR I 162 30.64 -2.94 6.29
C THR I 162 30.81 -4.45 6.17
N ILE I 163 29.91 -5.23 6.78
CA ILE I 163 29.90 -6.69 6.57
C ILE I 163 28.50 -7.25 6.51
N VAL I 164 28.32 -8.21 5.61
CA VAL I 164 27.07 -8.94 5.50
C VAL I 164 27.03 -9.95 6.61
N ARG I 165 25.94 -9.90 7.38
CA ARG I 165 25.84 -10.59 8.68
C ARG I 165 25.77 -12.10 8.50
N ASP I 166 26.46 -12.84 9.37
CA ASP I 166 26.50 -14.30 9.35
C ASP I 166 25.45 -14.91 10.29
N THR I 167 25.05 -14.14 11.29
CA THR I 167 24.09 -14.56 12.30
C THR I 167 23.22 -13.36 12.67
N ASP I 168 22.15 -13.62 13.40
CA ASP I 168 21.35 -12.56 14.01
C ASP I 168 22.11 -12.11 15.29
N PHE I 169 23.33 -12.67 15.45
CA PHE I 169 24.20 -12.52 16.62
C PHE I 169 25.63 -12.05 16.29
N THR I 170 25.74 -11.05 15.42
CA THR I 170 27.00 -10.34 15.21
C THR I 170 27.51 -9.80 16.56
N PRO I 171 28.82 -9.47 16.66
CA PRO I 171 29.33 -8.76 17.83
C PRO I 171 28.40 -7.61 18.23
N SER I 172 28.21 -6.67 17.30
CA SER I 172 27.43 -5.47 17.54
C SER I 172 26.02 -5.79 18.04
N HIS I 173 25.47 -6.94 17.64
CA HIS I 173 24.18 -7.37 18.17
C HIS I 173 24.30 -7.87 19.59
N ILE I 174 25.32 -8.67 19.87
CA ILE I 174 25.55 -9.18 21.22
C ILE I 174 25.57 -8.01 22.21
N ILE I 175 26.15 -6.90 21.77
CA ILE I 175 26.34 -5.70 22.60
C ILE I 175 25.17 -4.69 22.56
N GLU I 176 24.66 -4.38 21.37
CA GLU I 176 23.51 -3.48 21.22
C GLU I 176 22.25 -4.06 21.85
N PHE I 177 21.86 -5.25 21.42
CA PHE I 177 20.58 -5.82 21.80
C PHE I 177 20.58 -6.46 23.17
N TYR I 178 21.52 -7.35 23.40
CA TYR I 178 21.41 -8.22 24.53
C TYR I 178 22.28 -7.80 25.70
N LEU I 179 23.01 -6.70 25.54
CA LEU I 179 23.80 -6.15 26.64
C LEU I 179 23.35 -4.75 26.98
N SER I 180 23.43 -3.89 25.99
CA SER I 180 23.08 -2.48 26.10
C SER I 180 21.65 -2.26 26.58
N TYR I 181 20.68 -2.89 25.91
CA TYR I 181 19.28 -2.70 26.22
C TYR I 181 18.89 -3.24 27.59
N PRO I 182 19.20 -4.53 27.86
CA PRO I 182 18.86 -5.02 29.20
C PRO I 182 19.39 -4.06 30.24
N ILE I 183 20.61 -3.57 30.08
CA ILE I 183 21.19 -2.68 31.05
C ILE I 183 20.37 -1.41 31.26
N TYR I 184 19.96 -0.72 30.20
CA TYR I 184 19.21 0.49 30.46
C TYR I 184 17.80 0.21 30.98
N ILE I 185 17.21 -0.90 30.55
CA ILE I 185 15.94 -1.35 31.10
C ILE I 185 16.03 -1.61 32.62
N ILE I 186 17.08 -2.31 33.05
CA ILE I 186 17.32 -2.56 34.48
C ILE I 186 17.52 -1.27 35.27
N THR I 187 18.31 -0.35 34.74
CA THR I 187 18.44 0.99 35.30
C THR I 187 17.06 1.61 35.39
N GLY I 188 16.33 1.53 34.29
CA GLY I 188 14.94 1.99 34.20
C GLY I 188 14.12 1.57 35.40
N PHE I 189 13.84 0.27 35.47
CA PHE I 189 13.05 -0.26 36.56
C PHE I 189 13.52 0.19 37.93
N ALA I 190 14.83 0.08 38.18
CA ALA I 190 15.43 0.50 39.45
C ALA I 190 14.88 1.85 39.90
N ALA I 191 15.02 2.84 39.01
CA ALA I 191 14.61 4.19 39.29
C ALA I 191 13.14 4.22 39.62
N PHE I 192 12.34 3.56 38.80
CA PHE I 192 10.91 3.55 39.01
C PHE I 192 10.58 3.03 40.39
N ILE I 193 11.13 1.86 40.71
CA ILE I 193 10.94 1.21 42.01
C ILE I 193 11.43 2.09 43.18
N TYR I 194 12.63 2.65 43.06
CA TYR I 194 13.17 3.56 44.07
C TYR I 194 12.22 4.68 44.43
N ALA I 195 11.57 5.25 43.44
CA ALA I 195 10.63 6.34 43.68
C ALA I 195 9.33 5.88 44.34
N LYS I 196 8.79 4.75 43.87
CA LYS I 196 7.54 4.20 44.38
C LYS I 196 7.70 3.77 45.83
N THR I 197 8.89 3.32 46.18
CA THR I 197 9.17 2.77 47.51
C THR I 197 9.83 3.75 48.45
N ARG I 198 10.45 4.80 47.92
CA ARG I 198 11.20 5.72 48.78
C ARG I 198 10.55 7.10 48.99
N LEU I 199 9.72 7.54 48.06
CA LEU I 199 9.11 8.89 48.10
C LEU I 199 7.57 8.84 48.14
N PRO I 200 6.94 9.63 49.04
CA PRO I 200 5.49 9.79 48.88
C PRO I 200 5.27 10.58 47.59
N PHE I 201 4.01 10.74 47.19
CA PHE I 201 3.71 11.34 45.88
C PHE I 201 3.77 10.22 44.86
N PHE I 202 4.94 9.59 44.75
CA PHE I 202 5.14 8.40 43.91
C PHE I 202 4.56 7.09 44.47
N ALA I 203 4.66 6.92 45.79
CA ALA I 203 3.96 5.85 46.50
C ALA I 203 2.47 6.17 46.51
N LYS I 204 1.65 5.12 46.53
CA LYS I 204 0.19 5.23 46.30
C LYS I 204 -0.02 5.90 44.95
N GLY I 205 0.08 5.09 43.91
CA GLY I 205 -0.02 5.57 42.55
C GLY I 205 0.30 4.58 41.44
N ILE I 206 1.60 4.45 41.15
CA ILE I 206 2.10 4.02 39.81
C ILE I 206 1.86 5.16 38.81
N SER I 207 2.84 6.04 38.67
CA SER I 207 2.73 7.15 37.74
C SER I 207 2.57 6.63 36.33
N LEU I 208 1.59 7.17 35.60
CA LEU I 208 1.42 6.77 34.22
C LEU I 208 2.67 7.09 33.41
N PRO I 209 3.02 8.38 33.28
CA PRO I 209 4.15 8.70 32.43
C PRO I 209 5.39 7.95 32.83
N TYR I 210 5.53 7.60 34.12
CA TYR I 210 6.72 6.88 34.56
C TYR I 210 6.71 5.43 34.12
N LEU I 211 5.56 4.79 34.30
CA LEU I 211 5.36 3.41 33.85
C LEU I 211 5.68 3.37 32.38
N VAL I 212 5.05 4.26 31.63
CA VAL I 212 5.24 4.38 30.19
C VAL I 212 6.71 4.59 29.84
N LEU I 213 7.40 5.48 30.57
CA LEU I 213 8.83 5.72 30.33
C LEU I 213 9.65 4.45 30.45
N VAL I 214 9.36 3.68 31.50
CA VAL I 214 10.17 2.54 31.88
C VAL I 214 9.87 1.27 31.12
N VAL I 215 8.60 1.02 30.81
CA VAL I 215 8.27 -0.16 29.99
C VAL I 215 8.22 0.16 28.50
N GLY I 216 8.32 1.44 28.17
CA GLY I 216 8.35 1.91 26.78
C GLY I 216 9.21 1.03 25.89
N PRO I 217 10.51 0.89 26.23
CA PRO I 217 11.50 0.05 25.54
C PRO I 217 11.03 -1.37 25.13
N PHE I 218 10.19 -1.99 25.94
CA PHE I 218 9.60 -3.30 25.61
C PHE I 218 8.67 -3.27 24.41
N MET I 219 8.40 -2.08 23.88
CA MET I 219 7.71 -1.94 22.59
C MET I 219 8.56 -1.14 21.57
N ILE I 220 9.88 -1.42 21.55
CA ILE I 220 10.85 -0.95 20.53
C ILE I 220 11.81 -2.06 20.02
N LEU I 221 11.58 -2.48 18.76
CA LEU I 221 12.20 -3.65 18.10
C LEU I 221 12.31 -3.44 16.56
N PRO I 222 13.48 -3.83 15.94
CA PRO I 222 13.82 -3.60 14.49
C PRO I 222 13.64 -4.70 13.36
N ASN I 223 14.41 -4.54 12.27
CA ASN I 223 14.12 -5.11 10.93
C ASN I 223 15.29 -5.92 10.31
N VAL I 224 15.02 -6.83 9.35
CA VAL I 224 13.68 -7.21 8.84
C VAL I 224 13.33 -8.70 9.13
N LEU I 254 6.28 5.71 23.79
CA LEU I 254 7.51 6.41 23.34
C LEU I 254 8.14 7.32 24.44
N ALA I 255 9.40 6.99 24.78
CA ALA I 255 10.20 7.59 25.86
C ALA I 255 10.04 9.12 26.21
N LEU I 256 9.29 9.88 25.42
CA LEU I 256 9.03 11.29 25.77
C LEU I 256 8.13 11.39 26.99
N ALA I 257 7.62 10.25 27.43
CA ALA I 257 6.99 10.14 28.72
C ALA I 257 7.89 10.74 29.80
N VAL I 258 9.20 10.78 29.54
CA VAL I 258 10.20 11.33 30.44
C VAL I 258 9.84 12.72 30.97
N MET I 259 9.24 13.54 30.12
CA MET I 259 8.74 14.86 30.51
C MET I 259 7.69 14.78 31.61
N GLY I 260 6.52 14.29 31.26
CA GLY I 260 5.51 13.92 32.25
C GLY I 260 6.11 13.48 33.57
N THR I 261 7.11 12.61 33.53
CA THR I 261 7.70 12.11 34.76
C THR I 261 8.64 13.13 35.39
N LEU I 262 9.21 14.03 34.59
CA LEU I 262 9.96 15.12 35.18
C LEU I 262 9.00 16.02 35.95
N THR I 263 8.03 16.61 35.25
CA THR I 263 7.05 17.46 35.89
C THR I 263 6.57 16.87 37.22
N GLN I 264 6.56 15.54 37.33
CA GLN I 264 6.24 14.89 38.61
C GLN I 264 7.38 14.99 39.63
N THR I 265 8.55 14.48 39.27
CA THR I 265 9.72 14.64 40.11
C THR I 265 9.85 16.08 40.62
N PHE I 266 9.61 17.06 39.76
CA PHE I 266 9.72 18.45 40.19
C PHE I 266 8.72 18.80 41.32
N TYR I 267 7.46 18.45 41.08
CA TYR I 267 6.44 18.65 42.11
C TYR I 267 6.85 17.91 43.36
N SER I 268 7.49 16.75 43.19
CA SER I 268 8.01 15.97 44.31
C SER I 268 9.21 16.60 45.03
N PHE I 269 9.96 17.49 44.37
CA PHE I 269 11.06 18.15 45.05
C PHE I 269 10.54 19.27 45.93
N ALA I 270 9.41 19.85 45.55
CA ALA I 270 8.92 21.04 46.24
C ALA I 270 7.61 20.86 47.04
N GLN I 271 7.68 20.14 48.15
CA GLN I 271 6.53 20.06 49.06
C GLN I 271 6.69 21.06 50.21
N GLY I 272 7.62 20.76 51.13
CA GLY I 272 8.21 21.76 52.02
C GLY I 272 9.31 22.47 51.25
N GLY I 273 9.87 21.78 50.25
CA GLY I 273 10.92 22.31 49.38
C GLY I 273 10.56 23.51 48.49
N LEU I 274 9.20 23.70 48.37
CA LEU I 274 8.58 24.91 47.83
C LEU I 274 9.33 26.12 48.41
N GLY I 275 9.33 26.21 49.76
CA GLY I 275 9.89 27.33 50.52
C GLY I 275 11.26 27.81 50.05
N GLN I 276 11.32 28.86 49.21
CA GLN I 276 10.30 29.91 48.98
C GLN I 276 10.88 31.27 49.46
N SER I 277 11.84 31.88 48.77
CA SER I 277 12.52 31.38 47.56
C SER I 277 11.58 31.24 46.38
N LEU I 278 11.37 29.98 46.04
CA LEU I 278 10.49 29.52 44.99
C LEU I 278 9.04 29.97 45.33
N CYS I 279 8.88 31.30 45.30
CA CYS I 279 7.63 32.07 45.52
C CYS I 279 7.76 33.25 46.50
N GLU I 280 8.91 33.38 47.17
CA GLU I 280 9.14 34.50 48.09
C GLU I 280 10.53 35.15 47.96
N ALA I 281 11.52 34.35 47.55
CA ALA I 281 12.87 34.87 47.26
C ALA I 281 13.21 34.84 45.77
N VAL I 282 12.16 34.91 44.95
CA VAL I 282 12.27 35.49 43.61
C VAL I 282 11.91 36.98 43.80
N ASP I 283 11.44 37.28 45.00
CA ASP I 283 11.03 38.62 45.43
C ASP I 283 12.00 39.18 46.50
N GLU I 284 12.98 38.35 46.88
CA GLU I 284 14.09 38.72 47.78
C GLU I 284 15.43 38.34 47.11
N GLY I 285 15.63 37.05 46.83
CA GLY I 285 16.89 36.50 46.30
C GLY I 285 17.02 36.60 44.79
N LEU I 286 17.12 35.45 44.12
CA LEU I 286 17.41 35.34 42.67
C LEU I 286 18.43 36.34 42.11
#